data_3EGN
# 
_entry.id   3EGN 
# 
_audit_conform.dict_name       mmcif_pdbx.dic 
_audit_conform.dict_version    5.380 
_audit_conform.dict_location   http://mmcif.pdb.org/dictionaries/ascii/mmcif_pdbx.dic 
# 
loop_
_database_2.database_id 
_database_2.database_code 
_database_2.pdbx_database_accession 
_database_2.pdbx_DOI 
PDB   3EGN         pdb_00003egn 10.2210/pdb3egn/pdb 
RCSB  RCSB049298   ?            ?                   
WWPDB D_1000049298 ?            ?                   
# 
_pdbx_database_status.status_code                     REL 
_pdbx_database_status.entry_id                        3EGN 
_pdbx_database_status.recvd_initial_deposition_date   2008-09-11 
_pdbx_database_status.deposit_site                    RCSB 
_pdbx_database_status.process_site                    PDBJ 
_pdbx_database_status.status_code_sf                  REL 
_pdbx_database_status.status_code_mr                  ? 
_pdbx_database_status.SG_entry                        ? 
_pdbx_database_status.pdb_format_compatible           Y 
_pdbx_database_status.status_code_cs                  ? 
_pdbx_database_status.status_code_nmr_data            ? 
_pdbx_database_status.methods_development_category    ? 
# 
loop_
_audit_author.name 
_audit_author.pdbx_ordinal 
'Netter, C.' 1 
'Wahl, M.C.' 2 
# 
_citation.id                        primary 
_citation.title                     'Functional stabilization of an RNA recognition motif by a noncanonical N-terminal expansion' 
_citation.journal_abbrev            Rna 
_citation.journal_volume            15 
_citation.page_first                1305 
_citation.page_last                 1313 
_citation.year                      2009 
_citation.journal_id_ASTM           RNARFU 
_citation.country                   UK 
_citation.journal_id_ISSN           1355-8382 
_citation.journal_id_CSD            2122 
_citation.book_publisher            ? 
_citation.pdbx_database_id_PubMed   19447915 
_citation.pdbx_database_id_DOI      10.1261/rna.1359909 
# 
loop_
_citation_author.citation_id 
_citation_author.name 
_citation_author.ordinal 
_citation_author.identifier_ORCID 
primary 'Netter, C.'  1 ? 
primary 'Weber, G.'   2 ? 
primary 'Benecke, H.' 3 ? 
primary 'Wahl, M.C.'  4 ? 
# 
_cell.entry_id           3EGN 
_cell.length_a           90.973 
_cell.length_b           33.499 
_cell.length_c           49.312 
_cell.angle_alpha        90.00 
_cell.angle_beta         96.64 
_cell.angle_gamma        90.00 
_cell.Z_PDB              4 
_cell.pdbx_unique_axis   ? 
_cell.length_a_esd       ? 
_cell.length_b_esd       ? 
_cell.length_c_esd       ? 
_cell.angle_alpha_esd    ? 
_cell.angle_beta_esd     ? 
_cell.angle_gamma_esd    ? 
# 
_symmetry.entry_id                         3EGN 
_symmetry.space_group_name_H-M             'C 1 2 1' 
_symmetry.pdbx_full_space_group_name_H-M   ? 
_symmetry.cell_setting                     ? 
_symmetry.Int_Tables_number                5 
_symmetry.space_group_name_Hall            ? 
# 
loop_
_entity.id 
_entity.type 
_entity.src_method 
_entity.pdbx_description 
_entity.formula_weight 
_entity.pdbx_number_of_molecules 
_entity.pdbx_ec 
_entity.pdbx_mutation 
_entity.pdbx_fragment 
_entity.details 
1 polymer man 'RNA-binding protein 40' 16425.980 1  ? ? '65K c-terminal RRM, UNP residues 380-517' ? 
2 water   nat water                    18.015    84 ? ? ?                                          ? 
# 
_entity_name_com.entity_id   1 
_entity_name_com.name        
;RNA-binding motif protein 40, RNA-binding region-containing protein 3, U11/U12 small nuclear ribonucleoprotein 65 KDa protein, U11/U12 snRNP 65 KDa protein, U11/U12-65K
;
# 
_entity_poly.entity_id                      1 
_entity_poly.type                           'polypeptide(L)' 
_entity_poly.nstd_linkage                   no 
_entity_poly.nstd_monomer                   no 
_entity_poly.pdbx_seq_one_letter_code       
;GPLGSDSDEMPSECISRRELEKGRISREEMETLSVFRSYEPGEPNCRIYVKNLAKHVQEKDLKYIFGRYVDFSSETQRIM
FDIRLMKEGRMKGQAFIGLPNEKAAAKALKEANGYVLFGKPMVVQFARSARPKQDPKEGKRKC
;
_entity_poly.pdbx_seq_one_letter_code_can   
;GPLGSDSDEMPSECISRRELEKGRISREEMETLSVFRSYEPGEPNCRIYVKNLAKHVQEKDLKYIFGRYVDFSSETQRIM
FDIRLMKEGRMKGQAFIGLPNEKAAAKALKEANGYVLFGKPMVVQFARSARPKQDPKEGKRKC
;
_entity_poly.pdbx_strand_id                 A 
_entity_poly.pdbx_target_identifier         ? 
# 
loop_
_entity_poly_seq.entity_id 
_entity_poly_seq.num 
_entity_poly_seq.mon_id 
_entity_poly_seq.hetero 
1 1   GLY n 
1 2   PRO n 
1 3   LEU n 
1 4   GLY n 
1 5   SER n 
1 6   ASP n 
1 7   SER n 
1 8   ASP n 
1 9   GLU n 
1 10  MET n 
1 11  PRO n 
1 12  SER n 
1 13  GLU n 
1 14  CYS n 
1 15  ILE n 
1 16  SER n 
1 17  ARG n 
1 18  ARG n 
1 19  GLU n 
1 20  LEU n 
1 21  GLU n 
1 22  LYS n 
1 23  GLY n 
1 24  ARG n 
1 25  ILE n 
1 26  SER n 
1 27  ARG n 
1 28  GLU n 
1 29  GLU n 
1 30  MET n 
1 31  GLU n 
1 32  THR n 
1 33  LEU n 
1 34  SER n 
1 35  VAL n 
1 36  PHE n 
1 37  ARG n 
1 38  SER n 
1 39  TYR n 
1 40  GLU n 
1 41  PRO n 
1 42  GLY n 
1 43  GLU n 
1 44  PRO n 
1 45  ASN n 
1 46  CYS n 
1 47  ARG n 
1 48  ILE n 
1 49  TYR n 
1 50  VAL n 
1 51  LYS n 
1 52  ASN n 
1 53  LEU n 
1 54  ALA n 
1 55  LYS n 
1 56  HIS n 
1 57  VAL n 
1 58  GLN n 
1 59  GLU n 
1 60  LYS n 
1 61  ASP n 
1 62  LEU n 
1 63  LYS n 
1 64  TYR n 
1 65  ILE n 
1 66  PHE n 
1 67  GLY n 
1 68  ARG n 
1 69  TYR n 
1 70  VAL n 
1 71  ASP n 
1 72  PHE n 
1 73  SER n 
1 74  SER n 
1 75  GLU n 
1 76  THR n 
1 77  GLN n 
1 78  ARG n 
1 79  ILE n 
1 80  MET n 
1 81  PHE n 
1 82  ASP n 
1 83  ILE n 
1 84  ARG n 
1 85  LEU n 
1 86  MET n 
1 87  LYS n 
1 88  GLU n 
1 89  GLY n 
1 90  ARG n 
1 91  MET n 
1 92  LYS n 
1 93  GLY n 
1 94  GLN n 
1 95  ALA n 
1 96  PHE n 
1 97  ILE n 
1 98  GLY n 
1 99  LEU n 
1 100 PRO n 
1 101 ASN n 
1 102 GLU n 
1 103 LYS n 
1 104 ALA n 
1 105 ALA n 
1 106 ALA n 
1 107 LYS n 
1 108 ALA n 
1 109 LEU n 
1 110 LYS n 
1 111 GLU n 
1 112 ALA n 
1 113 ASN n 
1 114 GLY n 
1 115 TYR n 
1 116 VAL n 
1 117 LEU n 
1 118 PHE n 
1 119 GLY n 
1 120 LYS n 
1 121 PRO n 
1 122 MET n 
1 123 VAL n 
1 124 VAL n 
1 125 GLN n 
1 126 PHE n 
1 127 ALA n 
1 128 ARG n 
1 129 SER n 
1 130 ALA n 
1 131 ARG n 
1 132 PRO n 
1 133 LYS n 
1 134 GLN n 
1 135 ASP n 
1 136 PRO n 
1 137 LYS n 
1 138 GLU n 
1 139 GLY n 
1 140 LYS n 
1 141 ARG n 
1 142 LYS n 
1 143 CYS n 
# 
_entity_src_gen.entity_id                          1 
_entity_src_gen.pdbx_src_id                        1 
_entity_src_gen.pdbx_alt_source_flag               sample 
_entity_src_gen.pdbx_seq_type                      ? 
_entity_src_gen.pdbx_beg_seq_num                   ? 
_entity_src_gen.pdbx_end_seq_num                   ? 
_entity_src_gen.gene_src_common_name               Human 
_entity_src_gen.gene_src_genus                     ? 
_entity_src_gen.pdbx_gene_src_gene                 'U11/U12 snRNP 65K' 
_entity_src_gen.gene_src_species                   ? 
_entity_src_gen.gene_src_strain                    ? 
_entity_src_gen.gene_src_tissue                    ? 
_entity_src_gen.gene_src_tissue_fraction           ? 
_entity_src_gen.gene_src_details                   ? 
_entity_src_gen.pdbx_gene_src_fragment             ? 
_entity_src_gen.pdbx_gene_src_scientific_name      'Homo sapiens' 
_entity_src_gen.pdbx_gene_src_ncbi_taxonomy_id     9606 
_entity_src_gen.pdbx_gene_src_variant              ? 
_entity_src_gen.pdbx_gene_src_cell_line            ? 
_entity_src_gen.pdbx_gene_src_atcc                 ? 
_entity_src_gen.pdbx_gene_src_organ                ? 
_entity_src_gen.pdbx_gene_src_organelle            ? 
_entity_src_gen.pdbx_gene_src_cell                 ? 
_entity_src_gen.pdbx_gene_src_cellular_location    ? 
_entity_src_gen.host_org_common_name               ? 
_entity_src_gen.pdbx_host_org_scientific_name      'Escherichia coli' 
_entity_src_gen.pdbx_host_org_ncbi_taxonomy_id     562 
_entity_src_gen.host_org_genus                     ? 
_entity_src_gen.pdbx_host_org_gene                 ? 
_entity_src_gen.pdbx_host_org_organ                ? 
_entity_src_gen.host_org_species                   ? 
_entity_src_gen.pdbx_host_org_tissue               ? 
_entity_src_gen.pdbx_host_org_tissue_fraction      ? 
_entity_src_gen.pdbx_host_org_strain               'Rosetta 2 (DE3)' 
_entity_src_gen.pdbx_host_org_variant              ? 
_entity_src_gen.pdbx_host_org_cell_line            ? 
_entity_src_gen.pdbx_host_org_atcc                 ? 
_entity_src_gen.pdbx_host_org_culture_collection   ? 
_entity_src_gen.pdbx_host_org_cell                 ? 
_entity_src_gen.pdbx_host_org_organelle            ? 
_entity_src_gen.pdbx_host_org_cellular_location    ? 
_entity_src_gen.pdbx_host_org_vector_type          plasmid 
_entity_src_gen.pdbx_host_org_vector               ? 
_entity_src_gen.host_org_details                   ? 
_entity_src_gen.expression_system_id               ? 
_entity_src_gen.plasmid_name                       pGEX-6p-1 
_entity_src_gen.plasmid_details                    ? 
_entity_src_gen.pdbx_description                   ? 
# 
_struct_ref.id                         1 
_struct_ref.db_name                    UNP 
_struct_ref.db_code                    RBM40_HUMAN 
_struct_ref.pdbx_db_accession          Q96LT9 
_struct_ref.entity_id                  1 
_struct_ref.pdbx_seq_one_letter_code   
;DSDEMPSECISRRELEKGRISREEMETLSVFRSYEPGEPNCRIYVKNLAKHVQEKDLKYIFGRYVDFSSETQRIMFDIRL
MKEGRMKGQAFIGLPNEKAAAKALKEANGYVLFGKPMVVQFARSARPKQDPKEGKRKC
;
_struct_ref.pdbx_align_begin           380 
_struct_ref.pdbx_db_isoform            ? 
# 
_struct_ref_seq.align_id                      1 
_struct_ref_seq.ref_id                        1 
_struct_ref_seq.pdbx_PDB_id_code              3EGN 
_struct_ref_seq.pdbx_strand_id                A 
_struct_ref_seq.seq_align_beg                 6 
_struct_ref_seq.pdbx_seq_align_beg_ins_code   ? 
_struct_ref_seq.seq_align_end                 143 
_struct_ref_seq.pdbx_seq_align_end_ins_code   ? 
_struct_ref_seq.pdbx_db_accession             Q96LT9 
_struct_ref_seq.db_align_beg                  380 
_struct_ref_seq.pdbx_db_align_beg_ins_code    ? 
_struct_ref_seq.db_align_end                  517 
_struct_ref_seq.pdbx_db_align_end_ins_code    ? 
_struct_ref_seq.pdbx_auth_seq_align_beg       380 
_struct_ref_seq.pdbx_auth_seq_align_end       517 
# 
loop_
_struct_ref_seq_dif.align_id 
_struct_ref_seq_dif.pdbx_pdb_id_code 
_struct_ref_seq_dif.mon_id 
_struct_ref_seq_dif.pdbx_pdb_strand_id 
_struct_ref_seq_dif.seq_num 
_struct_ref_seq_dif.pdbx_pdb_ins_code 
_struct_ref_seq_dif.pdbx_seq_db_name 
_struct_ref_seq_dif.pdbx_seq_db_accession_code 
_struct_ref_seq_dif.db_mon_id 
_struct_ref_seq_dif.pdbx_seq_db_seq_num 
_struct_ref_seq_dif.details 
_struct_ref_seq_dif.pdbx_auth_seq_num 
_struct_ref_seq_dif.pdbx_ordinal 
1 3EGN GLY A 1 ? UNP Q96LT9 ? ? 'expression tag' 375 1 
1 3EGN PRO A 2 ? UNP Q96LT9 ? ? 'expression tag' 376 2 
1 3EGN LEU A 3 ? UNP Q96LT9 ? ? 'expression tag' 377 3 
1 3EGN GLY A 4 ? UNP Q96LT9 ? ? 'expression tag' 378 4 
1 3EGN SER A 5 ? UNP Q96LT9 ? ? 'expression tag' 379 5 
# 
loop_
_chem_comp.id 
_chem_comp.type 
_chem_comp.mon_nstd_flag 
_chem_comp.name 
_chem_comp.pdbx_synonyms 
_chem_comp.formula 
_chem_comp.formula_weight 
ALA 'L-peptide linking' y ALANINE         ? 'C3 H7 N O2'     89.093  
ARG 'L-peptide linking' y ARGININE        ? 'C6 H15 N4 O2 1' 175.209 
ASN 'L-peptide linking' y ASPARAGINE      ? 'C4 H8 N2 O3'    132.118 
ASP 'L-peptide linking' y 'ASPARTIC ACID' ? 'C4 H7 N O4'     133.103 
CYS 'L-peptide linking' y CYSTEINE        ? 'C3 H7 N O2 S'   121.158 
GLN 'L-peptide linking' y GLUTAMINE       ? 'C5 H10 N2 O3'   146.144 
GLU 'L-peptide linking' y 'GLUTAMIC ACID' ? 'C5 H9 N O4'     147.129 
GLY 'peptide linking'   y GLYCINE         ? 'C2 H5 N O2'     75.067  
HIS 'L-peptide linking' y HISTIDINE       ? 'C6 H10 N3 O2 1' 156.162 
HOH non-polymer         . WATER           ? 'H2 O'           18.015  
ILE 'L-peptide linking' y ISOLEUCINE      ? 'C6 H13 N O2'    131.173 
LEU 'L-peptide linking' y LEUCINE         ? 'C6 H13 N O2'    131.173 
LYS 'L-peptide linking' y LYSINE          ? 'C6 H15 N2 O2 1' 147.195 
MET 'L-peptide linking' y METHIONINE      ? 'C5 H11 N O2 S'  149.211 
PHE 'L-peptide linking' y PHENYLALANINE   ? 'C9 H11 N O2'    165.189 
PRO 'L-peptide linking' y PROLINE         ? 'C5 H9 N O2'     115.130 
SER 'L-peptide linking' y SERINE          ? 'C3 H7 N O3'     105.093 
THR 'L-peptide linking' y THREONINE       ? 'C4 H9 N O3'     119.119 
TYR 'L-peptide linking' y TYROSINE        ? 'C9 H11 N O3'    181.189 
VAL 'L-peptide linking' y VALINE          ? 'C5 H11 N O2'    117.146 
# 
_exptl.entry_id          3EGN 
_exptl.method            'X-RAY DIFFRACTION' 
_exptl.crystals_number   1 
# 
_exptl_crystal.id                    1 
_exptl_crystal.density_meas          ? 
_exptl_crystal.density_Matthews      2.27 
_exptl_crystal.density_percent_sol   45.86 
_exptl_crystal.description           ? 
_exptl_crystal.F_000                 ? 
_exptl_crystal.preparation           ? 
# 
_exptl_crystal_grow.crystal_id      1 
_exptl_crystal_grow.method          'VAPOR DIFFUSION, SITTING DROP' 
_exptl_crystal_grow.temp            277 
_exptl_crystal_grow.temp_details    ? 
_exptl_crystal_grow.pH              7.5 
_exptl_crystal_grow.pdbx_details    '20% (w/v) PEG 3350, 0.2M LiCl, pH 7.5, VAPOR DIFFUSION, SITTING DROP, temperature 277K' 
_exptl_crystal_grow.pdbx_pH_range   . 
# 
_diffrn.id                     1 
_diffrn.ambient_temp           100 
_diffrn.ambient_temp_details   ? 
_diffrn.crystal_id             1 
# 
_diffrn_detector.diffrn_id              1 
_diffrn_detector.detector               CCD 
_diffrn_detector.type                   'MARMOSAIC 225 mm CCD' 
_diffrn_detector.pdbx_collection_date   2006-12-19 
_diffrn_detector.details                mirrors 
# 
_diffrn_radiation.diffrn_id                        1 
_diffrn_radiation.wavelength_id                    1 
_diffrn_radiation.pdbx_monochromatic_or_laue_m_l   M 
_diffrn_radiation.monochromator                    'Si 111 CHANNEL' 
_diffrn_radiation.pdbx_diffrn_protocol             'SINGLE WAVELENGTH' 
_diffrn_radiation.pdbx_scattering_type             x-ray 
# 
_diffrn_radiation_wavelength.id           1 
_diffrn_radiation_wavelength.wavelength   0.984 
_diffrn_radiation_wavelength.wt           1.0 
# 
_diffrn_source.diffrn_id                   1 
_diffrn_source.source                      SYNCHROTRON 
_diffrn_source.type                        'SLS BEAMLINE X06SA' 
_diffrn_source.pdbx_synchrotron_site       SLS 
_diffrn_source.pdbx_synchrotron_beamline   X06SA 
_diffrn_source.pdbx_wavelength             ? 
_diffrn_source.pdbx_wavelength_list        0.984 
# 
_reflns.entry_id                     3EGN 
_reflns.observed_criterion_sigma_I   0.0 
_reflns.observed_criterion_sigma_F   0.0 
_reflns.d_resolution_low             50.0 
_reflns.d_resolution_high            2.5 
_reflns.number_obs                   5299 
_reflns.number_all                   5304 
_reflns.percent_possible_obs         99.9 
_reflns.pdbx_Rmerge_I_obs            0.108 
_reflns.pdbx_Rsym_value              0.108 
_reflns.pdbx_netI_over_sigmaI        9.6 
_reflns.B_iso_Wilson_estimate        33.8 
_reflns.pdbx_redundancy              3.5 
_reflns.R_free_details               ? 
_reflns.limit_h_max                  ? 
_reflns.limit_h_min                  ? 
_reflns.limit_k_max                  ? 
_reflns.limit_k_min                  ? 
_reflns.limit_l_max                  ? 
_reflns.limit_l_min                  ? 
_reflns.observed_criterion_F_max     ? 
_reflns.observed_criterion_F_min     ? 
_reflns.pdbx_chi_squared             ? 
_reflns.pdbx_scaling_rejects         ? 
_reflns.pdbx_ordinal                 1 
_reflns.pdbx_diffrn_id               1 
# 
_reflns_shell.d_res_high             2.50 
_reflns_shell.d_res_low              2.59 
_reflns_shell.percent_possible_all   100 
_reflns_shell.Rmerge_I_obs           0.563 
_reflns_shell.pdbx_Rsym_value        0.563 
_reflns_shell.meanI_over_sigI_obs    2.2 
_reflns_shell.pdbx_redundancy        3.3 
_reflns_shell.percent_possible_obs   ? 
_reflns_shell.number_unique_all      527 
_reflns_shell.number_measured_all    ? 
_reflns_shell.number_measured_obs    ? 
_reflns_shell.number_unique_obs      ? 
_reflns_shell.pdbx_chi_squared       ? 
_reflns_shell.pdbx_ordinal           1 
_reflns_shell.pdbx_diffrn_id         1 
# 
_refine.entry_id                                 3EGN 
_refine.ls_number_reflns_obs                     5283 
_refine.ls_number_reflns_all                     ? 
_refine.pdbx_ls_sigma_I                          ? 
_refine.pdbx_ls_sigma_F                          ? 
_refine.pdbx_data_cutoff_high_absF               ? 
_refine.pdbx_data_cutoff_low_absF                ? 
_refine.pdbx_data_cutoff_high_rms_absF           ? 
_refine.ls_d_res_low                             30.00 
_refine.ls_d_res_high                            2.50 
_refine.ls_percent_reflns_obs                    99.70 
_refine.ls_R_factor_obs                          0.19879 
_refine.ls_R_factor_all                          ? 
_refine.ls_R_factor_R_work                       0.19426 
_refine.ls_R_factor_R_free                       0.23619 
_refine.ls_R_factor_R_free_error                 ? 
_refine.ls_R_factor_R_free_error_details         ? 
_refine.ls_percent_reflns_R_free                 10.7 
_refine.ls_number_reflns_R_free                  563 
_refine.ls_number_reflns_R_work                  4720 
_refine.ls_number_parameters                     ? 
_refine.ls_number_restraints                     ? 
_refine.occupancy_min                            ? 
_refine.occupancy_max                            ? 
_refine.correlation_coeff_Fo_to_Fc               0.940 
_refine.correlation_coeff_Fo_to_Fc_free          0.917 
_refine.B_iso_mean                               15.404 
_refine.aniso_B[1][1]                            1.92 
_refine.aniso_B[2][2]                            -1.76 
_refine.aniso_B[3][3]                            -0.12 
_refine.aniso_B[1][2]                            0.00 
_refine.aniso_B[1][3]                            0.17 
_refine.aniso_B[2][3]                            0.00 
_refine.solvent_model_details                    MASK 
_refine.solvent_model_param_ksol                 ? 
_refine.solvent_model_param_bsol                 ? 
_refine.pdbx_solvent_vdw_probe_radii             1.40 
_refine.pdbx_solvent_ion_probe_radii             0.80 
_refine.pdbx_solvent_shrinkage_radii             0.80 
_refine.pdbx_ls_cross_valid_method               THROUGHOUT 
_refine.details                                  'HYDROGENS HAVE BEEN ADDED IN THE RIDING POSITIONS' 
_refine.pdbx_starting_model                      'PDB ENTRY 1URN' 
_refine.pdbx_method_to_determine_struct          'MOLECULAR REPLACEMENT' 
_refine.pdbx_isotropic_thermal_model             ? 
_refine.pdbx_stereochemistry_target_values       'MAXIMUM LIKELIHOOD' 
_refine.pdbx_stereochem_target_val_spec_case     ? 
_refine.pdbx_R_Free_selection_details            RANDOM 
_refine.pdbx_overall_ESU_R                       0.779 
_refine.pdbx_overall_ESU_R_Free                  0.292 
_refine.overall_SU_ML                            0.184 
_refine.overall_SU_B                             15.080 
_refine.ls_redundancy_reflns_obs                 ? 
_refine.B_iso_min                                ? 
_refine.B_iso_max                                ? 
_refine.overall_SU_R_Cruickshank_DPI             ? 
_refine.overall_SU_R_free                        ? 
_refine.ls_wR_factor_R_free                      ? 
_refine.ls_wR_factor_R_work                      ? 
_refine.overall_FOM_free_R_set                   ? 
_refine.overall_FOM_work_R_set                   ? 
_refine.pdbx_refine_id                           'X-RAY DIFFRACTION' 
_refine.pdbx_overall_phase_error                 ? 
_refine.pdbx_TLS_residual_ADP_flag               'LIKELY RESIDUAL' 
_refine.pdbx_diffrn_id                           1 
_refine.pdbx_overall_SU_R_free_Cruickshank_DPI   ? 
_refine.pdbx_overall_SU_R_Blow_DPI               ? 
_refine.pdbx_overall_SU_R_free_Blow_DPI          ? 
# 
_refine_analyze.entry_id                        3EGN 
_refine_analyze.Luzzati_coordinate_error_obs    0.184 
_refine_analyze.Luzzati_sigma_a_obs             ? 
_refine_analyze.Luzzati_d_res_low_obs           ? 
_refine_analyze.Luzzati_coordinate_error_free   ? 
_refine_analyze.Luzzati_sigma_a_free            ? 
_refine_analyze.Luzzati_d_res_low_free          ? 
_refine_analyze.number_disordered_residues      ? 
_refine_analyze.occupancy_sum_hydrogen          ? 
_refine_analyze.occupancy_sum_non_hydrogen      ? 
_refine_analyze.pdbx_Luzzati_d_res_high_obs     ? 
_refine_analyze.pdbx_refine_id                  'X-RAY DIFFRACTION' 
# 
_refine_hist.pdbx_refine_id                   'X-RAY DIFFRACTION' 
_refine_hist.cycle_id                         LAST 
_refine_hist.pdbx_number_atoms_protein        976 
_refine_hist.pdbx_number_atoms_nucleic_acid   0 
_refine_hist.pdbx_number_atoms_ligand         0 
_refine_hist.number_atoms_solvent             84 
_refine_hist.number_atoms_total               1060 
_refine_hist.d_res_high                       2.50 
_refine_hist.d_res_low                        30.00 
# 
loop_
_refine_ls_restr.type 
_refine_ls_restr.dev_ideal 
_refine_ls_restr.dev_ideal_target 
_refine_ls_restr.weight 
_refine_ls_restr.number 
_refine_ls_restr.pdbx_refine_id 
_refine_ls_restr.pdbx_restraint_function 
r_bond_refined_d             0.008  0.022  ? 1000 'X-RAY DIFFRACTION' ? 
r_bond_other_d               ?      ?      ? ?    'X-RAY DIFFRACTION' ? 
r_angle_refined_deg          1.180  1.977  ? 1335 'X-RAY DIFFRACTION' ? 
r_angle_other_deg            ?      ?      ? ?    'X-RAY DIFFRACTION' ? 
r_dihedral_angle_1_deg       5.254  5.000  ? 121  'X-RAY DIFFRACTION' ? 
r_dihedral_angle_2_deg       33.815 22.449 ? 49   'X-RAY DIFFRACTION' ? 
r_dihedral_angle_3_deg       19.207 15.000 ? 198  'X-RAY DIFFRACTION' ? 
r_dihedral_angle_4_deg       15.811 15.000 ? 12   'X-RAY DIFFRACTION' ? 
r_chiral_restr               0.087  0.200  ? 137  'X-RAY DIFFRACTION' ? 
r_gen_planes_refined         0.003  0.020  ? 755  'X-RAY DIFFRACTION' ? 
r_gen_planes_other           ?      ?      ? ?    'X-RAY DIFFRACTION' ? 
r_nbd_refined                0.190  0.200  ? 427  'X-RAY DIFFRACTION' ? 
r_nbd_other                  ?      ?      ? ?    'X-RAY DIFFRACTION' ? 
r_nbtor_refined              0.308  0.200  ? 690  'X-RAY DIFFRACTION' ? 
r_nbtor_other                ?      ?      ? ?    'X-RAY DIFFRACTION' ? 
r_xyhbond_nbd_refined        0.129  0.200  ? 60   'X-RAY DIFFRACTION' ? 
r_xyhbond_nbd_other          ?      ?      ? ?    'X-RAY DIFFRACTION' ? 
r_metal_ion_refined          ?      ?      ? ?    'X-RAY DIFFRACTION' ? 
r_metal_ion_other            ?      ?      ? ?    'X-RAY DIFFRACTION' ? 
r_symmetry_vdw_refined       0.170  0.200  ? 41   'X-RAY DIFFRACTION' ? 
r_symmetry_vdw_other         ?      ?      ? ?    'X-RAY DIFFRACTION' ? 
r_symmetry_hbond_refined     0.154  0.200  ? 20   'X-RAY DIFFRACTION' ? 
r_symmetry_hbond_other       ?      ?      ? ?    'X-RAY DIFFRACTION' ? 
r_symmetry_metal_ion_refined ?      ?      ? ?    'X-RAY DIFFRACTION' ? 
r_symmetry_metal_ion_other   ?      ?      ? ?    'X-RAY DIFFRACTION' ? 
r_mcbond_it                  0.402  1.500  ? 617  'X-RAY DIFFRACTION' ? 
r_mcbond_other               ?      ?      ? ?    'X-RAY DIFFRACTION' ? 
r_mcangle_it                 0.654  2.000  ? 966  'X-RAY DIFFRACTION' ? 
r_scbond_it                  1.118  3.000  ? 420  'X-RAY DIFFRACTION' ? 
r_scangle_it                 1.896  4.500  ? 369  'X-RAY DIFFRACTION' ? 
r_rigid_bond_restr           ?      ?      ? ?    'X-RAY DIFFRACTION' ? 
r_sphericity_free            ?      ?      ? ?    'X-RAY DIFFRACTION' ? 
r_sphericity_bonded          ?      ?      ? ?    'X-RAY DIFFRACTION' ? 
# 
_refine_ls_shell.pdbx_total_number_of_bins_used   20 
_refine_ls_shell.d_res_high                       2.498 
_refine_ls_shell.d_res_low                        2.562 
_refine_ls_shell.number_reflns_R_work             342 
_refine_ls_shell.R_factor_R_work                  0.252 
_refine_ls_shell.percent_reflns_obs               99.49 
_refine_ls_shell.R_factor_R_free                  0.358 
_refine_ls_shell.R_factor_R_free_error            ? 
_refine_ls_shell.percent_reflns_R_free            ? 
_refine_ls_shell.number_reflns_R_free             45 
_refine_ls_shell.number_reflns_all                ? 
_refine_ls_shell.R_factor_all                     ? 
_refine_ls_shell.number_reflns_obs                ? 
_refine_ls_shell.redundancy_reflns_obs            ? 
_refine_ls_shell.pdbx_refine_id                   'X-RAY DIFFRACTION' 
# 
_struct.entry_id                  3EGN 
_struct.title                     'C-terminal RNA Recognition Motif of the U11/U12 65K Protein' 
_struct.pdbx_model_details        ? 
_struct.pdbx_CASP_flag            ? 
_struct.pdbx_model_type_details   ? 
# 
_struct_keywords.entry_id        3EGN 
_struct_keywords.pdbx_keywords   SPLICING 
_struct_keywords.text            
;RNA recognition motif (RRM), RNP motif, U11/U12-65K protein, U11/U12 di-snRNP, U1A protein, U2B protein, minor spliceosomal protein, mRNA processing, mRNA splicing, Nucleus, Phosphoprotein, RNA-binding, Spliceosome, SPLICING
;
# 
loop_
_struct_asym.id 
_struct_asym.pdbx_blank_PDB_chainid_flag 
_struct_asym.pdbx_modified 
_struct_asym.entity_id 
_struct_asym.details 
A N N 1 ? 
B N N 2 ? 
# 
_struct_biol.id        1 
_struct_biol.details   ? 
# 
loop_
_struct_conf.conf_type_id 
_struct_conf.id 
_struct_conf.pdbx_PDB_helix_id 
_struct_conf.beg_label_comp_id 
_struct_conf.beg_label_asym_id 
_struct_conf.beg_label_seq_id 
_struct_conf.pdbx_beg_PDB_ins_code 
_struct_conf.end_label_comp_id 
_struct_conf.end_label_asym_id 
_struct_conf.end_label_seq_id 
_struct_conf.pdbx_end_PDB_ins_code 
_struct_conf.beg_auth_comp_id 
_struct_conf.beg_auth_asym_id 
_struct_conf.beg_auth_seq_id 
_struct_conf.end_auth_comp_id 
_struct_conf.end_auth_asym_id 
_struct_conf.end_auth_seq_id 
_struct_conf.pdbx_PDB_helix_class 
_struct_conf.details 
_struct_conf.pdbx_PDB_helix_length 
HELX_P HELX_P1 1 SER A 16  ? ARG A 24  ? SER A 390 ARG A 398 1 ? 9  
HELX_P HELX_P2 2 SER A 26  ? LEU A 33  ? SER A 400 LEU A 407 1 ? 8  
HELX_P HELX_P3 3 SER A 34  ? ARG A 37  ? SER A 408 ARG A 411 5 ? 4  
HELX_P HELX_P4 4 GLN A 58  ? GLY A 67  ? GLN A 432 GLY A 441 1 ? 10 
HELX_P HELX_P5 5 ARG A 68  ? VAL A 70  ? ARG A 442 VAL A 444 5 ? 3  
HELX_P HELX_P6 6 SER A 74  ? PHE A 81  ? SER A 448 PHE A 455 1 ? 8  
HELX_P HELX_P7 7 ASN A 101 ? ASN A 113 ? ASN A 475 ASN A 487 1 ? 13 
# 
_struct_conf_type.id          HELX_P 
_struct_conf_type.criteria    ? 
_struct_conf_type.reference   ? 
# 
_struct_mon_prot_cis.pdbx_id                1 
_struct_mon_prot_cis.label_comp_id          GLY 
_struct_mon_prot_cis.label_seq_id           89 
_struct_mon_prot_cis.label_asym_id          A 
_struct_mon_prot_cis.label_alt_id           . 
_struct_mon_prot_cis.pdbx_PDB_ins_code      ? 
_struct_mon_prot_cis.auth_comp_id           GLY 
_struct_mon_prot_cis.auth_seq_id            463 
_struct_mon_prot_cis.auth_asym_id           A 
_struct_mon_prot_cis.pdbx_label_comp_id_2   ARG 
_struct_mon_prot_cis.pdbx_label_seq_id_2    90 
_struct_mon_prot_cis.pdbx_label_asym_id_2   A 
_struct_mon_prot_cis.pdbx_PDB_ins_code_2    ? 
_struct_mon_prot_cis.pdbx_auth_comp_id_2    ARG 
_struct_mon_prot_cis.pdbx_auth_seq_id_2     464 
_struct_mon_prot_cis.pdbx_auth_asym_id_2    A 
_struct_mon_prot_cis.pdbx_PDB_model_num     1 
_struct_mon_prot_cis.pdbx_omega_angle       5.45 
# 
loop_
_struct_sheet.id 
_struct_sheet.type 
_struct_sheet.number_strands 
_struct_sheet.details 
A ? 4 ? 
B ? 2 ? 
# 
loop_
_struct_sheet_order.sheet_id 
_struct_sheet_order.range_id_1 
_struct_sheet_order.range_id_2 
_struct_sheet_order.offset 
_struct_sheet_order.sense 
A 1 2 ? anti-parallel 
A 2 3 ? anti-parallel 
A 3 4 ? anti-parallel 
B 1 2 ? anti-parallel 
# 
loop_
_struct_sheet_range.sheet_id 
_struct_sheet_range.id 
_struct_sheet_range.beg_label_comp_id 
_struct_sheet_range.beg_label_asym_id 
_struct_sheet_range.beg_label_seq_id 
_struct_sheet_range.pdbx_beg_PDB_ins_code 
_struct_sheet_range.end_label_comp_id 
_struct_sheet_range.end_label_asym_id 
_struct_sheet_range.end_label_seq_id 
_struct_sheet_range.pdbx_end_PDB_ins_code 
_struct_sheet_range.beg_auth_comp_id 
_struct_sheet_range.beg_auth_asym_id 
_struct_sheet_range.beg_auth_seq_id 
_struct_sheet_range.end_auth_comp_id 
_struct_sheet_range.end_auth_asym_id 
_struct_sheet_range.end_auth_seq_id 
A 1 ASP A 82  ? GLU A 88  ? ASP A 456 GLU A 462 
A 2 LYS A 92  ? GLY A 98  ? LYS A 466 GLY A 472 
A 3 ARG A 47  ? LEU A 53  ? ARG A 421 LEU A 427 
A 4 VAL A 123 ? PHE A 126 ? VAL A 497 PHE A 500 
B 1 VAL A 116 ? LEU A 117 ? VAL A 490 LEU A 491 
B 2 LYS A 120 ? PRO A 121 ? LYS A 494 PRO A 495 
# 
loop_
_pdbx_struct_sheet_hbond.sheet_id 
_pdbx_struct_sheet_hbond.range_id_1 
_pdbx_struct_sheet_hbond.range_id_2 
_pdbx_struct_sheet_hbond.range_1_label_atom_id 
_pdbx_struct_sheet_hbond.range_1_label_comp_id 
_pdbx_struct_sheet_hbond.range_1_label_asym_id 
_pdbx_struct_sheet_hbond.range_1_label_seq_id 
_pdbx_struct_sheet_hbond.range_1_PDB_ins_code 
_pdbx_struct_sheet_hbond.range_1_auth_atom_id 
_pdbx_struct_sheet_hbond.range_1_auth_comp_id 
_pdbx_struct_sheet_hbond.range_1_auth_asym_id 
_pdbx_struct_sheet_hbond.range_1_auth_seq_id 
_pdbx_struct_sheet_hbond.range_2_label_atom_id 
_pdbx_struct_sheet_hbond.range_2_label_comp_id 
_pdbx_struct_sheet_hbond.range_2_label_asym_id 
_pdbx_struct_sheet_hbond.range_2_label_seq_id 
_pdbx_struct_sheet_hbond.range_2_PDB_ins_code 
_pdbx_struct_sheet_hbond.range_2_auth_atom_id 
_pdbx_struct_sheet_hbond.range_2_auth_comp_id 
_pdbx_struct_sheet_hbond.range_2_auth_asym_id 
_pdbx_struct_sheet_hbond.range_2_auth_seq_id 
A 1 2 N MET A 86  ? N MET A 460 O GLN A 94  ? O GLN A 468 
A 2 3 O ILE A 97  ? O ILE A 471 N ILE A 48  ? N ILE A 422 
A 3 4 N TYR A 49  ? N TYR A 423 O GLN A 125 ? O GLN A 499 
B 1 2 N LEU A 117 ? N LEU A 491 O LYS A 120 ? O LYS A 494 
# 
_atom_sites.entry_id                    3EGN 
_atom_sites.fract_transf_matrix[1][1]   0.00884359 
_atom_sites.fract_transf_matrix[1][2]   0.00615139 
_atom_sites.fract_transf_matrix[1][3]   -0.00253204 
_atom_sites.fract_transf_matrix[2][1]   -0.01561644 
_atom_sites.fract_transf_matrix[2][2]   0.02479565 
_atom_sites.fract_transf_matrix[2][3]   0.00569598 
_atom_sites.fract_transf_matrix[3][1]   0.00789074 
_atom_sites.fract_transf_matrix[3][2]   0.00064674 
_atom_sites.fract_transf_matrix[3][3]   0.01881837 
_atom_sites.fract_transf_vector[1]      0.182086 
_atom_sites.fract_transf_vector[2]      -0.587972 
_atom_sites.fract_transf_vector[3]      -0.307859 
# 
loop_
_atom_type.symbol 
C 
N 
O 
S 
# 
loop_
_atom_site.group_PDB 
_atom_site.id 
_atom_site.type_symbol 
_atom_site.label_atom_id 
_atom_site.label_alt_id 
_atom_site.label_comp_id 
_atom_site.label_asym_id 
_atom_site.label_entity_id 
_atom_site.label_seq_id 
_atom_site.pdbx_PDB_ins_code 
_atom_site.Cartn_x 
_atom_site.Cartn_y 
_atom_site.Cartn_z 
_atom_site.occupancy 
_atom_site.B_iso_or_equiv 
_atom_site.pdbx_formal_charge 
_atom_site.auth_seq_id 
_atom_site.auth_comp_id 
_atom_site.auth_asym_id 
_atom_site.auth_atom_id 
_atom_site.pdbx_PDB_model_num 
ATOM   1    N N   . GLU A 1 13  ? -13.743 -6.283  -8.610  1.00 25.50 ? 387 GLU A N   1 
ATOM   2    C CA  . GLU A 1 13  ? -12.428 -6.916  -8.948  1.00 25.55 ? 387 GLU A CA  1 
ATOM   3    C C   . GLU A 1 13  ? -11.244 -6.316  -8.180  1.00 24.94 ? 387 GLU A C   1 
ATOM   4    O O   . GLU A 1 13  ? -10.957 -5.115  -8.283  1.00 25.01 ? 387 GLU A O   1 
ATOM   5    C CB  . GLU A 1 13  ? -12.159 -6.837  -10.455 1.00 25.92 ? 387 GLU A CB  1 
ATOM   6    C CG  . GLU A 1 13  ? -12.934 -7.853  -11.286 1.00 27.41 ? 387 GLU A CG  1 
ATOM   7    C CD  . GLU A 1 13  ? -12.294 -9.237  -11.283 1.00 29.46 ? 387 GLU A CD  1 
ATOM   8    O OE1 . GLU A 1 13  ? -11.214 -9.413  -10.664 1.00 30.13 ? 387 GLU A OE1 1 
ATOM   9    O OE2 . GLU A 1 13  ? -12.876 -10.150 -11.913 1.00 29.48 ? 387 GLU A OE2 1 
ATOM   10   N N   . CYS A 1 14  ? -10.571 -7.166  -7.408  1.00 24.17 ? 388 CYS A N   1 
ATOM   11   C CA  . CYS A 1 14  ? -9.343  -6.791  -6.713  1.00 23.54 ? 388 CYS A CA  1 
ATOM   12   C C   . CYS A 1 14  ? -8.312  -7.917  -6.824  1.00 22.77 ? 388 CYS A C   1 
ATOM   13   O O   . CYS A 1 14  ? -8.631  -9.011  -7.304  1.00 22.83 ? 388 CYS A O   1 
ATOM   14   C CB  . CYS A 1 14  ? -9.626  -6.438  -5.249  1.00 23.60 ? 388 CYS A CB  1 
ATOM   15   S SG  . CYS A 1 14  ? -10.189 -7.826  -4.247  1.00 24.95 ? 388 CYS A SG  1 
ATOM   16   N N   . ILE A 1 15  ? -7.084  -7.641  -6.386  1.00 21.68 ? 389 ILE A N   1 
ATOM   17   C CA  . ILE A 1 15  ? -5.970  -8.585  -6.500  1.00 20.77 ? 389 ILE A CA  1 
ATOM   18   C C   . ILE A 1 15  ? -6.175  -9.842  -5.636  1.00 20.56 ? 389 ILE A C   1 
ATOM   19   O O   . ILE A 1 15  ? -6.858  -9.791  -4.606  1.00 20.67 ? 389 ILE A O   1 
ATOM   20   C CB  . ILE A 1 15  ? -4.611  -7.888  -6.173  1.00 20.87 ? 389 ILE A CB  1 
ATOM   21   C CG1 . ILE A 1 15  ? -3.429  -8.675  -6.758  1.00 20.70 ? 389 ILE A CG1 1 
ATOM   22   C CG2 . ILE A 1 15  ? -4.467  -7.604  -4.661  1.00 19.92 ? 389 ILE A CG2 1 
ATOM   23   C CD1 . ILE A 1 15  ? -2.169  -7.842  -6.968  1.00 20.15 ? 389 ILE A CD1 1 
ATOM   24   N N   . SER A 1 16  ? -5.600  -10.964 -6.070  1.00 19.81 ? 390 SER A N   1 
ATOM   25   C CA  . SER A 1 16  ? -5.632  -12.200 -5.289  1.00 19.22 ? 390 SER A CA  1 
ATOM   26   C C   . SER A 1 16  ? -4.351  -12.361 -4.468  1.00 19.21 ? 390 SER A C   1 
ATOM   27   O O   . SER A 1 16  ? -3.325  -11.751 -4.778  1.00 18.97 ? 390 SER A O   1 
ATOM   28   C CB  . SER A 1 16  ? -5.828  -13.407 -6.207  1.00 19.00 ? 390 SER A CB  1 
ATOM   29   O OG  . SER A 1 16  ? -4.715  -13.572 -7.066  1.00 18.21 ? 390 SER A OG  1 
ATOM   30   N N   . ARG A 1 17  ? -4.423  -13.184 -3.422  1.00 19.23 ? 391 ARG A N   1 
ATOM   31   C CA  . ARG A 1 17  ? -3.263  -13.518 -2.591  1.00 19.52 ? 391 ARG A CA  1 
ATOM   32   C C   . ARG A 1 17  ? -2.103  -14.101 -3.421  1.00 19.13 ? 391 ARG A C   1 
ATOM   33   O O   . ARG A 1 17  ? -0.930  -13.797 -3.174  1.00 18.94 ? 391 ARG A O   1 
ATOM   34   C CB  . ARG A 1 17  ? -3.670  -14.512 -1.491  1.00 19.83 ? 391 ARG A CB  1 
ATOM   35   C CG  . ARG A 1 17  ? -2.635  -14.681 -0.373  1.00 21.35 ? 391 ARG A CG  1 
ATOM   36   C CD  . ARG A 1 17  ? -2.759  -16.031 0.314   1.00 24.45 ? 391 ARG A CD  1 
ATOM   37   N NE  . ARG A 1 17  ? -2.522  -17.112 -0.640  1.00 27.03 ? 391 ARG A NE  1 
ATOM   38   C CZ  . ARG A 1 17  ? -1.335  -17.657 -0.885  1.00 28.35 ? 391 ARG A CZ  1 
ATOM   39   N NH1 . ARG A 1 17  ? -1.231  -18.621 -1.791  1.00 29.20 ? 391 ARG A NH1 1 
ATOM   40   N NH2 . ARG A 1 17  ? -0.255  -17.248 -0.228  1.00 29.41 ? 391 ARG A NH2 1 
ATOM   41   N N   . ARG A 1 18  ? -2.449  -14.936 -4.398  1.00 18.65 ? 392 ARG A N   1 
ATOM   42   C CA  . ARG A 1 18  ? -1.469  -15.576 -5.265  1.00 18.35 ? 392 ARG A CA  1 
ATOM   43   C C   . ARG A 1 18  ? -0.768  -14.575 -6.189  1.00 17.70 ? 392 ARG A C   1 
ATOM   44   O O   . ARG A 1 18  ? 0.439   -14.659 -6.390  1.00 17.74 ? 392 ARG A O   1 
ATOM   45   C CB  . ARG A 1 18  ? -2.137  -16.684 -6.083  1.00 18.47 ? 392 ARG A CB  1 
ATOM   46   C CG  . ARG A 1 18  ? -1.236  -17.887 -6.368  1.00 20.62 ? 392 ARG A CG  1 
ATOM   47   C CD  . ARG A 1 18  ? -0.222  -17.607 -7.485  1.00 23.24 ? 392 ARG A CD  1 
ATOM   48   N NE  . ARG A 1 18  ? 0.188   -18.821 -8.193  1.00 25.43 ? 392 ARG A NE  1 
ATOM   49   C CZ  . ARG A 1 18  ? -0.477  -19.361 -9.216  1.00 26.56 ? 392 ARG A CZ  1 
ATOM   50   N NH1 . ARG A 1 18  ? -1.605  -18.806 -9.656  1.00 27.19 ? 392 ARG A NH1 1 
ATOM   51   N NH2 . ARG A 1 18  ? -0.017  -20.462 -9.802  1.00 26.22 ? 392 ARG A NH2 1 
ATOM   52   N N   . GLU A 1 19  ? -1.523  -13.634 -6.747  1.00 16.98 ? 393 GLU A N   1 
ATOM   53   C CA  . GLU A 1 19  ? -0.965  -12.646 -7.667  1.00 16.79 ? 393 GLU A CA  1 
ATOM   54   C C   . GLU A 1 19  ? 0.015   -11.693 -6.961  1.00 15.75 ? 393 GLU A C   1 
ATOM   55   O O   . GLU A 1 19  ? 1.057   -11.336 -7.507  1.00 15.66 ? 393 GLU A O   1 
ATOM   56   C CB  . GLU A 1 19  ? -2.086  -11.866 -8.357  1.00 17.04 ? 393 GLU A CB  1 
ATOM   57   C CG  . GLU A 1 19  ? -1.677  -11.264 -9.681  1.00 19.40 ? 393 GLU A CG  1 
ATOM   58   C CD  . GLU A 1 19  ? -2.459  -9.997  -10.040 1.00 22.78 ? 393 GLU A CD  1 
ATOM   59   O OE1 . GLU A 1 19  ? -3.715  -10.032 -10.023 1.00 23.27 ? 393 GLU A OE1 1 
ATOM   60   O OE2 . GLU A 1 19  ? -1.810  -8.965  -10.355 1.00 23.43 ? 393 GLU A OE2 1 
ATOM   61   N N   . LEU A 1 20  ? -0.339  -11.312 -5.741  1.00 14.79 ? 394 LEU A N   1 
ATOM   62   C CA  . LEU A 1 20  ? 0.478   -10.499 -4.857  1.00 13.90 ? 394 LEU A CA  1 
ATOM   63   C C   . LEU A 1 20  ? 1.800   -11.198 -4.554  1.00 13.76 ? 394 LEU A C   1 
ATOM   64   O O   . LEU A 1 20  ? 2.839   -10.555 -4.426  1.00 13.37 ? 394 LEU A O   1 
ATOM   65   C CB  . LEU A 1 20  ? -0.295  -10.306 -3.560  1.00 13.81 ? 394 LEU A CB  1 
ATOM   66   C CG  . LEU A 1 20  ? -0.473  -8.987  -2.813  1.00 13.66 ? 394 LEU A CG  1 
ATOM   67   C CD1 . LEU A 1 20  ? -0.378  -7.744  -3.691  1.00 13.43 ? 394 LEU A CD1 1 
ATOM   68   C CD2 . LEU A 1 20  ? -1.825  -9.061  -2.125  1.00 12.12 ? 394 LEU A CD2 1 
ATOM   69   N N   . GLU A 1 21  ? 1.747   -12.520 -4.436  1.00 13.34 ? 395 GLU A N   1 
ATOM   70   C CA  . GLU A 1 21  ? 2.910   -13.316 -4.107  1.00 13.51 ? 395 GLU A CA  1 
ATOM   71   C C   . GLU A 1 21  ? 3.831   -13.396 -5.322  1.00 13.00 ? 395 GLU A C   1 
ATOM   72   O O   . GLU A 1 21  ? 5.060   -13.322 -5.194  1.00 12.78 ? 395 GLU A O   1 
ATOM   73   C CB  . GLU A 1 21  ? 2.470   -14.713 -3.660  1.00 13.36 ? 395 GLU A CB  1 
ATOM   74   C CG  . GLU A 1 21  ? 3.534   -15.521 -2.957  1.00 14.15 ? 395 GLU A CG  1 
ATOM   75   C CD  . GLU A 1 21  ? 3.048   -16.902 -2.523  1.00 15.43 ? 395 GLU A CD  1 
ATOM   76   O OE1 . GLU A 1 21  ? 1.842   -17.216 -2.713  1.00 18.40 ? 395 GLU A OE1 1 
ATOM   77   O OE2 . GLU A 1 21  ? 3.877   -17.683 -1.986  1.00 16.94 ? 395 GLU A OE2 1 
ATOM   78   N N   . LYS A 1 22  ? 3.227   -13.543 -6.500  1.00 12.70 ? 396 LYS A N   1 
ATOM   79   C CA  . LYS A 1 22  ? 3.969   -13.599 -7.756  1.00 12.41 ? 396 LYS A CA  1 
ATOM   80   C C   . LYS A 1 22  ? 4.685   -12.289 -8.054  1.00 12.06 ? 396 LYS A C   1 
ATOM   81   O O   . LYS A 1 22  ? 5.767   -12.297 -8.642  1.00 12.45 ? 396 LYS A O   1 
ATOM   82   C CB  . LYS A 1 22  ? 3.052   -13.975 -8.926  1.00 12.73 ? 396 LYS A CB  1 
ATOM   83   C CG  . LYS A 1 22  ? 2.759   -15.481 -9.061  1.00 13.25 ? 396 LYS A CG  1 
ATOM   84   C CD  . LYS A 1 22  ? 4.027   -16.275 -9.351  1.00 14.22 ? 396 LYS A CD  1 
ATOM   85   C CE  . LYS A 1 22  ? 3.709   -17.715 -9.699  1.00 15.89 ? 396 LYS A CE  1 
ATOM   86   N NZ  . LYS A 1 22  ? 4.945   -18.536 -9.698  1.00 16.75 ? 396 LYS A NZ  1 
ATOM   87   N N   . GLY A 1 23  ? 4.094   -11.173 -7.628  1.00 11.36 ? 397 GLY A N   1 
ATOM   88   C CA  . GLY A 1 23  ? 4.624   -9.853  -7.915  1.00 10.44 ? 397 GLY A CA  1 
ATOM   89   C C   . GLY A 1 23  ? 5.594   -9.272  -6.917  1.00 10.13 ? 397 GLY A C   1 
ATOM   90   O O   . GLY A 1 23  ? 6.171   -8.233  -7.183  1.00 10.51 ? 397 GLY A O   1 
ATOM   91   N N   . ARG A 1 24  ? 5.763   -9.917  -5.766  1.00 10.06 ? 398 ARG A N   1 
ATOM   92   C CA  . ARG A 1 24  ? 6.676   -9.429  -4.724  1.00 9.88  ? 398 ARG A CA  1 
ATOM   93   C C   . ARG A 1 24  ? 8.126   -9.811  -5.015  1.00 9.70  ? 398 ARG A C   1 
ATOM   94   O O   . ARG A 1 24  ? 8.433   -10.977 -5.279  1.00 9.22  ? 398 ARG A O   1 
ATOM   95   C CB  . ARG A 1 24  ? 6.309   -9.990  -3.349  1.00 10.04 ? 398 ARG A CB  1 
ATOM   96   C CG  . ARG A 1 24  ? 5.242   -9.243  -2.584  1.00 11.45 ? 398 ARG A CG  1 
ATOM   97   C CD  . ARG A 1 24  ? 5.367   -9.487  -1.079  1.00 12.70 ? 398 ARG A CD  1 
ATOM   98   N NE  . ARG A 1 24  ? 5.206   -10.890 -0.706  1.00 15.70 ? 398 ARG A NE  1 
ATOM   99   C CZ  . ARG A 1 24  ? 4.042   -11.547 -0.672  1.00 17.41 ? 398 ARG A CZ  1 
ATOM   100  N NH1 . ARG A 1 24  ? 2.906   -10.937 -1.000  1.00 18.14 ? 398 ARG A NH1 1 
ATOM   101  N NH2 . ARG A 1 24  ? 4.012   -12.827 -0.318  1.00 16.55 ? 398 ARG A NH2 1 
ATOM   102  N N   . ILE A 1 25  ? 9.012   -8.822  -4.939  1.00 9.56  ? 399 ILE A N   1 
ATOM   103  C CA  . ILE A 1 25  ? 10.448  -9.056  -4.974  1.00 9.44  ? 399 ILE A CA  1 
ATOM   104  C C   . ILE A 1 25  ? 10.868  -9.900  -3.767  1.00 9.56  ? 399 ILE A C   1 
ATOM   105  O O   . ILE A 1 25  ? 10.209  -9.872  -2.724  1.00 9.61  ? 399 ILE A O   1 
ATOM   106  C CB  . ILE A 1 25  ? 11.235  -7.733  -4.984  1.00 9.53  ? 399 ILE A CB  1 
ATOM   107  C CG1 . ILE A 1 25  ? 10.866  -6.879  -3.765  1.00 9.18  ? 399 ILE A CG1 1 
ATOM   108  C CG2 . ILE A 1 25  ? 10.986  -6.984  -6.293  1.00 9.12  ? 399 ILE A CG2 1 
ATOM   109  C CD1 . ILE A 1 25  ? 11.885  -5.812  -3.395  1.00 8.60  ? 399 ILE A CD1 1 
ATOM   110  N N   . SER A 1 26  ? 11.949  -10.661 -3.923  1.00 9.56  ? 400 SER A N   1 
ATOM   111  C CA  . SER A 1 26  ? 12.461  -11.520 -2.854  1.00 9.66  ? 400 SER A CA  1 
ATOM   112  C C   . SER A 1 26  ? 13.112  -10.680 -1.769  1.00 10.13 ? 400 SER A C   1 
ATOM   113  O O   . SER A 1 26  ? 13.480  -9.528  -2.010  1.00 10.07 ? 400 SER A O   1 
ATOM   114  C CB  . SER A 1 26  ? 13.482  -12.506 -3.403  1.00 9.20  ? 400 SER A CB  1 
ATOM   115  O OG  . SER A 1 26  ? 14.617  -11.815 -3.887  1.00 8.60  ? 400 SER A OG  1 
ATOM   116  N N   . ARG A 1 27  ? 13.266  -11.263 -0.582  1.00 10.64 ? 401 ARG A N   1 
ATOM   117  C CA  . ARG A 1 27  ? 13.898  -10.566 0.533   1.00 11.17 ? 401 ARG A CA  1 
ATOM   118  C C   . ARG A 1 27  ? 15.340  -10.209 0.197   1.00 11.36 ? 401 ARG A C   1 
ATOM   119  O O   . ARG A 1 27  ? 15.827  -9.171  0.634   1.00 11.43 ? 401 ARG A O   1 
ATOM   120  C CB  . ARG A 1 27  ? 13.810  -11.370 1.834   1.00 11.13 ? 401 ARG A CB  1 
ATOM   121  C CG  . ARG A 1 27  ? 14.719  -12.583 1.888   1.00 11.72 ? 401 ARG A CG  1 
ATOM   122  C CD  . ARG A 1 27  ? 14.598  -13.314 3.204   1.00 12.77 ? 401 ARG A CD  1 
ATOM   123  N NE  . ARG A 1 27  ? 15.243  -12.608 4.308   1.00 13.57 ? 401 ARG A NE  1 
ATOM   124  C CZ  . ARG A 1 27  ? 15.657  -13.189 5.431   1.00 14.44 ? 401 ARG A CZ  1 
ATOM   125  N NH1 . ARG A 1 27  ? 15.508  -14.495 5.614   1.00 14.50 ? 401 ARG A NH1 1 
ATOM   126  N NH2 . ARG A 1 27  ? 16.233  -12.460 6.375   1.00 15.33 ? 401 ARG A NH2 1 
ATOM   127  N N   . GLU A 1 28  ? 15.992  -11.059 -0.601  1.00 11.71 ? 402 GLU A N   1 
ATOM   128  C CA  . GLU A 1 28  ? 17.358  -10.822 -1.092  1.00 12.43 ? 402 GLU A CA  1 
ATOM   129  C C   . GLU A 1 28  ? 17.448  -9.535  -1.914  1.00 12.87 ? 402 GLU A C   1 
ATOM   130  O O   . GLU A 1 28  ? 18.273  -8.659  -1.631  1.00 13.06 ? 402 GLU A O   1 
ATOM   131  C CB  . GLU A 1 28  ? 17.867  -12.005 -1.931  1.00 12.24 ? 402 GLU A CB  1 
ATOM   132  C CG  . GLU A 1 28  ? 18.189  -13.276 -1.139  1.00 12.11 ? 402 GLU A CG  1 
ATOM   133  C CD  . GLU A 1 28  ? 16.970  -14.157 -0.867  1.00 11.91 ? 402 GLU A CD  1 
ATOM   134  O OE1 . GLU A 1 28  ? 16.000  -14.118 -1.651  1.00 10.96 ? 402 GLU A OE1 1 
ATOM   135  O OE2 . GLU A 1 28  ? 16.993  -14.912 0.130   1.00 12.76 ? 402 GLU A OE2 1 
ATOM   136  N N   . GLU A 1 29  ? 16.585  -9.439  -2.921  1.00 13.23 ? 403 GLU A N   1 
ATOM   137  C CA  . GLU A 1 29  ? 16.483  -8.273  -3.787  1.00 13.79 ? 403 GLU A CA  1 
ATOM   138  C C   . GLU A 1 29  ? 16.158  -7.013  -2.976  1.00 14.03 ? 403 GLU A C   1 
ATOM   139  O O   . GLU A 1 29  ? 16.674  -5.932  -3.253  1.00 13.94 ? 403 GLU A O   1 
ATOM   140  C CB  . GLU A 1 29  ? 15.424  -8.548  -4.866  1.00 13.93 ? 403 GLU A CB  1 
ATOM   141  C CG  . GLU A 1 29  ? 14.980  -7.348  -5.712  1.00 14.96 ? 403 GLU A CG  1 
ATOM   142  C CD  . GLU A 1 29  ? 16.073  -6.788  -6.611  1.00 16.06 ? 403 GLU A CD  1 
ATOM   143  O OE1 . GLU A 1 29  ? 17.103  -7.457  -6.827  1.00 16.97 ? 403 GLU A OE1 1 
ATOM   144  O OE2 . GLU A 1 29  ? 15.896  -5.658  -7.107  1.00 17.59 ? 403 GLU A OE2 1 
ATOM   145  N N   . MET A 1 30  ? 15.314  -7.186  -1.965  1.00 14.62 ? 404 MET A N   1 
ATOM   146  C CA  . MET A 1 30  ? 14.915  -6.132  -1.036  1.00 15.27 ? 404 MET A CA  1 
ATOM   147  C C   . MET A 1 30  ? 16.113  -5.580  -0.238  1.00 15.06 ? 404 MET A C   1 
ATOM   148  O O   . MET A 1 30  ? 16.157  -4.393  0.077   1.00 14.82 ? 404 MET A O   1 
ATOM   149  C CB  . MET A 1 30  ? 13.850  -6.695  -0.093  1.00 14.98 ? 404 MET A CB  1 
ATOM   150  C CG  . MET A 1 30  ? 12.853  -5.699  0.428   1.00 15.83 ? 404 MET A CG  1 
ATOM   151  S SD  . MET A 1 30  ? 11.462  -6.501  1.273   1.00 17.17 ? 404 MET A SD  1 
ATOM   152  C CE  . MET A 1 30  ? 10.385  -6.927  -0.097  1.00 16.82 ? 404 MET A CE  1 
ATOM   153  N N   . GLU A 1 31  ? 17.083  -6.443  0.067   1.00 15.19 ? 405 GLU A N   1 
ATOM   154  C CA  . GLU A 1 31  ? 18.295  -6.049  0.804   1.00 15.35 ? 405 GLU A CA  1 
ATOM   155  C C   . GLU A 1 31  ? 19.225  -5.155  -0.010  1.00 15.11 ? 405 GLU A C   1 
ATOM   156  O O   . GLU A 1 31  ? 20.037  -4.427  0.562   1.00 14.88 ? 405 GLU A O   1 
ATOM   157  C CB  . GLU A 1 31  ? 19.076  -7.279  1.270   1.00 15.24 ? 405 GLU A CB  1 
ATOM   158  C CG  . GLU A 1 31  ? 18.348  -8.160  2.275   1.00 15.88 ? 405 GLU A CG  1 
ATOM   159  C CD  . GLU A 1 31  ? 19.048  -9.485  2.504   1.00 16.32 ? 405 GLU A CD  1 
ATOM   160  O OE1 . GLU A 1 31  ? 19.620  -10.050 1.542   1.00 17.55 ? 405 GLU A OE1 1 
ATOM   161  O OE2 . GLU A 1 31  ? 19.027  -9.969  3.654   1.00 18.04 ? 405 GLU A OE2 1 
ATOM   162  N N   . THR A 1 32  ? 19.112  -5.227  -1.335  1.00 15.07 ? 406 THR A N   1 
ATOM   163  C CA  . THR A 1 32  ? 19.969  -4.451  -2.235  1.00 15.17 ? 406 THR A CA  1 
ATOM   164  C C   . THR A 1 32  ? 19.365  -3.087  -2.598  1.00 15.23 ? 406 THR A C   1 
ATOM   165  O O   . THR A 1 32  ? 20.075  -2.188  -3.057  1.00 15.46 ? 406 THR A O   1 
ATOM   166  C CB  . THR A 1 32  ? 20.343  -5.232  -3.547  1.00 15.08 ? 406 THR A CB  1 
ATOM   167  O OG1 . THR A 1 32  ? 19.181  -5.433  -4.372  1.00 15.87 ? 406 THR A OG1 1 
ATOM   168  C CG2 . THR A 1 32  ? 20.972  -6.571  -3.229  1.00 14.95 ? 406 THR A CG2 1 
ATOM   169  N N   . LEU A 1 33  ? 18.062  -2.925  -2.388  1.00 15.12 ? 407 LEU A N   1 
ATOM   170  C CA  . LEU A 1 33  ? 17.367  -1.746  -2.904  1.00 15.12 ? 407 LEU A CA  1 
ATOM   171  C C   . LEU A 1 33  ? 17.458  -0.539  -1.985  1.00 15.30 ? 407 LEU A C   1 
ATOM   172  O O   . LEU A 1 33  ? 17.170  -0.634  -0.786  1.00 15.39 ? 407 LEU A O   1 
ATOM   173  C CB  . LEU A 1 33  ? 15.902  -2.061  -3.214  1.00 15.04 ? 407 LEU A CB  1 
ATOM   174  C CG  . LEU A 1 33  ? 15.560  -2.921  -4.432  1.00 14.61 ? 407 LEU A CG  1 
ATOM   175  C CD1 . LEU A 1 33  ? 14.060  -3.017  -4.531  1.00 14.21 ? 407 LEU A CD1 1 
ATOM   176  C CD2 . LEU A 1 33  ? 16.156  -2.361  -5.726  1.00 13.78 ? 407 LEU A CD2 1 
ATOM   177  N N   . SER A 1 34  ? 17.839  0.595   -2.572  1.00 15.33 ? 408 SER A N   1 
ATOM   178  C CA  . SER A 1 34  ? 18.000  1.867   -1.865  1.00 15.41 ? 408 SER A CA  1 
ATOM   179  C C   . SER A 1 34  ? 16.743  2.331   -1.138  1.00 15.16 ? 408 SER A C   1 
ATOM   180  O O   . SER A 1 34  ? 16.831  2.980   -0.090  1.00 15.28 ? 408 SER A O   1 
ATOM   181  C CB  . SER A 1 34  ? 18.448  2.958   -2.840  1.00 15.63 ? 408 SER A CB  1 
ATOM   182  O OG  . SER A 1 34  ? 18.881  4.116   -2.146  1.00 17.02 ? 408 SER A OG  1 
ATOM   183  N N   . VAL A 1 35  ? 15.582  2.006   -1.696  1.00 14.71 ? 409 VAL A N   1 
ATOM   184  C CA  . VAL A 1 35  ? 14.311  2.464   -1.143  1.00 14.25 ? 409 VAL A CA  1 
ATOM   185  C C   . VAL A 1 35  ? 13.816  1.686   0.079   1.00 14.19 ? 409 VAL A C   1 
ATOM   186  O O   . VAL A 1 35  ? 12.913  2.149   0.774   1.00 14.43 ? 409 VAL A O   1 
ATOM   187  C CB  . VAL A 1 35  ? 13.204  2.487   -2.218  1.00 14.38 ? 409 VAL A CB  1 
ATOM   188  C CG1 . VAL A 1 35  ? 13.514  3.552   -3.272  1.00 14.42 ? 409 VAL A CG1 1 
ATOM   189  C CG2 . VAL A 1 35  ? 13.028  1.110   -2.842  1.00 13.21 ? 409 VAL A CG2 1 
ATOM   190  N N   . PHE A 1 36  ? 14.385  0.508   0.325   1.00 14.10 ? 410 PHE A N   1 
ATOM   191  C CA  . PHE A 1 36  ? 14.021  -0.314  1.485   1.00 13.95 ? 410 PHE A CA  1 
ATOM   192  C C   . PHE A 1 36  ? 15.057  -0.229  2.607   1.00 14.23 ? 410 PHE A C   1 
ATOM   193  O O   . PHE A 1 36  ? 14.934  -0.927  3.614   1.00 14.28 ? 410 PHE A O   1 
ATOM   194  C CB  . PHE A 1 36  ? 13.822  -1.781  1.081   1.00 13.58 ? 410 PHE A CB  1 
ATOM   195  C CG  . PHE A 1 36  ? 12.617  -2.018  0.219   1.00 13.09 ? 410 PHE A CG  1 
ATOM   196  C CD1 . PHE A 1 36  ? 11.357  -2.173  0.786   1.00 12.41 ? 410 PHE A CD1 1 
ATOM   197  C CD2 . PHE A 1 36  ? 12.739  -2.093  -1.158  1.00 11.83 ? 410 PHE A CD2 1 
ATOM   198  C CE1 . PHE A 1 36  ? 10.244  -2.395  -0.010  1.00 11.62 ? 410 PHE A CE1 1 
ATOM   199  C CE2 . PHE A 1 36  ? 11.627  -2.315  -1.960  1.00 11.26 ? 410 PHE A CE2 1 
ATOM   200  C CZ  . PHE A 1 36  ? 10.381  -2.469  -1.385  1.00 11.67 ? 410 PHE A CZ  1 
ATOM   201  N N   . ARG A 1 37  ? 16.072  0.617   2.430   1.00 14.59 ? 411 ARG A N   1 
ATOM   202  C CA  . ARG A 1 37  ? 17.095  0.835   3.462   1.00 15.30 ? 411 ARG A CA  1 
ATOM   203  C C   . ARG A 1 37  ? 16.448  1.393   4.720   1.00 15.17 ? 411 ARG A C   1 
ATOM   204  O O   . ARG A 1 37  ? 15.643  2.324   4.647   1.00 15.16 ? 411 ARG A O   1 
ATOM   205  C CB  . ARG A 1 37  ? 18.180  1.806   2.981   1.00 15.49 ? 411 ARG A CB  1 
ATOM   206  C CG  . ARG A 1 37  ? 18.926  1.389   1.719   1.00 17.68 ? 411 ARG A CG  1 
ATOM   207  C CD  . ARG A 1 37  ? 20.283  0.779   2.017   1.00 21.66 ? 411 ARG A CD  1 
ATOM   208  N NE  . ARG A 1 37  ? 20.273  -0.686  2.010   1.00 23.74 ? 411 ARG A NE  1 
ATOM   209  C CZ  . ARG A 1 37  ? 21.258  -1.446  2.497   1.00 24.55 ? 411 ARG A CZ  1 
ATOM   210  N NH1 . ARG A 1 37  ? 22.334  -0.888  3.049   1.00 23.89 ? 411 ARG A NH1 1 
ATOM   211  N NH2 . ARG A 1 37  ? 21.165  -2.770  2.443   1.00 24.93 ? 411 ARG A NH2 1 
ATOM   212  N N   . SER A 1 38  ? 16.804  0.810   5.864   1.00 15.45 ? 412 SER A N   1 
ATOM   213  C CA  . SER A 1 38  ? 16.257  1.192   7.175   1.00 15.48 ? 412 SER A CA  1 
ATOM   214  C C   . SER A 1 38  ? 14.730  1.312   7.175   1.00 15.33 ? 412 SER A C   1 
ATOM   215  O O   . SER A 1 38  ? 14.157  2.308   7.623   1.00 15.29 ? 412 SER A O   1 
ATOM   216  C CB  . SER A 1 38  ? 16.932  2.465   7.676   1.00 15.44 ? 412 SER A CB  1 
ATOM   217  O OG  . SER A 1 38  ? 18.334  2.268   7.705   1.00 16.47 ? 412 SER A OG  1 
ATOM   218  N N   . TYR A 1 39  ? 14.087  0.277   6.653   1.00 15.19 ? 413 TYR A N   1 
ATOM   219  C CA  . TYR A 1 39  ? 12.639  0.218   6.583   1.00 15.04 ? 413 TYR A CA  1 
ATOM   220  C C   . TYR A 1 39  ? 12.040  0.098   7.973   1.00 14.99 ? 413 TYR A C   1 
ATOM   221  O O   . TYR A 1 39  ? 12.486  -0.717  8.786   1.00 15.28 ? 413 TYR A O   1 
ATOM   222  C CB  . TYR A 1 39  ? 12.221  -0.980  5.737   1.00 15.05 ? 413 TYR A CB  1 
ATOM   223  C CG  . TYR A 1 39  ? 10.751  -1.286  5.779   1.00 14.91 ? 413 TYR A CG  1 
ATOM   224  C CD1 . TYR A 1 39  ? 9.862   -0.616  4.946   1.00 14.66 ? 413 TYR A CD1 1 
ATOM   225  C CD2 . TYR A 1 39  ? 10.247  -2.261  6.644   1.00 14.91 ? 413 TYR A CD2 1 
ATOM   226  C CE1 . TYR A 1 39  ? 8.506   -0.904  4.972   1.00 15.28 ? 413 TYR A CE1 1 
ATOM   227  C CE2 . TYR A 1 39  ? 8.891   -2.551  6.685   1.00 15.25 ? 413 TYR A CE2 1 
ATOM   228  C CZ  . TYR A 1 39  ? 8.025   -1.869  5.846   1.00 15.34 ? 413 TYR A CZ  1 
ATOM   229  O OH  . TYR A 1 39  ? 6.677   -2.145  5.874   1.00 15.22 ? 413 TYR A OH  1 
ATOM   230  N N   . GLU A 1 40  ? 11.025  0.907   8.240   1.00 14.73 ? 414 GLU A N   1 
ATOM   231  C CA  . GLU A 1 40  ? 10.317  0.843   9.507   1.00 14.79 ? 414 GLU A CA  1 
ATOM   232  C C   . GLU A 1 40  ? 8.815   0.895   9.267   1.00 14.16 ? 414 GLU A C   1 
ATOM   233  O O   . GLU A 1 40  ? 8.330   1.829   8.636   1.00 14.01 ? 414 GLU A O   1 
ATOM   234  C CB  . GLU A 1 40  ? 10.786  1.959   10.450  1.00 14.67 ? 414 GLU A CB  1 
ATOM   235  C CG  . GLU A 1 40  ? 12.111  1.612   11.146  1.00 15.86 ? 414 GLU A CG  1 
ATOM   236  C CD  . GLU A 1 40  ? 12.797  2.796   11.808  1.00 16.06 ? 414 GLU A CD  1 
ATOM   237  O OE1 . GLU A 1 40  ? 14.012  2.690   12.098  1.00 18.17 ? 414 GLU A OE1 1 
ATOM   238  O OE2 . GLU A 1 40  ? 12.133  3.827   12.045  1.00 18.11 ? 414 GLU A OE2 1 
ATOM   239  N N   . PRO A 1 41  ? 8.081   -0.127  9.753   1.00 13.88 ? 415 PRO A N   1 
ATOM   240  C CA  . PRO A 1 41  ? 6.628   -0.207  9.594   1.00 13.31 ? 415 PRO A CA  1 
ATOM   241  C C   . PRO A 1 41  ? 5.893   0.949   10.277  1.00 13.03 ? 415 PRO A C   1 
ATOM   242  O O   . PRO A 1 41  ? 4.874   1.424   9.758   1.00 13.27 ? 415 PRO A O   1 
ATOM   243  C CB  . PRO A 1 41  ? 6.268   -1.536  10.268  1.00 13.33 ? 415 PRO A CB  1 
ATOM   244  C CG  . PRO A 1 41  ? 7.558   -2.312  10.342  1.00 13.64 ? 415 PRO A CG  1 
ATOM   245  C CD  . PRO A 1 41  ? 8.625   -1.289  10.486  1.00 13.67 ? 415 PRO A CD  1 
ATOM   246  N N   . GLY A 1 42  ? 6.411   1.407   11.413  1.00 12.48 ? 416 GLY A N   1 
ATOM   247  C CA  . GLY A 1 42  ? 5.767   2.463   12.196  1.00 12.06 ? 416 GLY A CA  1 
ATOM   248  C C   . GLY A 1 42  ? 4.787   1.879   13.195  1.00 11.80 ? 416 GLY A C   1 
ATOM   249  O O   . GLY A 1 42  ? 4.696   0.660   13.331  1.00 11.63 ? 416 GLY A O   1 
ATOM   250  N N   . GLU A 1 43  ? 4.057   2.740   13.901  1.00 11.76 ? 417 GLU A N   1 
ATOM   251  C CA  . GLU A 1 43  ? 3.064   2.265   14.865  1.00 11.85 ? 417 GLU A CA  1 
ATOM   252  C C   . GLU A 1 43  ? 1.710   1.979   14.201  1.00 11.81 ? 417 GLU A C   1 
ATOM   253  O O   . GLU A 1 43  ? 1.177   2.833   13.488  1.00 11.59 ? 417 GLU A O   1 
ATOM   254  C CB  . GLU A 1 43  ? 2.938   3.198   16.083  1.00 11.91 ? 417 GLU A CB  1 
ATOM   255  C CG  . GLU A 1 43  ? 2.065   4.446   15.927  1.00 12.35 ? 417 GLU A CG  1 
ATOM   256  C CD  . GLU A 1 43  ? 1.575   4.995   17.272  1.00 12.33 ? 417 GLU A CD  1 
ATOM   257  O OE1 . GLU A 1 43  ? 2.392   5.119   18.212  1.00 12.50 ? 417 GLU A OE1 1 
ATOM   258  O OE2 . GLU A 1 43  ? 0.369   5.309   17.389  1.00 13.27 ? 417 GLU A OE2 1 
ATOM   259  N N   . PRO A 1 44  ? 1.163   0.765   14.428  1.00 11.86 ? 418 PRO A N   1 
ATOM   260  C CA  . PRO A 1 44  ? -0.068  0.290   13.793  1.00 11.69 ? 418 PRO A CA  1 
ATOM   261  C C   . PRO A 1 44  ? -1.207  1.319   13.786  1.00 11.66 ? 418 PRO A C   1 
ATOM   262  O O   . PRO A 1 44  ? -1.549  1.908   14.817  1.00 11.59 ? 418 PRO A O   1 
ATOM   263  C CB  . PRO A 1 44  ? -0.450  -0.929  14.639  1.00 11.89 ? 418 PRO A CB  1 
ATOM   264  C CG  . PRO A 1 44  ? 0.838   -1.449  15.141  1.00 11.76 ? 418 PRO A CG  1 
ATOM   265  C CD  . PRO A 1 44  ? 1.721   -0.246  15.351  1.00 11.86 ? 418 PRO A CD  1 
ATOM   266  N N   . ASN A 1 45  ? -1.772  1.515   12.604  1.00 11.42 ? 419 ASN A N   1 
ATOM   267  C CA  . ASN A 1 45  ? -2.860  2.436   12.369  1.00 11.26 ? 419 ASN A CA  1 
ATOM   268  C C   . ASN A 1 45  ? -3.701  1.801   11.261  1.00 11.27 ? 419 ASN A C   1 
ATOM   269  O O   . ASN A 1 45  ? -3.231  0.885   10.580  1.00 11.22 ? 419 ASN A O   1 
ATOM   270  C CB  . ASN A 1 45  ? -2.281  3.787   11.934  1.00 11.28 ? 419 ASN A CB  1 
ATOM   271  C CG  . ASN A 1 45  ? -3.263  4.928   12.082  1.00 11.20 ? 419 ASN A CG  1 
ATOM   272  O OD1 . ASN A 1 45  ? -4.266  4.987   11.390  1.00 13.01 ? 419 ASN A OD1 1 
ATOM   273  N ND2 . ASN A 1 45  ? -2.964  5.853   12.978  1.00 12.23 ? 419 ASN A ND2 1 
ATOM   274  N N   A CYS A 1 46  ? -4.925  2.280   11.118  0.50 11.05 ? 420 CYS A N   1 
ATOM   275  N N   B CYS A 1 46  ? -4.946  2.260   11.063  0.50 11.26 ? 420 CYS A N   1 
ATOM   276  C CA  A CYS A 1 46  ? -5.797  1.784   10.045  0.50 10.89 ? 420 CYS A CA  1 
ATOM   277  C CA  B CYS A 1 46  ? -5.819  1.763   9.962   0.50 11.35 ? 420 CYS A CA  1 
ATOM   278  C C   A CYS A 1 46  ? -5.510  2.463   8.699   0.50 11.01 ? 420 CYS A C   1 
ATOM   279  C C   B CYS A 1 46  ? -5.382  2.376   8.638   0.50 11.25 ? 420 CYS A C   1 
ATOM   280  O O   A CYS A 1 46  ? -6.041  2.064   7.665   0.50 11.03 ? 420 CYS A O   1 
ATOM   281  O O   B CYS A 1 46  ? -5.674  1.847   7.566   0.50 11.29 ? 420 CYS A O   1 
ATOM   282  C CB  A CYS A 1 46  ? -7.275  1.909   10.422  0.50 10.70 ? 420 CYS A CB  1 
ATOM   283  C CB  B CYS A 1 46  ? -7.296  2.106   10.209  0.50 11.24 ? 420 CYS A CB  1 
ATOM   284  S SG  A CYS A 1 46  ? -7.868  3.594   10.562  0.50 10.07 ? 420 CYS A SG  1 
ATOM   285  S SG  B CYS A 1 46  ? -7.782  2.208   11.940  0.50 12.37 ? 420 CYS A SG  1 
ATOM   286  N N   . ARG A 1 47  ? -4.670  3.492   8.731   1.00 11.14 ? 421 ARG A N   1 
ATOM   287  C CA  . ARG A 1 47  ? -4.255  4.224   7.550   1.00 10.97 ? 421 ARG A CA  1 
ATOM   288  C C   . ARG A 1 47  ? -2.822  3.829   7.234   1.00 11.02 ? 421 ARG A C   1 
ATOM   289  O O   . ARG A 1 47  ? -1.967  3.767   8.129   1.00 11.01 ? 421 ARG A O   1 
ATOM   290  C CB  . ARG A 1 47  ? -4.364  5.718   7.826   1.00 10.87 ? 421 ARG A CB  1 
ATOM   291  C CG  . ARG A 1 47  ? -4.224  6.619   6.626   1.00 10.60 ? 421 ARG A CG  1 
ATOM   292  C CD  . ARG A 1 47  ? -3.846  7.988   7.148   1.00 11.82 ? 421 ARG A CD  1 
ATOM   293  N NE  . ARG A 1 47  ? -3.970  9.055   6.164   1.00 12.25 ? 421 ARG A NE  1 
ATOM   294  C CZ  . ARG A 1 47  ? -3.272  10.184  6.209   1.00 11.65 ? 421 ARG A CZ  1 
ATOM   295  N NH1 . ARG A 1 47  ? -2.385  10.383  7.175   1.00 10.59 ? 421 ARG A NH1 1 
ATOM   296  N NH2 . ARG A 1 47  ? -3.444  11.108  5.279   1.00 12.10 ? 421 ARG A NH2 1 
ATOM   297  N N   . ILE A 1 48  ? -2.579  3.537   5.960   1.00 10.83 ? 422 ILE A N   1 
ATOM   298  C CA  . ILE A 1 48  ? -1.264  3.136   5.478   1.00 10.59 ? 422 ILE A CA  1 
ATOM   299  C C   . ILE A 1 48  ? -0.665  4.160   4.517   1.00 10.77 ? 422 ILE A C   1 
ATOM   300  O O   . ILE A 1 48  ? -1.372  4.997   3.936   1.00 10.46 ? 422 ILE A O   1 
ATOM   301  C CB  . ILE A 1 48  ? -1.282  1.744   4.804   1.00 10.54 ? 422 ILE A CB  1 
ATOM   302  C CG1 . ILE A 1 48  ? -2.234  1.724   3.605   1.00 9.73  ? 422 ILE A CG1 1 
ATOM   303  C CG2 . ILE A 1 48  ? -1.659  0.682   5.811   1.00 10.69 ? 422 ILE A CG2 1 
ATOM   304  C CD1 . ILE A 1 48  ? -1.916  0.663   2.584   1.00 8.88  ? 422 ILE A CD1 1 
ATOM   305  N N   . TYR A 1 49  ? 0.649   4.074   4.366   1.00 10.92 ? 423 TYR A N   1 
ATOM   306  C CA  . TYR A 1 49  ? 1.410   4.988   3.546   1.00 11.16 ? 423 TYR A CA  1 
ATOM   307  C C   . TYR A 1 49  ? 2.222   4.166   2.549   1.00 11.15 ? 423 TYR A C   1 
ATOM   308  O O   . TYR A 1 49  ? 2.938   3.237   2.930   1.00 11.34 ? 423 TYR A O   1 
ATOM   309  C CB  . TYR A 1 49  ? 2.286   5.860   4.446   1.00 11.64 ? 423 TYR A CB  1 
ATOM   310  C CG  . TYR A 1 49  ? 3.313   6.702   3.730   1.00 12.64 ? 423 TYR A CG  1 
ATOM   311  C CD1 . TYR A 1 49  ? 2.930   7.670   2.795   1.00 13.40 ? 423 TYR A CD1 1 
ATOM   312  C CD2 . TYR A 1 49  ? 4.673   6.552   4.011   1.00 13.28 ? 423 TYR A CD2 1 
ATOM   313  C CE1 . TYR A 1 49  ? 3.874   8.453   2.143   1.00 13.88 ? 423 TYR A CE1 1 
ATOM   314  C CE2 . TYR A 1 49  ? 5.629   7.321   3.364   1.00 13.74 ? 423 TYR A CE2 1 
ATOM   315  C CZ  . TYR A 1 49  ? 5.222   8.272   2.432   1.00 14.13 ? 423 TYR A CZ  1 
ATOM   316  O OH  . TYR A 1 49  ? 6.168   9.037   1.789   1.00 14.08 ? 423 TYR A OH  1 
ATOM   317  N N   . VAL A 1 50  ? 2.064   4.483   1.267   1.00 11.09 ? 424 VAL A N   1 
ATOM   318  C CA  . VAL A 1 50  ? 2.690   3.728   0.176   1.00 11.01 ? 424 VAL A CA  1 
ATOM   319  C C   . VAL A 1 50  ? 3.598   4.662   -0.605  1.00 10.82 ? 424 VAL A C   1 
ATOM   320  O O   . VAL A 1 50  ? 3.155   5.703   -1.080  1.00 11.18 ? 424 VAL A O   1 
ATOM   321  C CB  . VAL A 1 50  ? 1.617   3.135   -0.790  1.00 11.12 ? 424 VAL A CB  1 
ATOM   322  C CG1 . VAL A 1 50  ? 2.254   2.311   -1.891  1.00 11.16 ? 424 VAL A CG1 1 
ATOM   323  C CG2 . VAL A 1 50  ? 0.601   2.294   -0.030  1.00 10.85 ? 424 VAL A CG2 1 
ATOM   324  N N   . LYS A 1 51  ? 4.869   4.310   -0.740  1.00 10.72 ? 425 LYS A N   1 
ATOM   325  C CA  . LYS A 1 51  ? 5.765   5.144   -1.549  1.00 10.56 ? 425 LYS A CA  1 
ATOM   326  C C   . LYS A 1 51  ? 6.452   4.364   -2.666  1.00 10.14 ? 425 LYS A C   1 
ATOM   327  O O   . LYS A 1 51  ? 6.206   3.176   -2.843  1.00 9.71  ? 425 LYS A O   1 
ATOM   328  C CB  . LYS A 1 51  ? 6.764   5.905   -0.675  1.00 10.83 ? 425 LYS A CB  1 
ATOM   329  C CG  . LYS A 1 51  ? 7.641   5.029   0.191   1.00 12.00 ? 425 LYS A CG  1 
ATOM   330  C CD  . LYS A 1 51  ? 8.499   5.875   1.116   1.00 14.33 ? 425 LYS A CD  1 
ATOM   331  C CE  . LYS A 1 51  ? 9.246   4.992   2.112   1.00 14.82 ? 425 LYS A CE  1 
ATOM   332  N NZ  . LYS A 1 51  ? 10.338  5.732   2.813   1.00 16.25 ? 425 LYS A NZ  1 
ATOM   333  N N   . ASN A 1 52  ? 7.295   5.056   -3.431  1.00 10.24 ? 426 ASN A N   1 
ATOM   334  C CA  . ASN A 1 52  ? 7.980   4.491   -4.591  1.00 10.07 ? 426 ASN A CA  1 
ATOM   335  C C   . ASN A 1 52  ? 6.981   4.018   -5.659  1.00 10.13 ? 426 ASN A C   1 
ATOM   336  O O   . ASN A 1 52  ? 7.146   2.962   -6.263  1.00 10.82 ? 426 ASN A O   1 
ATOM   337  C CB  . ASN A 1 52  ? 8.939   3.368   -4.165  1.00 9.68  ? 426 ASN A CB  1 
ATOM   338  C CG  . ASN A 1 52  ? 9.995   3.067   -5.211  1.00 9.72  ? 426 ASN A CG  1 
ATOM   339  O OD1 . ASN A 1 52  ? 10.605  3.976   -5.789  1.00 10.07 ? 426 ASN A OD1 1 
ATOM   340  N ND2 . ASN A 1 52  ? 10.227  1.782   -5.457  1.00 9.41  ? 426 ASN A ND2 1 
ATOM   341  N N   . LEU A 1 53  ? 5.940   4.806   -5.887  1.00 9.98  ? 427 LEU A N   1 
ATOM   342  C CA  . LEU A 1 53  ? 4.952   4.480   -6.919  1.00 9.73  ? 427 LEU A CA  1 
ATOM   343  C C   . LEU A 1 53  ? 5.353   5.120   -8.233  1.00 9.58  ? 427 LEU A C   1 
ATOM   344  O O   . LEU A 1 53  ? 5.902   6.215   -8.251  1.00 8.96  ? 427 LEU A O   1 
ATOM   345  C CB  . LEU A 1 53  ? 3.561   4.997   -6.527  1.00 9.66  ? 427 LEU A CB  1 
ATOM   346  C CG  . LEU A 1 53  ? 2.900   4.397   -5.288  1.00 8.75  ? 427 LEU A CG  1 
ATOM   347  C CD1 . LEU A 1 53  ? 1.676   5.209   -4.917  1.00 8.23  ? 427 LEU A CD1 1 
ATOM   348  C CD2 . LEU A 1 53  ? 2.548   2.948   -5.532  1.00 7.41  ? 427 LEU A CD2 1 
ATOM   349  N N   . ALA A 1 54  ? 5.072   4.428   -9.330  1.00 9.81  ? 428 ALA A N   1 
ATOM   350  C CA  . ALA A 1 54  ? 5.322   4.976   -10.662 1.00 9.75  ? 428 ALA A CA  1 
ATOM   351  C C   . ALA A 1 54  ? 4.465   6.216   -10.860 1.00 9.65  ? 428 ALA A C   1 
ATOM   352  O O   . ALA A 1 54  ? 3.354   6.306   -10.340 1.00 9.76  ? 428 ALA A O   1 
ATOM   353  C CB  . ALA A 1 54  ? 5.043   3.930   -11.743 1.00 9.51  ? 428 ALA A CB  1 
ATOM   354  N N   . LYS A 1 55  ? 4.992   7.171   -11.612 1.00 9.97  ? 429 LYS A N   1 
ATOM   355  C CA  . LYS A 1 55  ? 4.380   8.494   -11.730 1.00 10.40 ? 429 LYS A CA  1 
ATOM   356  C C   . LYS A 1 55  ? 3.005   8.470   -12.410 1.00 10.05 ? 429 LYS A C   1 
ATOM   357  O O   . LYS A 1 55  ? 2.179   9.353   -12.166 1.00 10.23 ? 429 LYS A O   1 
ATOM   358  C CB  . LYS A 1 55  ? 5.332   9.422   -12.480 1.00 10.55 ? 429 LYS A CB  1 
ATOM   359  C CG  . LYS A 1 55  ? 5.318   10.861  -12.014 1.00 12.48 ? 429 LYS A CG  1 
ATOM   360  C CD  . LYS A 1 55  ? 4.474   11.727  -12.940 1.00 15.04 ? 429 LYS A CD  1 
ATOM   361  C CE  . LYS A 1 55  ? 4.988   13.141  -13.005 1.00 15.34 ? 429 LYS A CE  1 
ATOM   362  N NZ  . LYS A 1 55  ? 4.545   13.944  -11.836 1.00 17.85 ? 429 LYS A NZ  1 
ATOM   363  N N   . HIS A 1 56  ? 2.762   7.460   -13.247 1.00 9.29  ? 430 HIS A N   1 
ATOM   364  C CA  . HIS A 1 56  ? 1.506   7.364   -13.993 1.00 8.64  ? 430 HIS A CA  1 
ATOM   365  C C   . HIS A 1 56  ? 0.468   6.436   -13.343 1.00 8.29  ? 430 HIS A C   1 
ATOM   366  O O   . HIS A 1 56  ? -0.510  6.050   -13.990 1.00 7.60  ? 430 HIS A O   1 
ATOM   367  C CB  . HIS A 1 56  ? 1.779   6.930   -15.432 1.00 8.50  ? 430 HIS A CB  1 
ATOM   368  C CG  . HIS A 1 56  ? 2.311   5.539   -15.542 1.00 8.23  ? 430 HIS A CG  1 
ATOM   369  N ND1 . HIS A 1 56  ? 3.619   5.220   -15.241 1.00 7.61  ? 430 HIS A ND1 1 
ATOM   370  C CD2 . HIS A 1 56  ? 1.711   4.380   -15.898 1.00 8.27  ? 430 HIS A CD2 1 
ATOM   371  C CE1 . HIS A 1 56  ? 3.803   3.923   -15.414 1.00 8.57  ? 430 HIS A CE1 1 
ATOM   372  N NE2 . HIS A 1 56  ? 2.663   3.389   -15.815 1.00 8.82  ? 430 HIS A NE2 1 
ATOM   373  N N   . VAL A 1 57  ? 0.677   6.091   -12.072 1.00 8.21  ? 431 VAL A N   1 
ATOM   374  C CA  . VAL A 1 57  ? -0.275  5.259   -11.323 1.00 8.56  ? 431 VAL A CA  1 
ATOM   375  C C   . VAL A 1 57  ? -1.583  6.021   -11.082 1.00 8.74  ? 431 VAL A C   1 
ATOM   376  O O   . VAL A 1 57  ? -1.553  7.168   -10.642 1.00 8.53  ? 431 VAL A O   1 
ATOM   377  C CB  . VAL A 1 57  ? 0.321   4.765   -9.963  1.00 9.04  ? 431 VAL A CB  1 
ATOM   378  C CG1 . VAL A 1 57  ? -0.757  4.086   -9.077  1.00 7.92  ? 431 VAL A CG1 1 
ATOM   379  C CG2 . VAL A 1 57  ? 1.529   3.828   -10.189 1.00 8.79  ? 431 VAL A CG2 1 
ATOM   380  N N   . GLN A 1 58  ? -2.718  5.388   -11.385 1.00 9.17  ? 432 GLN A N   1 
ATOM   381  C CA  . GLN A 1 58  ? -4.040  5.968   -11.126 1.00 9.81  ? 432 GLN A CA  1 
ATOM   382  C C   . GLN A 1 58  ? -4.672  5.415   -9.847  1.00 10.71 ? 432 GLN A C   1 
ATOM   383  O O   . GLN A 1 58  ? -4.232  4.397   -9.319  1.00 10.65 ? 432 GLN A O   1 
ATOM   384  C CB  . GLN A 1 58  ? -4.977  5.712   -12.301 1.00 9.74  ? 432 GLN A CB  1 
ATOM   385  C CG  . GLN A 1 58  ? -4.531  6.302   -13.629 1.00 9.11  ? 432 GLN A CG  1 
ATOM   386  C CD  . GLN A 1 58  ? -5.354  5.766   -14.779 1.00 9.34  ? 432 GLN A CD  1 
ATOM   387  O OE1 . GLN A 1 58  ? -6.506  6.159   -14.969 1.00 11.24 ? 432 GLN A OE1 1 
ATOM   388  N NE2 . GLN A 1 58  ? -4.774  4.857   -15.552 1.00 8.20  ? 432 GLN A NE2 1 
ATOM   389  N N   . GLU A 1 59  ? -5.703  6.096   -9.347  1.00 11.89 ? 433 GLU A N   1 
ATOM   390  C CA  . GLU A 1 59  ? -6.429  5.634   -8.164  1.00 13.21 ? 433 GLU A CA  1 
ATOM   391  C C   . GLU A 1 59  ? -6.944  4.197   -8.324  1.00 13.11 ? 433 GLU A C   1 
ATOM   392  O O   . GLU A 1 59  ? -6.780  3.382   -7.423  1.00 12.95 ? 433 GLU A O   1 
ATOM   393  C CB  . GLU A 1 59  ? -7.587  6.578   -7.821  1.00 13.12 ? 433 GLU A CB  1 
ATOM   394  C CG  . GLU A 1 59  ? -8.331  6.179   -6.535  1.00 14.66 ? 433 GLU A CG  1 
ATOM   395  C CD  . GLU A 1 59  ? -9.558  7.032   -6.230  1.00 15.44 ? 433 GLU A CD  1 
ATOM   396  O OE1 . GLU A 1 59  ? -10.405 6.575   -5.424  1.00 19.07 ? 433 GLU A OE1 1 
ATOM   397  O OE2 . GLU A 1 59  ? -9.687  8.151   -6.782  1.00 18.22 ? 433 GLU A OE2 1 
ATOM   398  N N   . LYS A 1 60  ? -7.549  3.892   -9.472  1.00 13.48 ? 434 LYS A N   1 
ATOM   399  C CA  . LYS A 1 60  ? -8.060  2.543   -9.732  1.00 13.96 ? 434 LYS A CA  1 
ATOM   400  C C   . LYS A 1 60  ? -7.001  1.432   -9.753  1.00 14.13 ? 434 LYS A C   1 
ATOM   401  O O   . LYS A 1 60  ? -7.345  0.266   -9.580  1.00 14.77 ? 434 LYS A O   1 
ATOM   402  C CB  . LYS A 1 60  ? -8.947  2.491   -10.981 1.00 14.04 ? 434 LYS A CB  1 
ATOM   403  C CG  . LYS A 1 60  ? -8.353  3.075   -12.245 1.00 15.02 ? 434 LYS A CG  1 
ATOM   404  C CD  . LYS A 1 60  ? -7.951  2.008   -13.229 1.00 16.90 ? 434 LYS A CD  1 
ATOM   405  C CE  . LYS A 1 60  ? -8.045  2.556   -14.644 1.00 18.04 ? 434 LYS A CE  1 
ATOM   406  N NZ  . LYS A 1 60  ? -7.349  1.686   -15.636 1.00 19.09 ? 434 LYS A NZ  1 
ATOM   407  N N   . ASP A 1 61  ? -5.732  1.784   -9.948  1.00 14.00 ? 435 ASP A N   1 
ATOM   408  C CA  . ASP A 1 61  ? -4.640  0.801   -9.849  1.00 14.05 ? 435 ASP A CA  1 
ATOM   409  C C   . ASP A 1 61  ? -4.415  0.365   -8.395  1.00 13.99 ? 435 ASP A C   1 
ATOM   410  O O   . ASP A 1 61  ? -4.204  -0.819  -8.109  1.00 13.75 ? 435 ASP A O   1 
ATOM   411  C CB  . ASP A 1 61  ? -3.336  1.349   -10.450 1.00 13.71 ? 435 ASP A CB  1 
ATOM   412  C CG  . ASP A 1 61  ? -3.456  1.671   -11.941 1.00 14.83 ? 435 ASP A CG  1 
ATOM   413  O OD1 . ASP A 1 61  ? -4.025  0.852   -12.709 1.00 14.93 ? 435 ASP A OD1 1 
ATOM   414  O OD2 . ASP A 1 61  ? -2.970  2.752   -12.352 1.00 15.15 ? 435 ASP A OD2 1 
ATOM   415  N N   . LEU A 1 62  ? -4.464  1.340   -7.485  1.00 14.09 ? 436 LEU A N   1 
ATOM   416  C CA  . LEU A 1 62  ? -4.281  1.107   -6.054  1.00 13.84 ? 436 LEU A CA  1 
ATOM   417  C C   . LEU A 1 62  ? -5.516  0.519   -5.399  1.00 13.55 ? 436 LEU A C   1 
ATOM   418  O O   . LEU A 1 62  ? -5.409  -0.172  -4.390  1.00 13.52 ? 436 LEU A O   1 
ATOM   419  C CB  . LEU A 1 62  ? -3.901  2.408   -5.355  1.00 13.78 ? 436 LEU A CB  1 
ATOM   420  C CG  . LEU A 1 62  ? -2.513  2.922   -5.733  1.00 14.46 ? 436 LEU A CG  1 
ATOM   421  C CD1 . LEU A 1 62  ? -2.240  4.215   -5.012  1.00 13.13 ? 436 LEU A CD1 1 
ATOM   422  C CD2 . LEU A 1 62  ? -1.424  1.887   -5.417  1.00 13.66 ? 436 LEU A CD2 1 
ATOM   423  N N   . LYS A 1 63  ? -6.685  0.808   -5.970  1.00 13.48 ? 437 LYS A N   1 
ATOM   424  C CA  . LYS A 1 63  ? -7.941  0.222   -5.508  1.00 13.26 ? 437 LYS A CA  1 
ATOM   425  C C   . LYS A 1 63  ? -7.939  -1.273  -5.783  1.00 12.89 ? 437 LYS A C   1 
ATOM   426  O O   . LYS A 1 63  ? -8.327  -2.060  -4.921  1.00 13.02 ? 437 LYS A O   1 
ATOM   427  C CB  . LYS A 1 63  ? -9.159  0.895   -6.157  1.00 13.37 ? 437 LYS A CB  1 
ATOM   428  C CG  . LYS A 1 63  ? -10.475 0.212   -5.823  1.00 13.97 ? 437 LYS A CG  1 
ATOM   429  C CD  . LYS A 1 63  ? -11.639 0.936   -6.443  1.00 17.11 ? 437 LYS A CD  1 
ATOM   430  C CE  . LYS A 1 63  ? -12.927 0.117   -6.338  1.00 18.20 ? 437 LYS A CE  1 
ATOM   431  N NZ  . LYS A 1 63  ? -12.893 -1.115  -7.186  1.00 18.28 ? 437 LYS A NZ  1 
ATOM   432  N N   . TYR A 1 64  ? -7.497  -1.647  -6.983  1.00 12.06 ? 438 TYR A N   1 
ATOM   433  C CA  . TYR A 1 64  ? -7.304  -3.039  -7.345  1.00 11.76 ? 438 TYR A CA  1 
ATOM   434  C C   . TYR A 1 64  ? -6.462  -3.810  -6.303  1.00 11.77 ? 438 TYR A C   1 
ATOM   435  O O   . TYR A 1 64  ? -6.806  -4.928  -5.907  1.00 11.65 ? 438 TYR A O   1 
ATOM   436  C CB  . TYR A 1 64  ? -6.675  -3.140  -8.745  1.00 11.73 ? 438 TYR A CB  1 
ATOM   437  C CG  . TYR A 1 64  ? -6.482  -4.565  -9.200  1.00 11.28 ? 438 TYR A CG  1 
ATOM   438  C CD1 . TYR A 1 64  ? -7.555  -5.306  -9.705  1.00 11.91 ? 438 TYR A CD1 1 
ATOM   439  C CD2 . TYR A 1 64  ? -5.241  -5.181  -9.099  1.00 11.00 ? 438 TYR A CD2 1 
ATOM   440  C CE1 . TYR A 1 64  ? -7.393  -6.633  -10.109 1.00 11.86 ? 438 TYR A CE1 1 
ATOM   441  C CE2 . TYR A 1 64  ? -5.060  -6.498  -9.500  1.00 12.21 ? 438 TYR A CE2 1 
ATOM   442  C CZ  . TYR A 1 64  ? -6.141  -7.219  -10.002 1.00 12.12 ? 438 TYR A CZ  1 
ATOM   443  O OH  . TYR A 1 64  ? -5.962  -8.518  -10.398 1.00 11.70 ? 438 TYR A OH  1 
ATOM   444  N N   . ILE A 1 65  ? -5.371  -3.203  -5.851  1.00 11.75 ? 439 ILE A N   1 
ATOM   445  C CA  . ILE A 1 65  ? -4.481  -3.839  -4.877  1.00 12.02 ? 439 ILE A CA  1 
ATOM   446  C C   . ILE A 1 65  ? -5.073  -3.792  -3.465  1.00 12.15 ? 439 ILE A C   1 
ATOM   447  O O   . ILE A 1 65  ? -5.263  -4.828  -2.817  1.00 12.68 ? 439 ILE A O   1 
ATOM   448  C CB  . ILE A 1 65  ? -3.051  -3.203  -4.902  1.00 11.85 ? 439 ILE A CB  1 
ATOM   449  C CG1 . ILE A 1 65  ? -2.393  -3.443  -6.261  1.00 12.02 ? 439 ILE A CG1 1 
ATOM   450  C CG2 . ILE A 1 65  ? -2.180  -3.760  -3.790  1.00 11.23 ? 439 ILE A CG2 1 
ATOM   451  C CD1 . ILE A 1 65  ? -1.239  -2.517  -6.556  1.00 13.37 ? 439 ILE A CD1 1 
ATOM   452  N N   . PHE A 1 66  ? -5.384  -2.594  -2.996  1.00 12.11 ? 440 PHE A N   1 
ATOM   453  C CA  . PHE A 1 66  ? -5.745  -2.418  -1.603  1.00 12.44 ? 440 PHE A CA  1 
ATOM   454  C C   . PHE A 1 66  ? -7.244  -2.572  -1.334  1.00 12.73 ? 440 PHE A C   1 
ATOM   455  O O   . PHE A 1 66  ? -7.685  -2.527  -0.179  1.00 13.58 ? 440 PHE A O   1 
ATOM   456  C CB  . PHE A 1 66  ? -5.174  -1.100  -1.073  1.00 12.37 ? 440 PHE A CB  1 
ATOM   457  C CG  . PHE A 1 66  ? -3.674  -1.023  -1.171  1.00 12.66 ? 440 PHE A CG  1 
ATOM   458  C CD1 . PHE A 1 66  ? -2.868  -1.714  -0.277  1.00 12.62 ? 440 PHE A CD1 1 
ATOM   459  C CD2 . PHE A 1 66  ? -3.066  -0.286  -2.176  1.00 13.31 ? 440 PHE A CD2 1 
ATOM   460  C CE1 . PHE A 1 66  ? -1.483  -1.651  -0.374  1.00 13.00 ? 440 PHE A CE1 1 
ATOM   461  C CE2 . PHE A 1 66  ? -1.677  -0.213  -2.275  1.00 12.44 ? 440 PHE A CE2 1 
ATOM   462  C CZ  . PHE A 1 66  ? -0.889  -0.897  -1.375  1.00 12.50 ? 440 PHE A CZ  1 
ATOM   463  N N   . GLY A 1 67  ? -8.019  -2.794  -2.391  1.00 12.38 ? 441 GLY A N   1 
ATOM   464  C CA  . GLY A 1 67  ? -9.432  -3.113  -2.243  1.00 11.97 ? 441 GLY A CA  1 
ATOM   465  C C   . GLY A 1 67  ? -9.622  -4.495  -1.649  1.00 11.64 ? 441 GLY A C   1 
ATOM   466  O O   . GLY A 1 67  ? -10.702 -4.831  -1.187  1.00 12.23 ? 441 GLY A O   1 
ATOM   467  N N   . ARG A 1 68  ? -8.560  -5.290  -1.659  1.00 11.34 ? 442 ARG A N   1 
ATOM   468  C CA  . ARG A 1 68  ? -8.570  -6.650  -1.122  1.00 10.84 ? 442 ARG A CA  1 
ATOM   469  C C   . ARG A 1 68  ? -8.806  -6.665  0.397   1.00 11.03 ? 442 ARG A C   1 
ATOM   470  O O   . ARG A 1 68  ? -9.346  -7.618  0.952   1.00 11.50 ? 442 ARG A O   1 
ATOM   471  C CB  . ARG A 1 68  ? -7.247  -7.333  -1.489  1.00 10.90 ? 442 ARG A CB  1 
ATOM   472  C CG  . ARG A 1 68  ? -6.800  -8.476  -0.594  1.00 9.92  ? 442 ARG A CG  1 
ATOM   473  C CD  . ARG A 1 68  ? -5.520  -9.120  -1.128  1.00 9.80  ? 442 ARG A CD  1 
ATOM   474  N NE  . ARG A 1 68  ? -4.993  -10.120 -0.208  1.00 8.56  ? 442 ARG A NE  1 
ATOM   475  C CZ  . ARG A 1 68  ? -5.480  -11.353 -0.074  1.00 9.16  ? 442 ARG A CZ  1 
ATOM   476  N NH1 . ARG A 1 68  ? -6.516  -11.759 -0.803  1.00 8.69  ? 442 ARG A NH1 1 
ATOM   477  N NH2 . ARG A 1 68  ? -4.929  -12.184 0.799   1.00 10.10 ? 442 ARG A NH2 1 
ATOM   478  N N   . TYR A 1 69  ? -8.409  -5.593  1.061   1.00 10.89 ? 443 TYR A N   1 
ATOM   479  C CA  . TYR A 1 69  ? -8.523  -5.512  2.507   1.00 10.65 ? 443 TYR A CA  1 
ATOM   480  C C   . TYR A 1 69  ? -9.795  -4.800  2.935   1.00 10.44 ? 443 TYR A C   1 
ATOM   481  O O   . TYR A 1 69  ? -9.872  -4.265  4.034   1.00 10.46 ? 443 TYR A O   1 
ATOM   482  C CB  . TYR A 1 69  ? -7.262  -4.838  3.065   1.00 10.53 ? 443 TYR A CB  1 
ATOM   483  C CG  . TYR A 1 69  ? -6.016  -5.472  2.496   1.00 10.10 ? 443 TYR A CG  1 
ATOM   484  C CD1 . TYR A 1 69  ? -5.623  -6.743  2.896   1.00 9.77  ? 443 TYR A CD1 1 
ATOM   485  C CD2 . TYR A 1 69  ? -5.264  -4.826  1.518   1.00 10.86 ? 443 TYR A CD2 1 
ATOM   486  C CE1 . TYR A 1 69  ? -4.504  -7.344  2.365   1.00 10.55 ? 443 TYR A CE1 1 
ATOM   487  C CE2 . TYR A 1 69  ? -4.128  -5.424  0.977   1.00 10.63 ? 443 TYR A CE2 1 
ATOM   488  C CZ  . TYR A 1 69  ? -3.757  -6.685  1.407   1.00 10.46 ? 443 TYR A CZ  1 
ATOM   489  O OH  . TYR A 1 69  ? -2.637  -7.300  0.886   1.00 10.56 ? 443 TYR A OH  1 
ATOM   490  N N   . VAL A 1 70  ? -10.791 -4.806  2.050   1.00 10.57 ? 444 VAL A N   1 
ATOM   491  C CA  . VAL A 1 70  ? -12.059 -4.102  2.262   1.00 10.55 ? 444 VAL A CA  1 
ATOM   492  C C   . VAL A 1 70  ? -13.228 -5.003  1.881   1.00 10.61 ? 444 VAL A C   1 
ATOM   493  O O   . VAL A 1 70  ? -13.234 -5.612  0.810   1.00 10.44 ? 444 VAL A O   1 
ATOM   494  C CB  . VAL A 1 70  ? -12.154 -2.792  1.405   1.00 10.75 ? 444 VAL A CB  1 
ATOM   495  C CG1 . VAL A 1 70  ? -13.505 -2.071  1.625   1.00 10.42 ? 444 VAL A CG1 1 
ATOM   496  C CG2 . VAL A 1 70  ? -10.993 -1.846  1.695   1.00 10.01 ? 444 VAL A CG2 1 
ATOM   497  N N   . ASP A 1 71  ? -14.213 -5.090  2.767   1.00 10.74 ? 445 ASP A N   1 
ATOM   498  C CA  . ASP A 1 71  ? -15.491 -5.683  2.411   1.00 10.63 ? 445 ASP A CA  1 
ATOM   499  C C   . ASP A 1 71  ? -16.383 -4.569  1.868   1.00 10.60 ? 445 ASP A C   1 
ATOM   500  O O   . ASP A 1 71  ? -17.026 -3.847  2.631   1.00 10.56 ? 445 ASP A O   1 
ATOM   501  C CB  . ASP A 1 71  ? -16.131 -6.356  3.628   1.00 10.81 ? 445 ASP A CB  1 
ATOM   502  C CG  . ASP A 1 71  ? -17.324 -7.236  3.262   1.00 11.41 ? 445 ASP A CG  1 
ATOM   503  O OD1 . ASP A 1 71  ? -17.819 -7.156  2.114   1.00 11.93 ? 445 ASP A OD1 1 
ATOM   504  O OD2 . ASP A 1 71  ? -17.775 -8.012  4.133   1.00 12.26 ? 445 ASP A OD2 1 
ATOM   505  N N   . PHE A 1 72  ? -16.411 -4.429  0.545   1.00 10.64 ? 446 PHE A N   1 
ATOM   506  C CA  . PHE A 1 72  ? -17.222 -3.398  -0.109  1.00 10.86 ? 446 PHE A CA  1 
ATOM   507  C C   . PHE A 1 72  ? -18.731 -3.596  0.050   1.00 10.86 ? 446 PHE A C   1 
ATOM   508  O O   . PHE A 1 72  ? -19.505 -2.697  -0.274  1.00 10.98 ? 446 PHE A O   1 
ATOM   509  C CB  . PHE A 1 72  ? -16.874 -3.281  -1.597  1.00 11.00 ? 446 PHE A CB  1 
ATOM   510  C CG  . PHE A 1 72  ? -15.523 -2.680  -1.862  1.00 11.82 ? 446 PHE A CG  1 
ATOM   511  C CD1 . PHE A 1 72  ? -15.362 -1.291  -1.942  1.00 12.95 ? 446 PHE A CD1 1 
ATOM   512  C CD2 . PHE A 1 72  ? -14.404 -3.499  -2.047  1.00 12.39 ? 446 PHE A CD2 1 
ATOM   513  C CE1 . PHE A 1 72  ? -14.096 -0.723  -2.194  1.00 13.18 ? 446 PHE A CE1 1 
ATOM   514  C CE2 . PHE A 1 72  ? -13.139 -2.942  -2.295  1.00 13.17 ? 446 PHE A CE2 1 
ATOM   515  C CZ  . PHE A 1 72  ? -12.987 -1.552  -2.372  1.00 12.52 ? 446 PHE A CZ  1 
ATOM   516  N N   . SER A 1 73  ? -19.152 -4.764  0.533   1.00 10.83 ? 447 SER A N   1 
ATOM   517  C CA  . SER A 1 73  ? -20.573 -5.002  0.801   1.00 10.86 ? 447 SER A CA  1 
ATOM   518  C C   . SER A 1 73  ? -21.025 -4.345  2.109   1.00 11.01 ? 447 SER A C   1 
ATOM   519  O O   . SER A 1 73  ? -22.210 -4.107  2.311   1.00 10.96 ? 447 SER A O   1 
ATOM   520  C CB  . SER A 1 73  ? -20.900 -6.500  0.781   1.00 10.70 ? 447 SER A CB  1 
ATOM   521  O OG  . SER A 1 73  ? -20.735 -7.108  2.050   1.00 10.37 ? 447 SER A OG  1 
ATOM   522  N N   . SER A 1 74  ? -20.065 -4.050  2.984   1.00 11.44 ? 448 SER A N   1 
ATOM   523  C CA  . SER A 1 74  ? -20.327 -3.391  4.262   1.00 11.84 ? 448 SER A CA  1 
ATOM   524  C C   . SER A 1 74  ? -20.183 -1.877  4.124   1.00 12.06 ? 448 SER A C   1 
ATOM   525  O O   . SER A 1 74  ? -19.119 -1.386  3.739   1.00 12.21 ? 448 SER A O   1 
ATOM   526  C CB  . SER A 1 74  ? -19.365 -3.918  5.332   1.00 11.75 ? 448 SER A CB  1 
ATOM   527  O OG  . SER A 1 74  ? -19.209 -2.995  6.398   1.00 11.76 ? 448 SER A OG  1 
ATOM   528  N N   . GLU A 1 75  ? -21.250 -1.147  4.449   1.00 12.40 ? 449 GLU A N   1 
ATOM   529  C CA  . GLU A 1 75  ? -21.236 0.312   4.384   1.00 12.81 ? 449 GLU A CA  1 
ATOM   530  C C   . GLU A 1 75  ? -20.170 0.901   5.299   1.00 12.88 ? 449 GLU A C   1 
ATOM   531  O O   . GLU A 1 75  ? -19.414 1.767   4.874   1.00 13.17 ? 449 GLU A O   1 
ATOM   532  C CB  . GLU A 1 75  ? -22.604 0.907   4.714   1.00 12.94 ? 449 GLU A CB  1 
ATOM   533  C CG  . GLU A 1 75  ? -22.781 2.329   4.194   1.00 14.14 ? 449 GLU A CG  1 
ATOM   534  C CD  . GLU A 1 75  ? -24.031 3.007   4.738   1.00 16.31 ? 449 GLU A CD  1 
ATOM   535  O OE1 . GLU A 1 75  ? -24.025 3.398   5.927   1.00 17.58 ? 449 GLU A OE1 1 
ATOM   536  O OE2 . GLU A 1 75  ? -25.017 3.160   3.979   1.00 16.15 ? 449 GLU A OE2 1 
ATOM   537  N N   . THR A 1 76  ? -20.097 0.414   6.536   1.00 13.08 ? 450 THR A N   1 
ATOM   538  C CA  . THR A 1 76  ? -19.054 0.828   7.477   1.00 13.47 ? 450 THR A CA  1 
ATOM   539  C C   . THR A 1 76  ? -17.673 0.813   6.811   1.00 13.56 ? 450 THR A C   1 
ATOM   540  O O   . THR A 1 76  ? -16.953 1.810   6.846   1.00 13.63 ? 450 THR A O   1 
ATOM   541  C CB  . THR A 1 76  ? -19.029 -0.060  8.744   1.00 13.59 ? 450 THR A CB  1 
ATOM   542  O OG1 . THR A 1 76  ? -20.364 -0.232  9.240   1.00 14.05 ? 450 THR A OG1 1 
ATOM   543  C CG2 . THR A 1 76  ? -18.169 0.576   9.833   1.00 13.74 ? 450 THR A CG2 1 
ATOM   544  N N   . GLN A 1 77  ? -17.331 -0.302  6.172   1.00 13.65 ? 451 GLN A N   1 
ATOM   545  C CA  . GLN A 1 77  ? -16.011 -0.467  5.572   1.00 13.64 ? 451 GLN A CA  1 
ATOM   546  C C   . GLN A 1 77  ? -15.803 0.345   4.292   1.00 13.90 ? 451 GLN A C   1 
ATOM   547  O O   . GLN A 1 77  ? -14.690 0.767   4.007   1.00 13.91 ? 451 GLN A O   1 
ATOM   548  C CB  . GLN A 1 77  ? -15.685 -1.949  5.368   1.00 13.54 ? 451 GLN A CB  1 
ATOM   549  C CG  . GLN A 1 77  ? -15.612 -2.732  6.687   1.00 13.00 ? 451 GLN A CG  1 
ATOM   550  C CD  . GLN A 1 77  ? -14.829 -4.038  6.593   1.00 12.51 ? 451 GLN A CD  1 
ATOM   551  O OE1 . GLN A 1 77  ? -13.935 -4.202  5.756   1.00 11.61 ? 451 GLN A OE1 1 
ATOM   552  N NE2 . GLN A 1 77  ? -15.161 -4.973  7.470   1.00 12.28 ? 451 GLN A NE2 1 
ATOM   553  N N   . ARG A 1 78  ? -16.867 0.576   3.529   1.00 14.32 ? 452 ARG A N   1 
ATOM   554  C CA  . ARG A 1 78  ? -16.784 1.443   2.347   1.00 14.70 ? 452 ARG A CA  1 
ATOM   555  C C   . ARG A 1 78  ? -16.471 2.901   2.694   1.00 15.06 ? 452 ARG A C   1 
ATOM   556  O O   . ARG A 1 78  ? -15.682 3.546   2.005   1.00 15.25 ? 452 ARG A O   1 
ATOM   557  C CB  . ARG A 1 78  ? -18.086 1.393   1.560   1.00 14.66 ? 452 ARG A CB  1 
ATOM   558  C CG  . ARG A 1 78  ? -18.020 0.578   0.305   1.00 14.46 ? 452 ARG A CG  1 
ATOM   559  C CD  . ARG A 1 78  ? -19.272 0.794   -0.510  1.00 14.30 ? 452 ARG A CD  1 
ATOM   560  N NE  . ARG A 1 78  ? -20.387 0.004   0.010   1.00 15.10 ? 452 ARG A NE  1 
ATOM   561  C CZ  . ARG A 1 78  ? -21.420 0.491   0.688   1.00 14.61 ? 452 ARG A CZ  1 
ATOM   562  N NH1 . ARG A 1 78  ? -22.373 -0.331  1.102   1.00 14.79 ? 452 ARG A NH1 1 
ATOM   563  N NH2 . ARG A 1 78  ? -21.511 1.790   0.944   1.00 14.94 ? 452 ARG A NH2 1 
ATOM   564  N N   . ILE A 1 79  ? -17.116 3.407   3.747   1.00 15.25 ? 453 ILE A N   1 
ATOM   565  C CA  . ILE A 1 79  ? -16.896 4.756   4.272   1.00 15.77 ? 453 ILE A CA  1 
ATOM   566  C C   . ILE A 1 79  ? -15.453 4.950   4.777   1.00 16.01 ? 453 ILE A C   1 
ATOM   567  O O   . ILE A 1 79  ? -14.876 6.034   4.661   1.00 15.94 ? 453 ILE A O   1 
ATOM   568  C CB  . ILE A 1 79  ? -17.904 5.069   5.432   1.00 15.80 ? 453 ILE A CB  1 
ATOM   569  C CG1 . ILE A 1 79  ? -19.371 5.008   4.955   1.00 16.28 ? 453 ILE A CG1 1 
ATOM   570  C CG2 . ILE A 1 79  ? -17.580 6.399   6.122   1.00 16.32 ? 453 ILE A CG2 1 
ATOM   571  C CD1 . ILE A 1 79  ? -19.800 6.065   3.934   1.00 16.88 ? 453 ILE A CD1 1 
ATOM   572  N N   . MET A 1 80  ? -14.879 3.896   5.343   1.00 16.44 ? 454 MET A N   1 
ATOM   573  C CA  . MET A 1 80  ? -13.531 3.959   5.893   1.00 16.97 ? 454 MET A CA  1 
ATOM   574  C C   . MET A 1 80  ? -12.464 3.920   4.799   1.00 16.75 ? 454 MET A C   1 
ATOM   575  O O   . MET A 1 80  ? -11.342 4.376   5.014   1.00 16.86 ? 454 MET A O   1 
ATOM   576  C CB  . MET A 1 80  ? -13.294 2.797   6.857   1.00 17.37 ? 454 MET A CB  1 
ATOM   577  C CG  . MET A 1 80  ? -14.304 2.650   7.956   1.00 18.65 ? 454 MET A CG  1 
ATOM   578  S SD  . MET A 1 80  ? -13.748 3.430   9.462   1.00 23.98 ? 454 MET A SD  1 
ATOM   579  C CE  . MET A 1 80  ? -14.534 5.045   9.347   1.00 23.28 ? 454 MET A CE  1 
ATOM   580  N N   . PHE A 1 81  ? -12.812 3.361   3.644   1.00 16.64 ? 455 PHE A N   1 
ATOM   581  C CA  . PHE A 1 81  ? -11.864 3.202   2.545   1.00 17.01 ? 455 PHE A CA  1 
ATOM   582  C C   . PHE A 1 81  ? -11.617 4.513   1.798   1.00 17.10 ? 455 PHE A C   1 
ATOM   583  O O   . PHE A 1 81  ? -12.544 5.122   1.274   1.00 17.27 ? 455 PHE A O   1 
ATOM   584  C CB  . PHE A 1 81  ? -12.335 2.114   1.579   1.00 16.87 ? 455 PHE A CB  1 
ATOM   585  C CG  . PHE A 1 81  ? -11.303 1.710   0.553   1.00 17.37 ? 455 PHE A CG  1 
ATOM   586  C CD1 . PHE A 1 81  ? -10.041 1.268   0.942   1.00 17.12 ? 455 PHE A CD1 1 
ATOM   587  C CD2 . PHE A 1 81  ? -11.607 1.749   -0.812  1.00 17.48 ? 455 PHE A CD2 1 
ATOM   588  C CE1 . PHE A 1 81  ? -9.089  0.876   -0.011  1.00 16.84 ? 455 PHE A CE1 1 
ATOM   589  C CE2 . PHE A 1 81  ? -10.662 1.359   -1.767  1.00 16.89 ? 455 PHE A CE2 1 
ATOM   590  C CZ  . PHE A 1 81  ? -9.399  0.920   -1.361  1.00 16.79 ? 455 PHE A CZ  1 
ATOM   591  N N   . ASP A 1 82  ? -10.356 4.935   1.751   1.00 17.09 ? 456 ASP A N   1 
ATOM   592  C CA  . ASP A 1 82  ? -9.981  6.154   1.054   1.00 17.22 ? 456 ASP A CA  1 
ATOM   593  C C   . ASP A 1 82  ? -8.589  6.045   0.421   1.00 16.36 ? 456 ASP A C   1 
ATOM   594  O O   . ASP A 1 82  ? -7.654  5.563   1.061   1.00 15.96 ? 456 ASP A O   1 
ATOM   595  C CB  . ASP A 1 82  ? -10.031 7.340   2.023   1.00 17.76 ? 456 ASP A CB  1 
ATOM   596  C CG  . ASP A 1 82  ? -9.955  8.676   1.308   1.00 20.58 ? 456 ASP A CG  1 
ATOM   597  O OD1 . ASP A 1 82  ? -10.884 8.977   0.525   1.00 22.89 ? 456 ASP A OD1 1 
ATOM   598  O OD2 . ASP A 1 82  ? -8.967  9.425   1.519   1.00 23.73 ? 456 ASP A OD2 1 
ATOM   599  N N   . ILE A 1 83  ? -8.464  6.481   -0.832  1.00 15.75 ? 457 ILE A N   1 
ATOM   600  C CA  . ILE A 1 83  ? -7.152  6.588   -1.499  1.00 15.21 ? 457 ILE A CA  1 
ATOM   601  C C   . ILE A 1 83  ? -6.828  8.023   -1.927  1.00 14.91 ? 457 ILE A C   1 
ATOM   602  O O   . ILE A 1 83  ? -7.622  8.655   -2.619  1.00 14.56 ? 457 ILE A O   1 
ATOM   603  C CB  . ILE A 1 83  ? -7.036  5.672   -2.752  1.00 15.32 ? 457 ILE A CB  1 
ATOM   604  C CG1 . ILE A 1 83  ? -7.291  4.205   -2.394  1.00 14.89 ? 457 ILE A CG1 1 
ATOM   605  C CG2 . ILE A 1 83  ? -5.650  5.820   -3.416  1.00 14.42 ? 457 ILE A CG2 1 
ATOM   606  C CD1 . ILE A 1 83  ? -7.711  3.362   -3.580  1.00 13.87 ? 457 ILE A CD1 1 
ATOM   607  N N   . ARG A 1 84  ? -5.659  8.519   -1.518  1.00 14.62 ? 458 ARG A N   1 
ATOM   608  C CA  . ARG A 1 84  ? -5.131  9.800   -2.019  1.00 14.09 ? 458 ARG A CA  1 
ATOM   609  C C   . ARG A 1 84  ? -3.754  9.606   -2.641  1.00 14.04 ? 458 ARG A C   1 
ATOM   610  O O   . ARG A 1 84  ? -2.844  9.124   -1.984  1.00 13.95 ? 458 ARG A O   1 
ATOM   611  C CB  . ARG A 1 84  ? -5.023  10.841  -0.896  1.00 13.63 ? 458 ARG A CB  1 
ATOM   612  C CG  . ARG A 1 84  ? -6.326  11.433  -0.427  1.00 12.74 ? 458 ARG A CG  1 
ATOM   613  C CD  . ARG A 1 84  ? -6.986  12.295  -1.484  1.00 11.09 ? 458 ARG A CD  1 
ATOM   614  N NE  . ARG A 1 84  ? -8.267  12.808  -1.016  1.00 9.42  ? 458 ARG A NE  1 
ATOM   615  C CZ  . ARG A 1 84  ? -8.430  13.978  -0.407  1.00 8.99  ? 458 ARG A CZ  1 
ATOM   616  N NH1 . ARG A 1 84  ? -7.389  14.780  -0.202  1.00 8.69  ? 458 ARG A NH1 1 
ATOM   617  N NH2 . ARG A 1 84  ? -9.640  14.354  -0.014  1.00 8.24  ? 458 ARG A NH2 1 
ATOM   618  N N   . LEU A 1 85  ? -3.608  9.981   -3.906  1.00 14.48 ? 459 LEU A N   1 
ATOM   619  C CA  . LEU A 1 85  ? -2.310  9.967   -4.592  1.00 14.54 ? 459 LEU A CA  1 
ATOM   620  C C   . LEU A 1 85  ? -1.657  11.338  -4.582  1.00 14.88 ? 459 LEU A C   1 
ATOM   621  O O   . LEU A 1 85  ? -2.356  12.357  -4.633  1.00 14.64 ? 459 LEU A O   1 
ATOM   622  C CB  . LEU A 1 85  ? -2.500  9.570   -6.051  1.00 14.52 ? 459 LEU A CB  1 
ATOM   623  C CG  . LEU A 1 85  ? -2.376  8.128   -6.540  1.00 15.34 ? 459 LEU A CG  1 
ATOM   624  C CD1 . LEU A 1 85  ? -1.080  7.474   -6.023  1.00 15.36 ? 459 LEU A CD1 1 
ATOM   625  C CD2 . LEU A 1 85  ? -3.605  7.333   -6.167  1.00 15.94 ? 459 LEU A CD2 1 
ATOM   626  N N   . MET A 1 86  ? -0.324  11.368  -4.547  1.00 15.54 ? 460 MET A N   1 
ATOM   627  C CA  . MET A 1 86  ? 0.436   12.620  -4.749  1.00 16.78 ? 460 MET A CA  1 
ATOM   628  C C   . MET A 1 86  ? 1.895   12.417  -5.170  1.00 16.61 ? 460 MET A C   1 
ATOM   629  O O   . MET A 1 86  ? 2.395   11.298  -5.220  1.00 16.35 ? 460 MET A O   1 
ATOM   630  C CB  . MET A 1 86  ? 0.384   13.492  -3.494  1.00 16.60 ? 460 MET A CB  1 
ATOM   631  C CG  . MET A 1 86  ? 1.090   12.875  -2.311  1.00 17.04 ? 460 MET A CG  1 
ATOM   632  S SD  . MET A 1 86  ? 0.055   12.882  -0.846  1.00 19.05 ? 460 MET A SD  1 
ATOM   633  C CE  . MET A 1 86  ? -1.108  11.559  -1.167  1.00 17.13 ? 460 MET A CE  1 
ATOM   634  N N   . LYS A 1 87  ? 2.560   13.533  -5.450  1.00 17.31 ? 461 LYS A N   1 
ATOM   635  C CA  . LYS A 1 87  ? 3.981   13.571  -5.808  1.00 17.73 ? 461 LYS A CA  1 
ATOM   636  C C   . LYS A 1 87  ? 4.867   13.054  -4.675  1.00 18.09 ? 461 LYS A C   1 
ATOM   637  O O   . LYS A 1 87  ? 4.596   13.308  -3.499  1.00 18.12 ? 461 LYS A O   1 
ATOM   638  C CB  . LYS A 1 87  ? 4.409   15.009  -6.096  1.00 17.43 ? 461 LYS A CB  1 
ATOM   639  C CG  . LYS A 1 87  ? 3.282   15.944  -6.505  1.00 17.90 ? 461 LYS A CG  1 
ATOM   640  C CD  . LYS A 1 87  ? 3.291   16.221  -7.999  1.00 17.97 ? 461 LYS A CD  1 
ATOM   641  C CE  . LYS A 1 87  ? 4.393   17.192  -8.370  1.00 16.45 ? 461 LYS A CE  1 
ATOM   642  N NZ  . LYS A 1 87  ? 4.524   17.264  -9.838  1.00 17.06 ? 461 LYS A NZ  1 
ATOM   643  N N   . GLU A 1 88  ? 5.909   12.319  -5.053  1.00 18.49 ? 462 GLU A N   1 
ATOM   644  C CA  . GLU A 1 88  ? 7.060   12.047  -4.200  1.00 18.95 ? 462 GLU A CA  1 
ATOM   645  C C   . GLU A 1 88  ? 8.281   12.571  -4.959  1.00 19.14 ? 462 GLU A C   1 
ATOM   646  O O   . GLU A 1 88  ? 9.147   11.804  -5.391  1.00 19.17 ? 462 GLU A O   1 
ATOM   647  C CB  . GLU A 1 88  ? 7.192   10.550  -3.923  1.00 19.14 ? 462 GLU A CB  1 
ATOM   648  C CG  . GLU A 1 88  ? 8.199   10.193  -2.821  1.00 19.41 ? 462 GLU A CG  1 
ATOM   649  C CD  . GLU A 1 88  ? 8.616   8.725   -2.847  1.00 19.16 ? 462 GLU A CD  1 
ATOM   650  O OE1 . GLU A 1 88  ? 7.782   7.865   -3.212  1.00 17.34 ? 462 GLU A OE1 1 
ATOM   651  O OE2 . GLU A 1 88  ? 9.789   8.439   -2.502  1.00 20.36 ? 462 GLU A OE2 1 
ATOM   652  N N   . GLY A 1 89  ? 8.326   13.888  -5.134  1.00 19.38 ? 463 GLY A N   1 
ATOM   653  C CA  . GLY A 1 89  ? 9.318   14.524  -5.991  1.00 19.80 ? 463 GLY A CA  1 
ATOM   654  C C   . GLY A 1 89  ? 8.635   15.286  -7.118  1.00 20.02 ? 463 GLY A C   1 
ATOM   655  O O   . GLY A 1 89  ? 7.543   15.821  -6.907  1.00 20.23 ? 463 GLY A O   1 
ATOM   656  N N   . ARG A 1 90  ? 9.224   15.331  -8.322  1.00 19.97 ? 464 ARG A N   1 
ATOM   657  C CA  . ARG A 1 90  ? 10.452  14.610  -8.726  1.00 19.99 ? 464 ARG A CA  1 
ATOM   658  C C   . ARG A 1 90  ? 10.261  13.100  -8.974  1.00 19.79 ? 464 ARG A C   1 
ATOM   659  O O   . ARG A 1 90  ? 10.648  12.263  -8.144  1.00 19.60 ? 464 ARG A O   1 
ATOM   660  C CB  . ARG A 1 90  ? 11.620  14.852  -7.764  1.00 20.13 ? 464 ARG A CB  1 
ATOM   661  C CG  . ARG A 1 90  ? 12.128  16.277  -7.674  1.00 20.83 ? 464 ARG A CG  1 
ATOM   662  C CD  . ARG A 1 90  ? 12.883  16.463  -6.366  1.00 21.81 ? 464 ARG A CD  1 
ATOM   663  N NE  . ARG A 1 90  ? 13.079  15.180  -5.685  1.00 21.67 ? 464 ARG A NE  1 
ATOM   664  C CZ  . ARG A 1 90  ? 14.099  14.890  -4.884  1.00 22.05 ? 464 ARG A CZ  1 
ATOM   665  N NH1 . ARG A 1 90  ? 14.169  13.689  -4.320  1.00 21.93 ? 464 ARG A NH1 1 
ATOM   666  N NH2 . ARG A 1 90  ? 15.051  15.786  -4.649  1.00 21.38 ? 464 ARG A NH2 1 
ATOM   667  N N   . MET A 1 91  ? 9.630   12.790  -10.110 1.00 19.55 ? 465 MET A N   1 
ATOM   668  C CA  . MET A 1 91  ? 9.580   11.451  -10.741 1.00 19.22 ? 465 MET A CA  1 
ATOM   669  C C   . MET A 1 91  ? 8.683   10.361  -10.124 1.00 18.90 ? 465 MET A C   1 
ATOM   670  O O   . MET A 1 91  ? 8.098   9.574   -10.868 1.00 18.93 ? 465 MET A O   1 
ATOM   671  C CB  . MET A 1 91  ? 10.990  10.909  -11.038 1.00 19.41 ? 465 MET A CB  1 
ATOM   672  C CG  . MET A 1 91  ? 11.896  11.836  -11.886 1.00 20.17 ? 465 MET A CG  1 
ATOM   673  S SD  . MET A 1 91  ? 11.094  12.773  -13.222 1.00 21.21 ? 465 MET A SD  1 
ATOM   674  C CE  . MET A 1 91  ? 11.171  14.456  -12.598 1.00 21.25 ? 465 MET A CE  1 
ATOM   675  N N   . LYS A 1 92  ? 8.574   10.297  -8.795  1.00 18.39 ? 466 LYS A N   1 
ATOM   676  C CA  . LYS A 1 92  ? 7.829   9.195   -8.144  1.00 17.95 ? 466 LYS A CA  1 
ATOM   677  C C   . LYS A 1 92  ? 6.428   9.567   -7.622  1.00 17.57 ? 466 LYS A C   1 
ATOM   678  O O   . LYS A 1 92  ? 5.913   10.661  -7.897  1.00 17.87 ? 466 LYS A O   1 
ATOM   679  C CB  . LYS A 1 92  ? 8.661   8.552   -7.031  1.00 17.90 ? 466 LYS A CB  1 
ATOM   680  C CG  . LYS A 1 92  ? 9.805   7.686   -7.537  1.00 18.54 ? 466 LYS A CG  1 
ATOM   681  C CD  . LYS A 1 92  ? 10.868  7.508   -6.463  1.00 19.92 ? 466 LYS A CD  1 
ATOM   682  C CE  . LYS A 1 92  ? 12.056  6.727   -6.995  1.00 20.78 ? 466 LYS A CE  1 
ATOM   683  N NZ  . LYS A 1 92  ? 13.128  6.580   -5.969  1.00 21.35 ? 466 LYS A NZ  1 
ATOM   684  N N   . GLY A 1 93  ? 5.816   8.643   -6.884  1.00 16.53 ? 467 GLY A N   1 
ATOM   685  C CA  . GLY A 1 93  ? 4.493   8.855   -6.326  1.00 15.37 ? 467 GLY A CA  1 
ATOM   686  C C   . GLY A 1 93  ? 4.344   8.296   -4.925  1.00 14.67 ? 467 GLY A C   1 
ATOM   687  O O   . GLY A 1 93  ? 5.020   7.344   -4.546  1.00 14.44 ? 467 GLY A O   1 
ATOM   688  N N   . GLN A 1 94  ? 3.437   8.903   -4.170  1.00 14.14 ? 468 GLN A N   1 
ATOM   689  C CA  . GLN A 1 94  ? 3.136   8.532   -2.799  1.00 13.94 ? 468 GLN A CA  1 
ATOM   690  C C   . GLN A 1 94  ? 1.634   8.423   -2.690  1.00 13.62 ? 468 GLN A C   1 
ATOM   691  O O   . GLN A 1 94  ? 0.909   9.122   -3.398  1.00 13.79 ? 468 GLN A O   1 
ATOM   692  C CB  . GLN A 1 94  ? 3.551   9.649   -1.848  1.00 14.18 ? 468 GLN A CB  1 
ATOM   693  C CG  . GLN A 1 94  ? 4.997   9.713   -1.486  1.00 15.10 ? 468 GLN A CG  1 
ATOM   694  C CD  . GLN A 1 94  ? 5.299   10.934  -0.635  1.00 16.76 ? 468 GLN A CD  1 
ATOM   695  O OE1 . GLN A 1 94  ? 5.538   10.819  0.564   1.00 17.94 ? 468 GLN A OE1 1 
ATOM   696  N NE2 . GLN A 1 94  ? 5.263   12.115  -1.245  1.00 16.62 ? 468 GLN A NE2 1 
ATOM   697  N N   . ALA A 1 95  ? 1.161   7.588   -1.774  1.00 13.12 ? 469 ALA A N   1 
ATOM   698  C CA  . ALA A 1 95  ? -0.264  7.496   -1.510  1.00 12.66 ? 469 ALA A CA  1 
ATOM   699  C C   . ALA A 1 95  ? -0.514  7.287   -0.030  1.00 12.60 ? 469 ALA A C   1 
ATOM   700  O O   . ALA A 1 95  ? 0.274   6.635   0.650   1.00 12.50 ? 469 ALA A O   1 
ATOM   701  C CB  . ALA A 1 95  ? -0.893  6.376   -2.317  1.00 12.29 ? 469 ALA A CB  1 
ATOM   702  N N   . PHE A 1 96  ? -1.599  7.869   0.463   1.00 12.42 ? 470 PHE A N   1 
ATOM   703  C CA  . PHE A 1 96  ? -2.128  7.518   1.769   1.00 12.62 ? 470 PHE A CA  1 
ATOM   704  C C   . PHE A 1 96  ? -3.439  6.792   1.550   1.00 12.46 ? 470 PHE A C   1 
ATOM   705  O O   . PHE A 1 96  ? -4.282  7.240   0.758   1.00 12.67 ? 470 PHE A O   1 
ATOM   706  C CB  . PHE A 1 96  ? -2.336  8.758   2.628   1.00 12.77 ? 470 PHE A CB  1 
ATOM   707  C CG  . PHE A 1 96  ? -1.055  9.393   3.094   1.00 13.43 ? 470 PHE A CG  1 
ATOM   708  C CD1 . PHE A 1 96  ? -0.400  10.340  2.302   1.00 13.24 ? 470 PHE A CD1 1 
ATOM   709  C CD2 . PHE A 1 96  ? -0.498  9.044   4.321   1.00 13.92 ? 470 PHE A CD2 1 
ATOM   710  C CE1 . PHE A 1 96  ? 0.789   10.931  2.725   1.00 13.59 ? 470 PHE A CE1 1 
ATOM   711  C CE2 . PHE A 1 96  ? 0.692   9.640   4.762   1.00 14.47 ? 470 PHE A CE2 1 
ATOM   712  C CZ  . PHE A 1 96  ? 1.336   10.587  3.960   1.00 13.82 ? 470 PHE A CZ  1 
ATOM   713  N N   . ILE A 1 97  ? -3.599  5.656   2.225   1.00 12.01 ? 471 ILE A N   1 
ATOM   714  C CA  . ILE A 1 97  ? -4.796  4.838   2.059   1.00 11.39 ? 471 ILE A CA  1 
ATOM   715  C C   . ILE A 1 97  ? -5.424  4.475   3.397   1.00 11.10 ? 471 ILE A C   1 
ATOM   716  O O   . ILE A 1 97  ? -4.811  3.793   4.219   1.00 10.90 ? 471 ILE A O   1 
ATOM   717  C CB  . ILE A 1 97  ? -4.514  3.560   1.234   1.00 11.37 ? 471 ILE A CB  1 
ATOM   718  C CG1 . ILE A 1 97  ? -3.943  3.942   -0.135  1.00 11.33 ? 471 ILE A CG1 1 
ATOM   719  C CG2 . ILE A 1 97  ? -5.793  2.722   1.090   1.00 10.20 ? 471 ILE A CG2 1 
ATOM   720  C CD1 . ILE A 1 97  ? -3.340  2.803   -0.889  1.00 10.85 ? 471 ILE A CD1 1 
ATOM   721  N N   . GLY A 1 98  ? -6.647  4.938   3.607   1.00 10.64 ? 472 GLY A N   1 
ATOM   722  C CA  . GLY A 1 98  ? -7.395  4.580   4.796   1.00 10.05 ? 472 GLY A CA  1 
ATOM   723  C C   . GLY A 1 98  ? -8.059  3.229   4.619   1.00 9.96  ? 472 GLY A C   1 
ATOM   724  O O   . GLY A 1 98  ? -8.820  3.021   3.676   1.00 9.92  ? 472 GLY A O   1 
ATOM   725  N N   . LEU A 1 99  ? -7.760  2.316   5.535   1.00 9.71  ? 473 LEU A N   1 
ATOM   726  C CA  . LEU A 1 99  ? -8.359  0.991   5.573   1.00 9.68  ? 473 LEU A CA  1 
ATOM   727  C C   . LEU A 1 99  ? -9.325  0.881   6.773   1.00 9.56  ? 473 LEU A C   1 
ATOM   728  O O   . LEU A 1 99  ? -9.292  1.720   7.669   1.00 9.26  ? 473 LEU A O   1 
ATOM   729  C CB  . LEU A 1 99  ? -7.249  -0.069  5.621   1.00 9.59  ? 473 LEU A CB  1 
ATOM   730  C CG  . LEU A 1 99  ? -6.755  -0.759  4.336   1.00 10.01 ? 473 LEU A CG  1 
ATOM   731  C CD1 . LEU A 1 99  ? -7.248  -0.127  3.033   1.00 10.37 ? 473 LEU A CD1 1 
ATOM   732  C CD2 . LEU A 1 99  ? -5.240  -0.909  4.328   1.00 9.55  ? 473 LEU A CD2 1 
ATOM   733  N N   . PRO A 1 100 ? -10.207 -0.137  6.778   1.00 9.64  ? 474 PRO A N   1 
ATOM   734  C CA  . PRO A 1 100 ? -11.277 -0.235  7.782   1.00 9.76  ? 474 PRO A CA  1 
ATOM   735  C C   . PRO A 1 100 ? -10.855 -0.534  9.223   1.00 9.94  ? 474 PRO A C   1 
ATOM   736  O O   . PRO A 1 100 ? -11.617 -0.235  10.147  1.00 9.81  ? 474 PRO A O   1 
ATOM   737  C CB  . PRO A 1 100 ? -12.168 -1.363  7.236   1.00 9.66  ? 474 PRO A CB  1 
ATOM   738  C CG  . PRO A 1 100 ? -11.759 -1.506  5.774   1.00 9.53  ? 474 PRO A CG  1 
ATOM   739  C CD  . PRO A 1 100 ? -10.294 -1.239  5.804   1.00 9.63  ? 474 PRO A CD  1 
ATOM   740  N N   . ASN A 1 101 ? -9.675  -1.122  9.414   1.00 10.31 ? 475 ASN A N   1 
ATOM   741  C CA  . ASN A 1 101 ? -9.140  -1.417  10.757  1.00 10.84 ? 475 ASN A CA  1 
ATOM   742  C C   . ASN A 1 101 ? -7.637  -1.714  10.731  1.00 11.55 ? 475 ASN A C   1 
ATOM   743  O O   . ASN A 1 101 ? -7.045  -1.827  9.652   1.00 11.90 ? 475 ASN A O   1 
ATOM   744  C CB  . ASN A 1 101 ? -9.925  -2.548  11.450  1.00 10.59 ? 475 ASN A CB  1 
ATOM   745  C CG  . ASN A 1 101 ? -10.057 -3.795  10.588  1.00 10.30 ? 475 ASN A CG  1 
ATOM   746  O OD1 . ASN A 1 101 ? -11.148 -4.126  10.119  1.00 10.43 ? 475 ASN A OD1 1 
ATOM   747  N ND2 . ASN A 1 101 ? -8.953  -4.491  10.376  1.00 8.99  ? 475 ASN A ND2 1 
ATOM   748  N N   . GLU A 1 102 ? -7.021  -1.830  11.908  1.00 11.88 ? 476 GLU A N   1 
ATOM   749  C CA  . GLU A 1 102 ? -5.587  -2.112  12.001  1.00 12.46 ? 476 GLU A CA  1 
ATOM   750  C C   . GLU A 1 102 ? -5.194  -3.488  11.469  1.00 12.39 ? 476 GLU A C   1 
ATOM   751  O O   . GLU A 1 102 ? -4.143  -3.637  10.836  1.00 12.48 ? 476 GLU A O   1 
ATOM   752  C CB  . GLU A 1 102 ? -5.093  -1.948  13.434  1.00 12.67 ? 476 GLU A CB  1 
ATOM   753  C CG  . GLU A 1 102 ? -4.762  -0.517  13.790  1.00 14.82 ? 476 GLU A CG  1 
ATOM   754  C CD  . GLU A 1 102 ? -4.585  -0.293  15.285  1.00 17.65 ? 476 GLU A CD  1 
ATOM   755  O OE1 . GLU A 1 102 ? -4.012  -1.175  15.976  1.00 18.32 ? 476 GLU A OE1 1 
ATOM   756  O OE2 . GLU A 1 102 ? -5.016  0.782   15.764  1.00 18.68 ? 476 GLU A OE2 1 
ATOM   757  N N   . LYS A 1 103 ? -6.039  -4.483  11.735  1.00 12.24 ? 477 LYS A N   1 
ATOM   758  C CA  . LYS A 1 103 ? -5.808  -5.856  11.299  1.00 12.30 ? 477 LYS A CA  1 
ATOM   759  C C   . LYS A 1 103 ? -5.661  -5.942  9.773   1.00 12.30 ? 477 LYS A C   1 
ATOM   760  O O   . LYS A 1 103 ? -4.802  -6.675  9.272   1.00 12.39 ? 477 LYS A O   1 
ATOM   761  C CB  . LYS A 1 103 ? -6.943  -6.752  11.789  1.00 12.39 ? 477 LYS A CB  1 
ATOM   762  C CG  . LYS A 1 103 ? -6.631  -8.232  11.796  1.00 13.75 ? 477 LYS A CG  1 
ATOM   763  C CD  . LYS A 1 103 ? -7.696  -8.995  12.591  1.00 16.24 ? 477 LYS A CD  1 
ATOM   764  C CE  . LYS A 1 103 ? -7.510  -10.517 12.500  1.00 18.02 ? 477 LYS A CE  1 
ATOM   765  N NZ  . LYS A 1 103 ? -7.788  -11.074 11.133  1.00 18.54 ? 477 LYS A NZ  1 
ATOM   766  N N   . ALA A 1 104 ? -6.487  -5.178  9.052   1.00 11.95 ? 478 ALA A N   1 
ATOM   767  C CA  . ALA A 1 104 ? -6.456  -5.107  7.585   1.00 11.58 ? 478 ALA A CA  1 
ATOM   768  C C   . ALA A 1 104 ? -5.208  -4.381  7.072   1.00 11.35 ? 478 ALA A C   1 
ATOM   769  O O   . ALA A 1 104 ? -4.571  -4.813  6.104   1.00 11.17 ? 478 ALA A O   1 
ATOM   770  C CB  . ALA A 1 104 ? -7.725  -4.428  7.063   1.00 11.26 ? 478 ALA A CB  1 
ATOM   771  N N   . ALA A 1 105 ? -4.871  -3.280  7.737   1.00 11.27 ? 479 ALA A N   1 
ATOM   772  C CA  . ALA A 1 105 ? -3.668  -2.506  7.447   1.00 11.46 ? 479 ALA A CA  1 
ATOM   773  C C   . ALA A 1 105 ? -2.381  -3.336  7.603   1.00 11.63 ? 479 ALA A C   1 
ATOM   774  O O   . ALA A 1 105 ? -1.486  -3.265  6.749   1.00 11.82 ? 479 ALA A O   1 
ATOM   775  C CB  . ALA A 1 105 ? -3.618  -1.268  8.333   1.00 11.18 ? 479 ALA A CB  1 
ATOM   776  N N   . ALA A 1 106 ? -2.303  -4.112  8.689   1.00 11.46 ? 480 ALA A N   1 
ATOM   777  C CA  . ALA A 1 106 ? -1.171  -5.008  8.961   1.00 11.25 ? 480 ALA A CA  1 
ATOM   778  C C   . ALA A 1 106 ? -1.034  -6.101  7.902   1.00 11.40 ? 480 ALA A C   1 
ATOM   779  O O   . ALA A 1 106 ? 0.085   -6.474  7.522   1.00 11.33 ? 480 ALA A O   1 
ATOM   780  C CB  . ALA A 1 106 ? -1.299  -5.624  10.346  1.00 10.76 ? 480 ALA A CB  1 
ATOM   781  N N   . LYS A 1 107 ? -2.174  -6.609  7.436   1.00 11.41 ? 481 LYS A N   1 
ATOM   782  C CA  . LYS A 1 107 ? -2.197  -7.583  6.357   1.00 11.84 ? 481 LYS A CA  1 
ATOM   783  C C   . LYS A 1 107 ? -1.724  -6.939  5.052   1.00 12.01 ? 481 LYS A C   1 
ATOM   784  O O   . LYS A 1 107 ? -0.997  -7.563  4.276   1.00 12.06 ? 481 LYS A O   1 
ATOM   785  C CB  . LYS A 1 107 ? -3.597  -8.179  6.196   1.00 12.08 ? 481 LYS A CB  1 
ATOM   786  C CG  . LYS A 1 107 ? -3.631  -9.501  5.448   1.00 12.39 ? 481 LYS A CG  1 
ATOM   787  C CD  . LYS A 1 107 ? -5.030  -10.097 5.454   1.00 13.38 ? 481 LYS A CD  1 
ATOM   788  C CE  . LYS A 1 107 ? -5.050  -11.419 4.692   1.00 14.27 ? 481 LYS A CE  1 
ATOM   789  N NZ  . LYS A 1 107 ? -6.358  -12.123 4.778   1.00 14.83 ? 481 LYS A NZ  1 
ATOM   790  N N   . ALA A 1 108 ? -2.129  -5.689  4.826   1.00 12.19 ? 482 ALA A N   1 
ATOM   791  C CA  . ALA A 1 108 ? -1.668  -4.913  3.676   1.00 12.12 ? 482 ALA A CA  1 
ATOM   792  C C   . ALA A 1 108 ? -0.144  -4.726  3.653   1.00 12.17 ? 482 ALA A C   1 
ATOM   793  O O   . ALA A 1 108 ? 0.483   -4.900  2.605   1.00 12.13 ? 482 ALA A O   1 
ATOM   794  C CB  . ALA A 1 108 ? -2.368  -3.572  3.618   1.00 12.28 ? 482 ALA A CB  1 
ATOM   795  N N   . LEU A 1 109 ? 0.442   -4.373  4.797   1.00 12.02 ? 483 LEU A N   1 
ATOM   796  C CA  . LEU A 1 109 ? 1.895   -4.241  4.905   1.00 12.07 ? 483 LEU A CA  1 
ATOM   797  C C   . LEU A 1 109 ? 2.606   -5.561  4.623   1.00 12.28 ? 483 LEU A C   1 
ATOM   798  O O   . LEU A 1 109 ? 3.571   -5.613  3.869   1.00 12.16 ? 483 LEU A O   1 
ATOM   799  C CB  . LEU A 1 109 ? 2.296   -3.743  6.296   1.00 11.84 ? 483 LEU A CB  1 
ATOM   800  C CG  . LEU A 1 109 ? 2.597   -2.257  6.462   1.00 11.68 ? 483 LEU A CG  1 
ATOM   801  C CD1 . LEU A 1 109 ? 1.310   -1.423  6.413   1.00 11.87 ? 483 LEU A CD1 1 
ATOM   802  C CD2 . LEU A 1 109 ? 3.320   -2.056  7.770   1.00 10.91 ? 483 LEU A CD2 1 
ATOM   803  N N   . LYS A 1 110 ? 2.110   -6.621  5.248   1.00 12.33 ? 484 LYS A N   1 
ATOM   804  C CA  . LYS A 1 110 ? 2.684   -7.940  5.140   1.00 12.69 ? 484 LYS A CA  1 
ATOM   805  C C   . LYS A 1 110 ? 2.678   -8.417  3.681   1.00 12.46 ? 484 LYS A C   1 
ATOM   806  O O   . LYS A 1 110 ? 3.698   -8.867  3.169   1.00 12.59 ? 484 LYS A O   1 
ATOM   807  C CB  . LYS A 1 110 ? 1.906   -8.903  6.055   1.00 12.49 ? 484 LYS A CB  1 
ATOM   808  C CG  . LYS A 1 110 ? 2.585   -10.235 6.314   1.00 13.30 ? 484 LYS A CG  1 
ATOM   809  C CD  . LYS A 1 110 ? 1.852   -11.051 7.371   1.00 13.62 ? 484 LYS A CD  1 
ATOM   810  C CE  . LYS A 1 110 ? 1.844   -10.323 8.713   1.00 16.13 ? 484 LYS A CE  1 
ATOM   811  N NZ  . LYS A 1 110 ? 1.855   -11.274 9.846   1.00 17.20 ? 484 LYS A NZ  1 
ATOM   812  N N   . GLU A 1 111 ? 1.536   -8.278  3.014   1.00 12.45 ? 485 GLU A N   1 
ATOM   813  C CA  . GLU A 1 111 ? 1.338   -8.825  1.667   1.00 12.38 ? 485 GLU A CA  1 
ATOM   814  C C   . GLU A 1 111 ? 1.799   -7.934  0.510   1.00 11.94 ? 485 GLU A C   1 
ATOM   815  O O   . GLU A 1 111 ? 2.241   -8.445  -0.518  1.00 12.44 ? 485 GLU A O   1 
ATOM   816  C CB  . GLU A 1 111 ? -0.127  -9.200  1.462   1.00 12.03 ? 485 GLU A CB  1 
ATOM   817  C CG  . GLU A 1 111 ? -0.607  -10.304 2.383   1.00 12.70 ? 485 GLU A CG  1 
ATOM   818  C CD  . GLU A 1 111 ? -2.070  -10.670 2.161   1.00 13.20 ? 485 GLU A CD  1 
ATOM   819  O OE1 . GLU A 1 111 ? -2.508  -11.738 2.664   1.00 14.47 ? 485 GLU A OE1 1 
ATOM   820  O OE2 . GLU A 1 111 ? -2.781  -9.894  1.485   1.00 13.84 ? 485 GLU A OE2 1 
ATOM   821  N N   . ALA A 1 112 ? 1.690   -6.613  0.670   1.00 11.20 ? 486 ALA A N   1 
ATOM   822  C CA  . ALA A 1 112 ? 1.945   -5.677  -0.439  1.00 10.37 ? 486 ALA A CA  1 
ATOM   823  C C   . ALA A 1 112 ? 3.316   -5.000  -0.420  1.00 10.09 ? 486 ALA A C   1 
ATOM   824  O O   . ALA A 1 112 ? 3.716   -4.381  -1.420  1.00 10.26 ? 486 ALA A O   1 
ATOM   825  C CB  . ALA A 1 112 ? 0.838   -4.624  -0.520  1.00 10.11 ? 486 ALA A CB  1 
ATOM   826  N N   . ASN A 1 113 ? 4.031   -5.080  0.703   1.00 9.25  ? 487 ASN A N   1 
ATOM   827  C CA  . ASN A 1 113 ? 5.370   -4.504  0.758   1.00 8.68  ? 487 ASN A CA  1 
ATOM   828  C C   . ASN A 1 113 ? 6.299   -5.239  -0.210  1.00 8.46  ? 487 ASN A C   1 
ATOM   829  O O   . ASN A 1 113 ? 6.453   -6.460  -0.130  1.00 8.51  ? 487 ASN A O   1 
ATOM   830  C CB  . ASN A 1 113 ? 5.935   -4.510  2.182   1.00 8.55  ? 487 ASN A CB  1 
ATOM   831  C CG  . ASN A 1 113 ? 7.196   -3.667  2.318   1.00 8.35  ? 487 ASN A CG  1 
ATOM   832  O OD1 . ASN A 1 113 ? 7.271   -2.548  1.814   1.00 8.37  ? 487 ASN A OD1 1 
ATOM   833  N ND2 . ASN A 1 113 ? 8.188   -4.198  3.016   1.00 9.29  ? 487 ASN A ND2 1 
ATOM   834  N N   . GLY A 1 114 ? 6.890   -4.494  -1.141  1.00 7.95  ? 488 GLY A N   1 
ATOM   835  C CA  . GLY A 1 114 ? 7.766   -5.083  -2.148  1.00 7.30  ? 488 GLY A CA  1 
ATOM   836  C C   . GLY A 1 114 ? 7.046   -5.477  -3.428  1.00 7.05  ? 488 GLY A C   1 
ATOM   837  O O   . GLY A 1 114 ? 7.676   -5.956  -4.374  1.00 6.71  ? 488 GLY A O   1 
ATOM   838  N N   . TYR A 1 115 ? 5.730   -5.264  -3.467  1.00 6.61  ? 489 TYR A N   1 
ATOM   839  C CA  . TYR A 1 115 ? 4.948   -5.617  -4.648  1.00 6.74  ? 489 TYR A CA  1 
ATOM   840  C C   . TYR A 1 115 ? 5.264   -4.710  -5.842  1.00 6.49  ? 489 TYR A C   1 
ATOM   841  O O   . TYR A 1 115 ? 5.229   -3.485  -5.734  1.00 6.22  ? 489 TYR A O   1 
ATOM   842  C CB  . TYR A 1 115 ? 3.436   -5.636  -4.346  1.00 6.78  ? 489 TYR A CB  1 
ATOM   843  C CG  . TYR A 1 115 ? 2.603   -6.020  -5.541  1.00 6.51  ? 489 TYR A CG  1 
ATOM   844  C CD1 . TYR A 1 115 ? 2.411   -7.352  -5.880  1.00 5.52  ? 489 TYR A CD1 1 
ATOM   845  C CD2 . TYR A 1 115 ? 2.032   -5.044  -6.350  1.00 7.06  ? 489 TYR A CD2 1 
ATOM   846  C CE1 . TYR A 1 115 ? 1.657   -7.705  -7.001  1.00 5.91  ? 489 TYR A CE1 1 
ATOM   847  C CE2 . TYR A 1 115 ? 1.277   -5.381  -7.465  1.00 5.95  ? 489 TYR A CE2 1 
ATOM   848  C CZ  . TYR A 1 115 ? 1.094   -6.709  -7.786  1.00 6.60  ? 489 TYR A CZ  1 
ATOM   849  O OH  . TYR A 1 115 ? 0.345   -7.035  -8.898  1.00 7.11  ? 489 TYR A OH  1 
ATOM   850  N N   . VAL A 1 116 ? 5.561   -5.327  -6.982  1.00 6.61  ? 490 VAL A N   1 
ATOM   851  C CA  . VAL A 1 116 ? 5.913   -4.580  -8.194  1.00 6.65  ? 490 VAL A CA  1 
ATOM   852  C C   . VAL A 1 116 ? 4.674   -4.170  -8.986  1.00 6.77  ? 490 VAL A C   1 
ATOM   853  O O   . VAL A 1 116 ? 3.974   -5.011  -9.540  1.00 7.05  ? 490 VAL A O   1 
ATOM   854  C CB  . VAL A 1 116 ? 6.869   -5.379  -9.093  1.00 6.75  ? 490 VAL A CB  1 
ATOM   855  C CG1 . VAL A 1 116 ? 7.257   -4.571  -10.344 1.00 6.67  ? 490 VAL A CG1 1 
ATOM   856  C CG2 . VAL A 1 116 ? 8.118   -5.793  -8.301  1.00 6.96  ? 490 VAL A CG2 1 
ATOM   857  N N   . LEU A 1 117 ? 4.411   -2.868  -9.016  1.00 7.02  ? 491 LEU A N   1 
ATOM   858  C CA  . LEU A 1 117 ? 3.360   -2.281  -9.840  1.00 7.16  ? 491 LEU A CA  1 
ATOM   859  C C   . LEU A 1 117 ? 4.014   -1.370  -10.868 1.00 7.58  ? 491 LEU A C   1 
ATOM   860  O O   . LEU A 1 117 ? 4.747   -0.439  -10.513 1.00 7.61  ? 491 LEU A O   1 
ATOM   861  C CB  . LEU A 1 117 ? 2.369   -1.487  -8.967  1.00 7.24  ? 491 LEU A CB  1 
ATOM   862  C CG  . LEU A 1 117 ? 1.270   -0.624  -9.599  1.00 7.24  ? 491 LEU A CG  1 
ATOM   863  C CD1 . LEU A 1 117 ? 0.256   -1.446  -10.426 1.00 7.46  ? 491 LEU A CD1 1 
ATOM   864  C CD2 . LEU A 1 117 ? 0.554   0.172   -8.524  1.00 6.86  ? 491 LEU A CD2 1 
ATOM   865  N N   . PHE A 1 118 ? 3.768   -1.661  -12.145 1.00 8.04  ? 492 PHE A N   1 
ATOM   866  C CA  . PHE A 1 118 ? 4.334   -0.887  -13.255 1.00 8.18  ? 492 PHE A CA  1 
ATOM   867  C C   . PHE A 1 118 ? 5.848   -0.753  -13.164 1.00 8.60  ? 492 PHE A C   1 
ATOM   868  O O   . PHE A 1 118 ? 6.390   0.348   -13.306 1.00 9.47  ? 492 PHE A O   1 
ATOM   869  C CB  . PHE A 1 118 ? 3.674   0.500   -13.359 1.00 7.92  ? 492 PHE A CB  1 
ATOM   870  C CG  . PHE A 1 118 ? 2.179   0.452   -13.517 1.00 7.76  ? 492 PHE A CG  1 
ATOM   871  C CD1 . PHE A 1 118 ? 1.565   -0.580  -14.231 1.00 8.78  ? 492 PHE A CD1 1 
ATOM   872  C CD2 . PHE A 1 118 ? 1.384   1.437   -12.962 1.00 8.46  ? 492 PHE A CD2 1 
ATOM   873  C CE1 . PHE A 1 118 ? 0.170   -0.635  -14.378 1.00 8.69  ? 492 PHE A CE1 1 
ATOM   874  C CE2 . PHE A 1 118 ? -0.009  1.393   -13.103 1.00 9.17  ? 492 PHE A CE2 1 
ATOM   875  C CZ  . PHE A 1 118 ? -0.613  0.350   -13.819 1.00 8.43  ? 492 PHE A CZ  1 
ATOM   876  N N   . GLY A 1 119 ? 6.531   -1.865  -12.913 1.00 8.48  ? 493 GLY A N   1 
ATOM   877  C CA  . GLY A 1 119 ? 7.991   -1.870  -12.862 1.00 9.00  ? 493 GLY A CA  1 
ATOM   878  C C   . GLY A 1 119 ? 8.656   -1.338  -11.599 1.00 9.29  ? 493 GLY A C   1 
ATOM   879  O O   . GLY A 1 119 ? 9.886   -1.269  -11.533 1.00 9.39  ? 493 GLY A O   1 
ATOM   880  N N   . LYS A 1 120 ? 7.860   -0.962  -10.597 1.00 9.58  ? 494 LYS A N   1 
ATOM   881  C CA  . LYS A 1 120 ? 8.389   -0.407  -9.344  1.00 9.87  ? 494 LYS A CA  1 
ATOM   882  C C   . LYS A 1 120 ? 7.879   -1.163  -8.124  1.00 9.97  ? 494 LYS A C   1 
ATOM   883  O O   . LYS A 1 120 ? 6.670   -1.363  -7.983  1.00 10.05 ? 494 LYS A O   1 
ATOM   884  C CB  . LYS A 1 120 ? 8.023   1.082   -9.195  1.00 9.89  ? 494 LYS A CB  1 
ATOM   885  C CG  . LYS A 1 120 ? 8.749   2.024   -10.128 1.00 10.75 ? 494 LYS A CG  1 
ATOM   886  C CD  . LYS A 1 120 ? 10.255  1.990   -9.901  1.00 13.67 ? 494 LYS A CD  1 
ATOM   887  C CE  . LYS A 1 120 ? 11.030  2.404   -11.143 1.00 14.83 ? 494 LYS A CE  1 
ATOM   888  N NZ  . LYS A 1 120 ? 11.204  3.879   -11.189 1.00 16.47 ? 494 LYS A NZ  1 
ATOM   889  N N   . PRO A 1 121 ? 8.795   -1.579  -7.228  1.00 10.07 ? 495 PRO A N   1 
ATOM   890  C CA  . PRO A 1 121 ? 8.382   -2.190  -5.963  1.00 10.33 ? 495 PRO A CA  1 
ATOM   891  C C   . PRO A 1 121 ? 7.876   -1.155  -4.960  1.00 10.98 ? 495 PRO A C   1 
ATOM   892  O O   . PRO A 1 121 ? 8.600   -0.210  -4.622  1.00 10.88 ? 495 PRO A O   1 
ATOM   893  C CB  . PRO A 1 121 ? 9.664   -2.840  -5.457  1.00 10.13 ? 495 PRO A CB  1 
ATOM   894  C CG  . PRO A 1 121 ? 10.750  -2.025  -6.048  1.00 9.87  ? 495 PRO A CG  1 
ATOM   895  C CD  . PRO A 1 121 ? 10.262  -1.525  -7.363  1.00 9.84  ? 495 PRO A CD  1 
ATOM   896  N N   . MET A 1 122 ? 6.649   -1.334  -4.480  1.00 11.38 ? 496 MET A N   1 
ATOM   897  C CA  . MET A 1 122 ? 6.093   -0.368  -3.540  1.00 12.36 ? 496 MET A CA  1 
ATOM   898  C C   . MET A 1 122 ? 6.583   -0.599  -2.121  1.00 12.18 ? 496 MET A C   1 
ATOM   899  O O   . MET A 1 122 ? 6.909   -1.731  -1.731  1.00 12.57 ? 496 MET A O   1 
ATOM   900  C CB  . MET A 1 122 ? 4.555   -0.282  -3.614  1.00 12.27 ? 496 MET A CB  1 
ATOM   901  C CG  . MET A 1 122 ? 3.774   -1.542  -3.294  1.00 12.26 ? 496 MET A CG  1 
ATOM   902  S SD  . MET A 1 122 ? 2.036   -1.331  -3.787  1.00 14.85 ? 496 MET A SD  1 
ATOM   903  C CE  . MET A 1 122 ? 2.227   -0.845  -5.485  1.00 14.69 ? 496 MET A CE  1 
ATOM   904  N N   . VAL A 1 123 ? 6.676   0.497   -1.376  1.00 11.94 ? 497 VAL A N   1 
ATOM   905  C CA  . VAL A 1 123 ? 7.070   0.468   0.022   1.00 11.61 ? 497 VAL A CA  1 
ATOM   906  C C   . VAL A 1 123 ? 5.835   0.838   0.836   1.00 11.66 ? 497 VAL A C   1 
ATOM   907  O O   . VAL A 1 123 ? 5.313   1.951   0.723   1.00 11.43 ? 497 VAL A O   1 
ATOM   908  C CB  . VAL A 1 123 ? 8.245   1.440   0.316   1.00 11.62 ? 497 VAL A CB  1 
ATOM   909  C CG1 . VAL A 1 123 ? 8.661   1.379   1.798   1.00 10.70 ? 497 VAL A CG1 1 
ATOM   910  C CG2 . VAL A 1 123 ? 9.438   1.148   -0.610  1.00 10.87 ? 497 VAL A CG2 1 
ATOM   911  N N   . VAL A 1 124 ? 5.369   -0.119  1.634   1.00 11.66 ? 498 VAL A N   1 
ATOM   912  C CA  . VAL A 1 124 ? 4.129   0.025   2.383   1.00 11.79 ? 498 VAL A CA  1 
ATOM   913  C C   . VAL A 1 124 ? 4.408   0.051   3.882   1.00 12.02 ? 498 VAL A C   1 
ATOM   914  O O   . VAL A 1 124 ? 5.000   -0.886  4.428   1.00 12.37 ? 498 VAL A O   1 
ATOM   915  C CB  . VAL A 1 124 ? 3.133   -1.099  2.049   1.00 11.50 ? 498 VAL A CB  1 
ATOM   916  C CG1 . VAL A 1 124 ? 1.759   -0.790  2.661   1.00 12.43 ? 498 VAL A CG1 1 
ATOM   917  C CG2 . VAL A 1 124 ? 2.999   -1.257  0.554   1.00 10.83 ? 498 VAL A CG2 1 
ATOM   918  N N   . GLN A 1 125 ? 3.987   1.134   4.532   1.00 12.08 ? 499 GLN A N   1 
ATOM   919  C CA  . GLN A 1 125 ? 4.189   1.334   5.968   1.00 12.46 ? 499 GLN A CA  1 
ATOM   920  C C   . GLN A 1 125 ? 2.901   1.828   6.568   1.00 12.28 ? 499 GLN A C   1 
ATOM   921  O O   . GLN A 1 125 ? 1.953   2.124   5.846   1.00 12.89 ? 499 GLN A O   1 
ATOM   922  C CB  . GLN A 1 125 ? 5.248   2.403   6.211   1.00 12.56 ? 499 GLN A CB  1 
ATOM   923  C CG  . GLN A 1 125 ? 6.621   2.002   5.797   1.00 15.10 ? 499 GLN A CG  1 
ATOM   924  C CD  . GLN A 1 125 ? 7.438   3.166   5.299   1.00 17.84 ? 499 GLN A CD  1 
ATOM   925  O OE1 . GLN A 1 125 ? 8.553   3.407   5.772   1.00 19.48 ? 499 GLN A OE1 1 
ATOM   926  N NE2 . GLN A 1 125 ? 6.893   3.895   4.331   1.00 19.16 ? 499 GLN A NE2 1 
ATOM   927  N N   . PHE A 1 126 ? 2.859   1.935   7.891   1.00 12.07 ? 500 PHE A N   1 
ATOM   928  C CA  . PHE A 1 126 ? 1.744   2.599   8.531   1.00 11.73 ? 500 PHE A CA  1 
ATOM   929  C C   . PHE A 1 126 ? 1.883   4.106   8.359   1.00 11.90 ? 500 PHE A C   1 
ATOM   930  O O   . PHE A 1 126 ? 2.986   4.619   8.219   1.00 11.93 ? 500 PHE A O   1 
ATOM   931  C CB  . PHE A 1 126 ? 1.673   2.234   10.011  1.00 11.48 ? 500 PHE A CB  1 
ATOM   932  C CG  . PHE A 1 126 ? 1.281   0.810   10.275  1.00 10.72 ? 500 PHE A CG  1 
ATOM   933  C CD1 . PHE A 1 126 ? -0.014  0.376   10.031  1.00 9.94  ? 500 PHE A CD1 1 
ATOM   934  C CD2 . PHE A 1 126 ? 2.206   -0.093  10.800  1.00 11.00 ? 500 PHE A CD2 1 
ATOM   935  C CE1 . PHE A 1 126 ? -0.387  -0.941  10.300  1.00 11.36 ? 500 PHE A CE1 1 
ATOM   936  C CE2 . PHE A 1 126 ? 1.850   -1.416  11.078  1.00 10.80 ? 500 PHE A CE2 1 
ATOM   937  C CZ  . PHE A 1 126 ? 0.547   -1.844  10.827  1.00 11.24 ? 500 PHE A CZ  1 
ATOM   938  N N   . ALA A 1 127 ? 0.751   4.800   8.349   1.00 12.48 ? 501 ALA A N   1 
ATOM   939  C CA  . ALA A 1 127 ? 0.703   6.258   8.339   1.00 12.92 ? 501 ALA A CA  1 
ATOM   940  C C   . ALA A 1 127 ? 0.203   6.755   9.693   1.00 13.43 ? 501 ALA A C   1 
ATOM   941  O O   . ALA A 1 127 ? -0.394  5.987   10.444  1.00 13.53 ? 501 ALA A O   1 
ATOM   942  C CB  . ALA A 1 127 ? -0.229  6.723   7.244   1.00 12.68 ? 501 ALA A CB  1 
ATOM   943  N N   . ARG A 1 128 ? 0.437   8.026   10.021  1.00 14.01 ? 502 ARG A N   1 
ATOM   944  C CA  . ARG A 1 128 ? -0.256  8.604   11.169  1.00 14.71 ? 502 ARG A CA  1 
ATOM   945  C C   . ARG A 1 128 ? -1.674  9.024   10.751  1.00 14.82 ? 502 ARG A C   1 
ATOM   946  O O   . ARG A 1 128 ? -1.944  9.163   9.566   1.00 14.90 ? 502 ARG A O   1 
ATOM   947  C CB  . ARG A 1 128 ? 0.548   9.732   11.839  1.00 15.07 ? 502 ARG A CB  1 
ATOM   948  C CG  . ARG A 1 128 ? 0.398   11.122  11.244  1.00 15.92 ? 502 ARG A CG  1 
ATOM   949  C CD  . ARG A 1 128 ? 1.647   11.539  10.504  1.00 17.64 ? 502 ARG A CD  1 
ATOM   950  N NE  . ARG A 1 128 ? 1.877   12.984  10.589  1.00 18.59 ? 502 ARG A NE  1 
ATOM   951  C CZ  . ARG A 1 128 ? 1.296   13.887  9.803   1.00 18.98 ? 502 ARG A CZ  1 
ATOM   952  N NH1 . ARG A 1 128 ? 1.570   15.173  9.948   1.00 18.42 ? 502 ARG A NH1 1 
ATOM   953  N NH2 . ARG A 1 128 ? 0.434   13.502  8.870   1.00 20.04 ? 502 ARG A NH2 1 
ATOM   954  N N   . SER A 1 129 ? -2.574  9.186   11.717  1.00 15.18 ? 503 SER A N   1 
ATOM   955  C CA  . SER A 1 129 ? -3.989  9.483   11.449  1.00 15.73 ? 503 SER A CA  1 
ATOM   956  C C   . SER A 1 129 ? -4.227  10.615  10.444  1.00 15.89 ? 503 SER A C   1 
ATOM   957  O O   . SER A 1 129 ? -3.445  11.562  10.368  1.00 15.54 ? 503 SER A O   1 
ATOM   958  C CB  . SER A 1 129 ? -4.727  9.799   12.758  1.00 15.96 ? 503 SER A CB  1 
ATOM   959  O OG  . SER A 1 129 ? -5.073  8.616   13.457  1.00 16.89 ? 503 SER A OG  1 
ATOM   960  N N   . ALA A 1 130 ? -5.314  10.502  9.681   1.00 16.37 ? 504 ALA A N   1 
ATOM   961  C CA  . ALA A 1 130 ? -5.721  11.535  8.728   1.00 16.98 ? 504 ALA A CA  1 
ATOM   962  C C   . ALA A 1 130 ? -6.196  12.804  9.441   1.00 17.63 ? 504 ALA A C   1 
ATOM   963  O O   . ALA A 1 130 ? -6.096  13.905  8.895   1.00 17.78 ? 504 ALA A O   1 
ATOM   964  C CB  . ALA A 1 130 ? -6.803  11.007  7.809   1.00 16.72 ? 504 ALA A CB  1 
ATOM   965  N N   . ARG A 1 131 ? -6.723  12.633  10.654  1.00 18.30 ? 505 ARG A N   1 
ATOM   966  C CA  . ARG A 1 131 ? -7.089  13.743  11.526  1.00 19.10 ? 505 ARG A CA  1 
ATOM   967  C C   . ARG A 1 131 ? -6.225  13.724  12.784  1.00 19.26 ? 505 ARG A C   1 
ATOM   968  O O   . ARG A 1 131 ? -6.005  12.659  13.357  1.00 19.33 ? 505 ARG A O   1 
ATOM   969  C CB  . ARG A 1 131 ? -8.559  13.645  11.943  1.00 19.40 ? 505 ARG A CB  1 
ATOM   970  C CG  . ARG A 1 131 ? -9.568  14.045  10.878  1.00 20.66 ? 505 ARG A CG  1 
ATOM   971  C CD  . ARG A 1 131 ? -10.936 14.295  11.524  1.00 22.23 ? 505 ARG A CD  1 
ATOM   972  N NE  . ARG A 1 131 ? -12.005 14.464  10.538  1.00 23.28 ? 505 ARG A NE  1 
ATOM   973  C CZ  . ARG A 1 131 ? -12.478 15.640  10.125  1.00 23.80 ? 505 ARG A CZ  1 
ATOM   974  N NH1 . ARG A 1 131 ? -11.985 16.774  10.607  1.00 24.26 ? 505 ARG A NH1 1 
ATOM   975  N NH2 . ARG A 1 131 ? -13.455 15.682  9.229   1.00 23.79 ? 505 ARG A NH2 1 
ATOM   976  N N   . PRO A 1 132 ? -5.740  14.903  13.221  1.00 19.54 ? 506 PRO A N   1 
ATOM   977  C CA  . PRO A 1 132 ? -5.034  15.021  14.502  1.00 19.66 ? 506 PRO A CA  1 
ATOM   978  C C   . PRO A 1 132 ? -5.944  14.763  15.711  1.00 19.72 ? 506 PRO A C   1 
ATOM   979  O O   . PRO A 1 132 ? -7.010  15.371  15.835  1.00 19.65 ? 506 PRO A O   1 
ATOM   980  C CB  . PRO A 1 132 ? -4.540  16.476  14.501  1.00 19.69 ? 506 PRO A CB  1 
ATOM   981  C CG  . PRO A 1 132 ? -5.457  17.192  13.574  1.00 19.50 ? 506 PRO A CG  1 
ATOM   982  C CD  . PRO A 1 132 ? -5.809  16.196  12.514  1.00 19.67 ? 506 PRO A CD  1 
HETATM 983  O O   . HOH B 2 .   ? -14.553 -0.370  9.393   1.00 33.07 ? 1   HOH A O   1 
HETATM 984  O O   . HOH B 2 .   ? -8.970  6.318   -13.925 1.00 28.50 ? 2   HOH A O   1 
HETATM 985  O O   . HOH B 2 .   ? -13.002 -7.824  -4.743  1.00 23.72 ? 3   HOH A O   1 
HETATM 986  O O   . HOH B 2 .   ? 17.092  5.883   9.836   1.00 47.80 ? 4   HOH A O   1 
HETATM 987  O O   . HOH B 2 .   ? -12.610 -7.971  4.520   1.00 48.88 ? 5   HOH A O   1 
HETATM 988  O O   . HOH B 2 .   ? -9.190  -12.727 9.390   1.00 47.28 ? 6   HOH A O   1 
HETATM 989  O O   . HOH B 2 .   ? -12.143 -10.311 -6.404  1.00 60.04 ? 7   HOH A O   1 
HETATM 990  O O   . HOH B 2 .   ? 21.136  -13.613 -3.588  1.00 33.53 ? 8   HOH A O   1 
HETATM 991  O O   . HOH B 2 .   ? 24.439  -12.780 -1.143  1.00 45.91 ? 9   HOH A O   1 
HETATM 992  O O   . HOH B 2 .   ? 15.955  9.619   2.635   1.00 47.83 ? 10  HOH A O   1 
HETATM 993  O O   . HOH B 2 .   ? 17.160  4.836   5.060   1.00 58.23 ? 11  HOH A O   1 
HETATM 994  O O   . HOH B 2 .   ? -6.547  8.829   5.292   1.00 37.71 ? 12  HOH A O   1 
HETATM 995  O O   . HOH B 2 .   ? 2.099   11.982  7.296   1.00 35.72 ? 13  HOH A O   1 
HETATM 996  O O   . HOH B 2 .   ? -8.312  -8.287  6.720   1.00 36.14 ? 14  HOH A O   1 
HETATM 997  O O   . HOH B 2 .   ? 1.396   5.398   12.456  1.00 41.76 ? 15  HOH A O   1 
HETATM 998  O O   . HOH B 2 .   ? 0.697   17.031  -3.508  1.00 30.83 ? 16  HOH A O   1 
HETATM 999  O O   . HOH B 2 .   ? -15.187 -7.283  -6.258  1.00 45.13 ? 17  HOH A O   1 
HETATM 1000 O O   . HOH B 2 .   ? -14.528 -10.263 -3.763  0.50 37.98 ? 18  HOH A O   1 
HETATM 1001 O O   A HOH B 2 .   ? 17.767  5.671   1.535   0.50 13.76 ? 19  HOH A O   1 
HETATM 1002 O O   B HOH B 2 .   ? 18.857  4.862   2.853   0.50 21.25 ? 19  HOH A O   1 
HETATM 1003 O O   . HOH B 2 .   ? 2.091   -4.049  -13.168 1.00 10.23 ? 20  HOH A O   1 
HETATM 1004 O O   . HOH B 2 .   ? 4.157   1.864   -8.952  1.00 13.72 ? 21  HOH A O   1 
HETATM 1005 O O   . HOH B 2 .   ? 4.945   -4.446  -13.360 1.00 17.52 ? 22  HOH A O   1 
HETATM 1006 O O   . HOH B 2 .   ? 5.303   0.831   -6.713  1.00 17.92 ? 23  HOH A O   1 
HETATM 1007 O O   . HOH B 2 .   ? -8.926  6.202   -11.149 1.00 20.85 ? 24  HOH A O   1 
HETATM 1008 O O   . HOH B 2 .   ? 6.118   1.228   -15.936 1.00 10.18 ? 25  HOH A O   1 
HETATM 1009 O O   . HOH B 2 .   ? 8.814   0.969   12.994  1.00 29.85 ? 26  HOH A O   1 
HETATM 1010 O O   . HOH B 2 .   ? -6.230  8.597   2.066   1.00 33.56 ? 27  HOH A O   1 
HETATM 1011 O O   . HOH B 2 .   ? -10.776 7.311   -2.746  1.00 26.45 ? 28  HOH A O   1 
HETATM 1012 O O   . HOH B 2 .   ? -1.126  1.923   17.741  1.00 33.44 ? 29  HOH A O   1 
HETATM 1013 O O   . HOH B 2 .   ? 17.937  -2.090  1.480   1.00 37.62 ? 30  HOH A O   1 
HETATM 1014 O O   . HOH B 2 .   ? -5.701  14.159  6.046   1.00 16.65 ? 31  HOH A O   1 
HETATM 1015 O O   . HOH B 2 .   ? 5.878   6.659   -15.096 1.00 18.81 ? 32  HOH A O   1 
HETATM 1016 O O   . HOH B 2 .   ? 6.729   -14.249 -3.298  1.00 19.95 ? 33  HOH A O   1 
HETATM 1017 O O   . HOH B 2 .   ? 13.178  -10.682 -6.748  1.00 20.33 ? 34  HOH A O   1 
HETATM 1018 O O   . HOH B 2 .   ? 15.866  1.844   -4.872  1.00 29.63 ? 35  HOH A O   1 
HETATM 1019 O O   . HOH B 2 .   ? -10.793 3.914   -4.959  1.00 50.73 ? 36  HOH A O   1 
HETATM 1020 O O   . HOH B 2 .   ? 13.265  1.208   -6.718  1.00 17.47 ? 37  HOH A O   1 
HETATM 1021 O O   . HOH B 2 .   ? 14.720  -9.288  -8.478  1.00 33.63 ? 38  HOH A O   1 
HETATM 1022 O O   . HOH B 2 .   ? 9.262   -11.302 -0.073  1.00 33.42 ? 39  HOH A O   1 
HETATM 1023 O O   . HOH B 2 .   ? 4.944   -2.143  14.050  1.00 37.62 ? 40  HOH A O   1 
HETATM 1024 O O   . HOH B 2 .   ? 5.938   -4.901  7.062   1.00 39.66 ? 41  HOH A O   1 
HETATM 1025 O O   . HOH B 2 .   ? 7.141   4.439   9.389   1.00 31.13 ? 42  HOH A O   1 
HETATM 1026 O O   . HOH B 2 .   ? -2.024  3.758   -15.019 1.00 19.79 ? 43  HOH A O   1 
HETATM 1027 O O   . HOH B 2 .   ? 10.806  5.771   -2.030  1.00 28.12 ? 44  HOH A O   1 
HETATM 1028 O O   . HOH B 2 .   ? 0.498   9.130   -10.233 1.00 8.75  ? 45  HOH A O   1 
HETATM 1029 O O   . HOH B 2 .   ? 0.189   -13.177 -0.597  1.00 42.88 ? 46  HOH A O   1 
HETATM 1030 O O   . HOH B 2 .   ? -16.074 -6.604  -1.081  1.00 32.04 ? 47  HOH A O   1 
HETATM 1031 O O   . HOH B 2 .   ? -6.937  13.017  4.153   1.00 35.56 ? 48  HOH A O   1 
HETATM 1032 O O   . HOH B 2 .   ? -6.532  7.524   10.752  1.00 33.21 ? 49  HOH A O   1 
HETATM 1033 O O   A HOH B 2 .   ? -3.420  14.309  -3.356  0.50 7.91  ? 50  HOH A O   1 
HETATM 1034 O O   B HOH B 2 .   ? -1.961  16.099  -2.549  0.50 4.47  ? 50  HOH A O   1 
HETATM 1035 O O   . HOH B 2 .   ? -1.289  8.675   14.629  1.00 35.43 ? 51  HOH A O   1 
HETATM 1036 O O   . HOH B 2 .   ? -5.127  11.226  2.813   1.00 19.85 ? 52  HOH A O   1 
HETATM 1037 O O   . HOH B 2 .   ? -1.273  -4.919  -10.004 1.00 24.18 ? 53  HOH A O   1 
HETATM 1038 O O   . HOH B 2 .   ? 7.431   6.980   -12.851 1.00 25.28 ? 54  HOH A O   1 
HETATM 1039 O O   . HOH B 2 .   ? -4.352  14.525  -0.790  1.00 34.38 ? 55  HOH A O   1 
HETATM 1040 O O   . HOH B 2 .   ? -3.333  12.575  1.546   1.00 18.52 ? 56  HOH A O   1 
HETATM 1041 O O   . HOH B 2 .   ? -4.699  0.992   -15.286 1.00 39.46 ? 57  HOH A O   1 
HETATM 1042 O O   . HOH B 2 .   ? -3.865  -2.196  -12.622 1.00 32.45 ? 58  HOH A O   1 
HETATM 1043 O O   . HOH B 2 .   ? -3.532  -8.886  9.633   1.00 43.37 ? 59  HOH A O   1 
HETATM 1044 O O   . HOH B 2 .   ? -10.750 -5.897  13.515  1.00 42.41 ? 60  HOH A O   1 
HETATM 1045 O O   . HOH B 2 .   ? -2.900  -2.273  -10.126 1.00 41.21 ? 61  HOH A O   1 
HETATM 1046 O O   . HOH B 2 .   ? 2.469   9.284   7.696   1.00 23.79 ? 62  HOH A O   1 
HETATM 1047 O O   . HOH B 2 .   ? 12.537  1.949   3.591   1.00 28.51 ? 63  HOH A O   1 
HETATM 1048 O O   . HOH B 2 .   ? -8.330  -1.544  14.214  1.00 47.89 ? 64  HOH A O   1 
HETATM 1049 O O   . HOH B 2 .   ? 2.104   7.914   -8.545  1.00 47.01 ? 65  HOH A O   1 
HETATM 1050 O O   . HOH B 2 .   ? -5.165  -16.468 -4.325  1.00 21.66 ? 66  HOH A O   1 
HETATM 1051 O O   . HOH B 2 .   ? 11.137  12.869  -3.692  1.00 54.92 ? 67  HOH A O   1 
HETATM 1052 O O   . HOH B 2 .   ? -0.981  -10.972 -12.765 1.00 66.37 ? 68  HOH A O   1 
HETATM 1053 O O   . HOH B 2 .   ? -23.919 -2.086  5.423   1.00 54.06 ? 69  HOH A O   1 
HETATM 1054 O O   . HOH B 2 .   ? 2.512   11.682  13.720  1.00 70.17 ? 70  HOH A O   1 
HETATM 1055 O O   . HOH B 2 .   ? -11.195 11.406  -0.230  1.00 36.77 ? 71  HOH A O   1 
HETATM 1056 O O   . HOH B 2 .   ? -8.356  -4.262  13.959  1.00 36.85 ? 72  HOH A O   1 
HETATM 1057 O O   . HOH B 2 .   ? -8.273  -10.922 3.330   1.00 41.35 ? 73  HOH A O   1 
HETATM 1058 O O   . HOH B 2 .   ? 6.737   15.736  -3.734  1.00 41.42 ? 74  HOH A O   1 
HETATM 1059 O O   . HOH B 2 .   ? -10.498 3.657   11.879  1.00 45.75 ? 75  HOH A O   1 
HETATM 1060 O O   . HOH B 2 .   ? 20.746  -6.647  -8.567  1.00 44.80 ? 76  HOH A O   1 
HETATM 1061 O O   . HOH B 2 .   ? 19.002  0.462   -4.912  1.00 41.07 ? 77  HOH A O   1 
HETATM 1062 O O   . HOH B 2 .   ? -9.440  5.511   13.491  1.00 40.23 ? 78  HOH A O   1 
HETATM 1063 O O   . HOH B 2 .   ? 9.040   4.728   -8.617  1.00 77.90 ? 79  HOH A O   1 
HETATM 1064 O O   . HOH B 2 .   ? -10.814 4.092   -8.644  1.00 36.58 ? 80  HOH A O   1 
HETATM 1065 O O   . HOH B 2 .   ? -18.837 8.418   9.045   1.00 53.96 ? 81  HOH A O   1 
HETATM 1066 O O   . HOH B 2 .   ? -12.531 -0.245  12.843  1.00 39.63 ? 82  HOH A O   1 
HETATM 1067 O O   . HOH B 2 .   ? 7.656   12.445  -7.916  1.00 49.89 ? 83  HOH A O   1 
HETATM 1068 O O   . HOH B 2 .   ? 2.220   -6.595  9.431   1.00 27.42 ? 84  HOH A O   1 
# 
loop_
_pdbx_poly_seq_scheme.asym_id 
_pdbx_poly_seq_scheme.entity_id 
_pdbx_poly_seq_scheme.seq_id 
_pdbx_poly_seq_scheme.mon_id 
_pdbx_poly_seq_scheme.ndb_seq_num 
_pdbx_poly_seq_scheme.pdb_seq_num 
_pdbx_poly_seq_scheme.auth_seq_num 
_pdbx_poly_seq_scheme.pdb_mon_id 
_pdbx_poly_seq_scheme.auth_mon_id 
_pdbx_poly_seq_scheme.pdb_strand_id 
_pdbx_poly_seq_scheme.pdb_ins_code 
_pdbx_poly_seq_scheme.hetero 
A 1 1   GLY 1   375 ?   ?   ?   A . n 
A 1 2   PRO 2   376 ?   ?   ?   A . n 
A 1 3   LEU 3   377 ?   ?   ?   A . n 
A 1 4   GLY 4   378 ?   ?   ?   A . n 
A 1 5   SER 5   379 ?   ?   ?   A . n 
A 1 6   ASP 6   380 ?   ?   ?   A . n 
A 1 7   SER 7   381 ?   ?   ?   A . n 
A 1 8   ASP 8   382 ?   ?   ?   A . n 
A 1 9   GLU 9   383 ?   ?   ?   A . n 
A 1 10  MET 10  384 ?   ?   ?   A . n 
A 1 11  PRO 11  385 ?   ?   ?   A . n 
A 1 12  SER 12  386 ?   ?   ?   A . n 
A 1 13  GLU 13  387 387 GLU GLU A . n 
A 1 14  CYS 14  388 388 CYS CYS A . n 
A 1 15  ILE 15  389 389 ILE ILE A . n 
A 1 16  SER 16  390 390 SER SER A . n 
A 1 17  ARG 17  391 391 ARG ARG A . n 
A 1 18  ARG 18  392 392 ARG ARG A . n 
A 1 19  GLU 19  393 393 GLU GLU A . n 
A 1 20  LEU 20  394 394 LEU LEU A . n 
A 1 21  GLU 21  395 395 GLU GLU A . n 
A 1 22  LYS 22  396 396 LYS LYS A . n 
A 1 23  GLY 23  397 397 GLY GLY A . n 
A 1 24  ARG 24  398 398 ARG ARG A . n 
A 1 25  ILE 25  399 399 ILE ILE A . n 
A 1 26  SER 26  400 400 SER SER A . n 
A 1 27  ARG 27  401 401 ARG ARG A . n 
A 1 28  GLU 28  402 402 GLU GLU A . n 
A 1 29  GLU 29  403 403 GLU GLU A . n 
A 1 30  MET 30  404 404 MET MET A . n 
A 1 31  GLU 31  405 405 GLU GLU A . n 
A 1 32  THR 32  406 406 THR THR A . n 
A 1 33  LEU 33  407 407 LEU LEU A . n 
A 1 34  SER 34  408 408 SER SER A . n 
A 1 35  VAL 35  409 409 VAL VAL A . n 
A 1 36  PHE 36  410 410 PHE PHE A . n 
A 1 37  ARG 37  411 411 ARG ARG A . n 
A 1 38  SER 38  412 412 SER SER A . n 
A 1 39  TYR 39  413 413 TYR TYR A . n 
A 1 40  GLU 40  414 414 GLU GLU A . n 
A 1 41  PRO 41  415 415 PRO PRO A . n 
A 1 42  GLY 42  416 416 GLY GLY A . n 
A 1 43  GLU 43  417 417 GLU GLU A . n 
A 1 44  PRO 44  418 418 PRO PRO A . n 
A 1 45  ASN 45  419 419 ASN ASN A . n 
A 1 46  CYS 46  420 420 CYS CYS A . n 
A 1 47  ARG 47  421 421 ARG ARG A . n 
A 1 48  ILE 48  422 422 ILE ILE A . n 
A 1 49  TYR 49  423 423 TYR TYR A . n 
A 1 50  VAL 50  424 424 VAL VAL A . n 
A 1 51  LYS 51  425 425 LYS LYS A . n 
A 1 52  ASN 52  426 426 ASN ASN A . n 
A 1 53  LEU 53  427 427 LEU LEU A . n 
A 1 54  ALA 54  428 428 ALA ALA A . n 
A 1 55  LYS 55  429 429 LYS LYS A . n 
A 1 56  HIS 56  430 430 HIS HIS A . n 
A 1 57  VAL 57  431 431 VAL VAL A . n 
A 1 58  GLN 58  432 432 GLN GLN A . n 
A 1 59  GLU 59  433 433 GLU GLU A . n 
A 1 60  LYS 60  434 434 LYS LYS A . n 
A 1 61  ASP 61  435 435 ASP ASP A . n 
A 1 62  LEU 62  436 436 LEU LEU A . n 
A 1 63  LYS 63  437 437 LYS LYS A . n 
A 1 64  TYR 64  438 438 TYR TYR A . n 
A 1 65  ILE 65  439 439 ILE ILE A . n 
A 1 66  PHE 66  440 440 PHE PHE A . n 
A 1 67  GLY 67  441 441 GLY GLY A . n 
A 1 68  ARG 68  442 442 ARG ARG A . n 
A 1 69  TYR 69  443 443 TYR TYR A . n 
A 1 70  VAL 70  444 444 VAL VAL A . n 
A 1 71  ASP 71  445 445 ASP ASP A . n 
A 1 72  PHE 72  446 446 PHE PHE A . n 
A 1 73  SER 73  447 447 SER SER A . n 
A 1 74  SER 74  448 448 SER SER A . n 
A 1 75  GLU 75  449 449 GLU GLU A . n 
A 1 76  THR 76  450 450 THR THR A . n 
A 1 77  GLN 77  451 451 GLN GLN A . n 
A 1 78  ARG 78  452 452 ARG ARG A . n 
A 1 79  ILE 79  453 453 ILE ILE A . n 
A 1 80  MET 80  454 454 MET MET A . n 
A 1 81  PHE 81  455 455 PHE PHE A . n 
A 1 82  ASP 82  456 456 ASP ASP A . n 
A 1 83  ILE 83  457 457 ILE ILE A . n 
A 1 84  ARG 84  458 458 ARG ARG A . n 
A 1 85  LEU 85  459 459 LEU LEU A . n 
A 1 86  MET 86  460 460 MET MET A . n 
A 1 87  LYS 87  461 461 LYS LYS A . n 
A 1 88  GLU 88  462 462 GLU GLU A . n 
A 1 89  GLY 89  463 463 GLY GLY A . n 
A 1 90  ARG 90  464 464 ARG ARG A . n 
A 1 91  MET 91  465 465 MET MET A . n 
A 1 92  LYS 92  466 466 LYS LYS A . n 
A 1 93  GLY 93  467 467 GLY GLY A . n 
A 1 94  GLN 94  468 468 GLN GLN A . n 
A 1 95  ALA 95  469 469 ALA ALA A . n 
A 1 96  PHE 96  470 470 PHE PHE A . n 
A 1 97  ILE 97  471 471 ILE ILE A . n 
A 1 98  GLY 98  472 472 GLY GLY A . n 
A 1 99  LEU 99  473 473 LEU LEU A . n 
A 1 100 PRO 100 474 474 PRO PRO A . n 
A 1 101 ASN 101 475 475 ASN ASN A . n 
A 1 102 GLU 102 476 476 GLU GLU A . n 
A 1 103 LYS 103 477 477 LYS LYS A . n 
A 1 104 ALA 104 478 478 ALA ALA A . n 
A 1 105 ALA 105 479 479 ALA ALA A . n 
A 1 106 ALA 106 480 480 ALA ALA A . n 
A 1 107 LYS 107 481 481 LYS LYS A . n 
A 1 108 ALA 108 482 482 ALA ALA A . n 
A 1 109 LEU 109 483 483 LEU LEU A . n 
A 1 110 LYS 110 484 484 LYS LYS A . n 
A 1 111 GLU 111 485 485 GLU GLU A . n 
A 1 112 ALA 112 486 486 ALA ALA A . n 
A 1 113 ASN 113 487 487 ASN ASN A . n 
A 1 114 GLY 114 488 488 GLY GLY A . n 
A 1 115 TYR 115 489 489 TYR TYR A . n 
A 1 116 VAL 116 490 490 VAL VAL A . n 
A 1 117 LEU 117 491 491 LEU LEU A . n 
A 1 118 PHE 118 492 492 PHE PHE A . n 
A 1 119 GLY 119 493 493 GLY GLY A . n 
A 1 120 LYS 120 494 494 LYS LYS A . n 
A 1 121 PRO 121 495 495 PRO PRO A . n 
A 1 122 MET 122 496 496 MET MET A . n 
A 1 123 VAL 123 497 497 VAL VAL A . n 
A 1 124 VAL 124 498 498 VAL VAL A . n 
A 1 125 GLN 125 499 499 GLN GLN A . n 
A 1 126 PHE 126 500 500 PHE PHE A . n 
A 1 127 ALA 127 501 501 ALA ALA A . n 
A 1 128 ARG 128 502 502 ARG ARG A . n 
A 1 129 SER 129 503 503 SER SER A . n 
A 1 130 ALA 130 504 504 ALA ALA A . n 
A 1 131 ARG 131 505 505 ARG ARG A . n 
A 1 132 PRO 132 506 506 PRO PRO A . n 
A 1 133 LYS 133 507 ?   ?   ?   A . n 
A 1 134 GLN 134 508 ?   ?   ?   A . n 
A 1 135 ASP 135 509 ?   ?   ?   A . n 
A 1 136 PRO 136 510 ?   ?   ?   A . n 
A 1 137 LYS 137 511 ?   ?   ?   A . n 
A 1 138 GLU 138 512 ?   ?   ?   A . n 
A 1 139 GLY 139 513 ?   ?   ?   A . n 
A 1 140 LYS 140 514 ?   ?   ?   A . n 
A 1 141 ARG 141 515 ?   ?   ?   A . n 
A 1 142 LYS 142 516 ?   ?   ?   A . n 
A 1 143 CYS 143 517 ?   ?   ?   A . n 
# 
loop_
_pdbx_nonpoly_scheme.asym_id 
_pdbx_nonpoly_scheme.entity_id 
_pdbx_nonpoly_scheme.mon_id 
_pdbx_nonpoly_scheme.ndb_seq_num 
_pdbx_nonpoly_scheme.pdb_seq_num 
_pdbx_nonpoly_scheme.auth_seq_num 
_pdbx_nonpoly_scheme.pdb_mon_id 
_pdbx_nonpoly_scheme.auth_mon_id 
_pdbx_nonpoly_scheme.pdb_strand_id 
_pdbx_nonpoly_scheme.pdb_ins_code 
B 2 HOH 1  1  1  HOH HOH A . 
B 2 HOH 2  2  2  HOH HOH A . 
B 2 HOH 3  3  3  HOH HOH A . 
B 2 HOH 4  4  4  HOH HOH A . 
B 2 HOH 5  5  5  HOH HOH A . 
B 2 HOH 6  6  6  HOH HOH A . 
B 2 HOH 7  7  7  HOH HOH A . 
B 2 HOH 8  8  8  HOH HOH A . 
B 2 HOH 9  9  9  HOH HOH A . 
B 2 HOH 10 10 10 HOH HOH A . 
B 2 HOH 11 11 11 HOH HOH A . 
B 2 HOH 12 12 12 HOH HOH A . 
B 2 HOH 13 13 13 HOH HOH A . 
B 2 HOH 14 14 14 HOH HOH A . 
B 2 HOH 15 15 15 HOH HOH A . 
B 2 HOH 16 16 16 HOH HOH A . 
B 2 HOH 17 17 17 HOH HOH A . 
B 2 HOH 18 18 18 HOH HOH A . 
B 2 HOH 19 19 19 HOH HOH A . 
B 2 HOH 20 20 20 HOH HOH A . 
B 2 HOH 21 21 21 HOH HOH A . 
B 2 HOH 22 22 22 HOH HOH A . 
B 2 HOH 23 23 23 HOH HOH A . 
B 2 HOH 24 24 24 HOH HOH A . 
B 2 HOH 25 25 25 HOH HOH A . 
B 2 HOH 26 26 26 HOH HOH A . 
B 2 HOH 27 27 27 HOH HOH A . 
B 2 HOH 28 28 28 HOH HOH A . 
B 2 HOH 29 29 29 HOH HOH A . 
B 2 HOH 30 30 30 HOH HOH A . 
B 2 HOH 31 31 31 HOH HOH A . 
B 2 HOH 32 32 32 HOH HOH A . 
B 2 HOH 33 33 33 HOH HOH A . 
B 2 HOH 34 34 34 HOH HOH A . 
B 2 HOH 35 35 35 HOH HOH A . 
B 2 HOH 36 36 36 HOH HOH A . 
B 2 HOH 37 37 37 HOH HOH A . 
B 2 HOH 38 38 38 HOH HOH A . 
B 2 HOH 39 39 39 HOH HOH A . 
B 2 HOH 40 40 40 HOH HOH A . 
B 2 HOH 41 41 41 HOH HOH A . 
B 2 HOH 42 42 42 HOH HOH A . 
B 2 HOH 43 43 43 HOH HOH A . 
B 2 HOH 44 44 44 HOH HOH A . 
B 2 HOH 45 45 45 HOH HOH A . 
B 2 HOH 46 46 46 HOH HOH A . 
B 2 HOH 47 47 47 HOH HOH A . 
B 2 HOH 48 48 48 HOH HOH A . 
B 2 HOH 49 49 49 HOH HOH A . 
B 2 HOH 50 50 50 HOH HOH A . 
B 2 HOH 51 51 51 HOH HOH A . 
B 2 HOH 52 52 52 HOH HOH A . 
B 2 HOH 53 53 53 HOH HOH A . 
B 2 HOH 54 54 54 HOH HOH A . 
B 2 HOH 55 55 55 HOH HOH A . 
B 2 HOH 56 56 56 HOH HOH A . 
B 2 HOH 57 57 57 HOH HOH A . 
B 2 HOH 58 58 58 HOH HOH A . 
B 2 HOH 59 59 59 HOH HOH A . 
B 2 HOH 60 60 60 HOH HOH A . 
B 2 HOH 61 61 61 HOH HOH A . 
B 2 HOH 62 62 62 HOH HOH A . 
B 2 HOH 63 63 63 HOH HOH A . 
B 2 HOH 64 64 64 HOH HOH A . 
B 2 HOH 65 65 65 HOH HOH A . 
B 2 HOH 66 66 66 HOH HOH A . 
B 2 HOH 67 67 67 HOH HOH A . 
B 2 HOH 68 68 68 HOH HOH A . 
B 2 HOH 69 69 69 HOH HOH A . 
B 2 HOH 70 70 70 HOH HOH A . 
B 2 HOH 71 71 71 HOH HOH A . 
B 2 HOH 72 72 72 HOH HOH A . 
B 2 HOH 73 73 73 HOH HOH A . 
B 2 HOH 74 74 74 HOH HOH A . 
B 2 HOH 75 75 75 HOH HOH A . 
B 2 HOH 76 76 76 HOH HOH A . 
B 2 HOH 77 77 77 HOH HOH A . 
B 2 HOH 78 78 78 HOH HOH A . 
B 2 HOH 79 79 79 HOH HOH A . 
B 2 HOH 80 80 80 HOH HOH A . 
B 2 HOH 81 81 81 HOH HOH A . 
B 2 HOH 82 82 82 HOH HOH A . 
B 2 HOH 83 83 83 HOH HOH A . 
B 2 HOH 84 84 84 HOH HOH A . 
# 
_pdbx_struct_assembly.id                   1 
_pdbx_struct_assembly.details              author_and_software_defined_assembly 
_pdbx_struct_assembly.method_details       PISA 
_pdbx_struct_assembly.oligomeric_details   monomeric 
_pdbx_struct_assembly.oligomeric_count     1 
# 
_pdbx_struct_assembly_gen.assembly_id       1 
_pdbx_struct_assembly_gen.oper_expression   1 
_pdbx_struct_assembly_gen.asym_id_list      A,B 
# 
_pdbx_struct_oper_list.id                   1 
_pdbx_struct_oper_list.type                 'identity operation' 
_pdbx_struct_oper_list.name                 1_555 
_pdbx_struct_oper_list.symmetry_operation   x,y,z 
_pdbx_struct_oper_list.matrix[1][1]         1.0000000000 
_pdbx_struct_oper_list.matrix[1][2]         0.0000000000 
_pdbx_struct_oper_list.matrix[1][3]         0.0000000000 
_pdbx_struct_oper_list.vector[1]            0.0000000000 
_pdbx_struct_oper_list.matrix[2][1]         0.0000000000 
_pdbx_struct_oper_list.matrix[2][2]         1.0000000000 
_pdbx_struct_oper_list.matrix[2][3]         0.0000000000 
_pdbx_struct_oper_list.vector[2]            0.0000000000 
_pdbx_struct_oper_list.matrix[3][1]         0.0000000000 
_pdbx_struct_oper_list.matrix[3][2]         0.0000000000 
_pdbx_struct_oper_list.matrix[3][3]         1.0000000000 
_pdbx_struct_oper_list.vector[3]            0.0000000000 
# 
_pdbx_struct_special_symmetry.id              1 
_pdbx_struct_special_symmetry.PDB_model_num   1 
_pdbx_struct_special_symmetry.auth_asym_id    A 
_pdbx_struct_special_symmetry.auth_comp_id    HOH 
_pdbx_struct_special_symmetry.auth_seq_id     18 
_pdbx_struct_special_symmetry.PDB_ins_code    ? 
_pdbx_struct_special_symmetry.label_asym_id   B 
_pdbx_struct_special_symmetry.label_comp_id   HOH 
_pdbx_struct_special_symmetry.label_seq_id    . 
# 
loop_
_pdbx_audit_revision_history.ordinal 
_pdbx_audit_revision_history.data_content_type 
_pdbx_audit_revision_history.major_revision 
_pdbx_audit_revision_history.minor_revision 
_pdbx_audit_revision_history.revision_date 
1 'Structure model' 1 0 2009-06-09 
2 'Structure model' 1 1 2011-07-13 
3 'Structure model' 1 2 2023-11-01 
# 
_pdbx_audit_revision_details.ordinal             1 
_pdbx_audit_revision_details.revision_ordinal    1 
_pdbx_audit_revision_details.data_content_type   'Structure model' 
_pdbx_audit_revision_details.provider            repository 
_pdbx_audit_revision_details.type                'Initial release' 
_pdbx_audit_revision_details.description         ? 
_pdbx_audit_revision_details.details             ? 
# 
loop_
_pdbx_audit_revision_group.ordinal 
_pdbx_audit_revision_group.revision_ordinal 
_pdbx_audit_revision_group.data_content_type 
_pdbx_audit_revision_group.group 
1 2 'Structure model' Advisory                    
2 2 'Structure model' 'Version format compliance' 
3 3 'Structure model' 'Data collection'           
4 3 'Structure model' 'Database references'       
5 3 'Structure model' 'Refinement description'    
# 
loop_
_pdbx_audit_revision_category.ordinal 
_pdbx_audit_revision_category.revision_ordinal 
_pdbx_audit_revision_category.data_content_type 
_pdbx_audit_revision_category.category 
1 3 'Structure model' chem_comp_atom                
2 3 'Structure model' chem_comp_bond                
3 3 'Structure model' database_2                    
4 3 'Structure model' pdbx_initial_refinement_model 
5 3 'Structure model' struct_ref_seq_dif            
# 
loop_
_pdbx_audit_revision_item.ordinal 
_pdbx_audit_revision_item.revision_ordinal 
_pdbx_audit_revision_item.data_content_type 
_pdbx_audit_revision_item.item 
1 3 'Structure model' '_database_2.pdbx_DOI'                
2 3 'Structure model' '_database_2.pdbx_database_accession' 
3 3 'Structure model' '_struct_ref_seq_dif.details'         
# 
loop_
_pdbx_refine_tls.id 
_pdbx_refine_tls.details 
_pdbx_refine_tls.method 
_pdbx_refine_tls.origin_x 
_pdbx_refine_tls.origin_y 
_pdbx_refine_tls.origin_z 
_pdbx_refine_tls.T[1][1] 
_pdbx_refine_tls.T[2][2] 
_pdbx_refine_tls.T[3][3] 
_pdbx_refine_tls.T[1][2] 
_pdbx_refine_tls.T[1][3] 
_pdbx_refine_tls.T[2][3] 
_pdbx_refine_tls.L[1][1] 
_pdbx_refine_tls.L[2][2] 
_pdbx_refine_tls.L[3][3] 
_pdbx_refine_tls.L[1][2] 
_pdbx_refine_tls.L[1][3] 
_pdbx_refine_tls.L[2][3] 
_pdbx_refine_tls.S[1][1] 
_pdbx_refine_tls.S[1][2] 
_pdbx_refine_tls.S[1][3] 
_pdbx_refine_tls.S[2][1] 
_pdbx_refine_tls.S[2][2] 
_pdbx_refine_tls.S[2][3] 
_pdbx_refine_tls.S[3][1] 
_pdbx_refine_tls.S[3][2] 
_pdbx_refine_tls.S[3][3] 
_pdbx_refine_tls.pdbx_refine_id 
1 ? refined 4.6999  -2.5080 -1.6661 0.0856 0.0542 0.0968 -0.0100 -0.0121 0.0066  4.6731 3.2170 4.4411 -1.5920 -0.0828 0.2445  -0.0918 -0.3271 -0.1787 0.1658 0.1884  -0.0975 0.1842  0.1947  -0.0965 'X-RAY DIFFRACTION' 
2 ? refined -7.0706 2.7736  -1.2702 0.0587 0.1182 0.0620 -0.0040 -0.0202 -0.0047 3.9147 8.4392 6.5701 0.9115  -0.7836 -0.4757 0.0230  0.0885  -0.0721 0.1043 -0.0437 0.1193  -0.2595 -0.3812 0.0207  'X-RAY DIFFRACTION' 
3 ? refined -0.0951 0.5355  2.8653  0.0172 0.1210 0.0972 0.0008  -0.0158 0.0055  5.1022 2.9426 7.7175 -1.1221 -1.8851 0.9540  -0.1536 -0.5453 -0.0610 0.2160 0.1306  0.1119  0.0073  -0.0663 0.0229  'X-RAY DIFFRACTION' 
# 
loop_
_pdbx_refine_tls_group.id 
_pdbx_refine_tls_group.refine_tls_id 
_pdbx_refine_tls_group.beg_auth_asym_id 
_pdbx_refine_tls_group.beg_auth_seq_id 
_pdbx_refine_tls_group.beg_label_asym_id 
_pdbx_refine_tls_group.beg_label_seq_id 
_pdbx_refine_tls_group.end_auth_asym_id 
_pdbx_refine_tls_group.end_auth_seq_id 
_pdbx_refine_tls_group.end_label_asym_id 
_pdbx_refine_tls_group.end_label_seq_id 
_pdbx_refine_tls_group.selection 
_pdbx_refine_tls_group.pdbx_refine_id 
_pdbx_refine_tls_group.selection_details 
1 1 A 387 ? ? A 436 ? ? ? 'X-RAY DIFFRACTION' ? 
2 2 A 437 ? ? A 467 ? ? ? 'X-RAY DIFFRACTION' ? 
3 3 A 468 ? ? A 506 ? ? ? 'X-RAY DIFFRACTION' ? 
# 
loop_
_software.name 
_software.classification 
_software.version 
_software.citation_id 
_software.pdbx_ordinal 
MAR345dtb 'data collection' .        ? 1 
MOLREP    phasing           .        ? 2 
REFMAC    refinement        5.2.0019 ? 3 
HKL-2000  'data reduction'  .        ? 4 
HKL-2000  'data scaling'    .        ? 5 
# 
loop_
_pdbx_validate_torsion.id 
_pdbx_validate_torsion.PDB_model_num 
_pdbx_validate_torsion.auth_comp_id 
_pdbx_validate_torsion.auth_asym_id 
_pdbx_validate_torsion.auth_seq_id 
_pdbx_validate_torsion.PDB_ins_code 
_pdbx_validate_torsion.label_alt_id 
_pdbx_validate_torsion.phi 
_pdbx_validate_torsion.psi 
1 1 ARG A 464 ? ? 74.82 74.28  
2 1 MET A 465 ? ? 74.54 -36.90 
# 
loop_
_pdbx_unobs_or_zero_occ_residues.id 
_pdbx_unobs_or_zero_occ_residues.PDB_model_num 
_pdbx_unobs_or_zero_occ_residues.polymer_flag 
_pdbx_unobs_or_zero_occ_residues.occupancy_flag 
_pdbx_unobs_or_zero_occ_residues.auth_asym_id 
_pdbx_unobs_or_zero_occ_residues.auth_comp_id 
_pdbx_unobs_or_zero_occ_residues.auth_seq_id 
_pdbx_unobs_or_zero_occ_residues.PDB_ins_code 
_pdbx_unobs_or_zero_occ_residues.label_asym_id 
_pdbx_unobs_or_zero_occ_residues.label_comp_id 
_pdbx_unobs_or_zero_occ_residues.label_seq_id 
1  1 Y 1 A GLY 375 ? A GLY 1   
2  1 Y 1 A PRO 376 ? A PRO 2   
3  1 Y 1 A LEU 377 ? A LEU 3   
4  1 Y 1 A GLY 378 ? A GLY 4   
5  1 Y 1 A SER 379 ? A SER 5   
6  1 Y 1 A ASP 380 ? A ASP 6   
7  1 Y 1 A SER 381 ? A SER 7   
8  1 Y 1 A ASP 382 ? A ASP 8   
9  1 Y 1 A GLU 383 ? A GLU 9   
10 1 Y 1 A MET 384 ? A MET 10  
11 1 Y 1 A PRO 385 ? A PRO 11  
12 1 Y 1 A SER 386 ? A SER 12  
13 1 Y 1 A LYS 507 ? A LYS 133 
14 1 Y 1 A GLN 508 ? A GLN 134 
15 1 Y 1 A ASP 509 ? A ASP 135 
16 1 Y 1 A PRO 510 ? A PRO 136 
17 1 Y 1 A LYS 511 ? A LYS 137 
18 1 Y 1 A GLU 512 ? A GLU 138 
19 1 Y 1 A GLY 513 ? A GLY 139 
20 1 Y 1 A LYS 514 ? A LYS 140 
21 1 Y 1 A ARG 515 ? A ARG 141 
22 1 Y 1 A LYS 516 ? A LYS 142 
23 1 Y 1 A CYS 517 ? A CYS 143 
# 
loop_
_chem_comp_atom.comp_id 
_chem_comp_atom.atom_id 
_chem_comp_atom.type_symbol 
_chem_comp_atom.pdbx_aromatic_flag 
_chem_comp_atom.pdbx_stereo_config 
_chem_comp_atom.pdbx_ordinal 
ALA N    N N N 1   
ALA CA   C N S 2   
ALA C    C N N 3   
ALA O    O N N 4   
ALA CB   C N N 5   
ALA OXT  O N N 6   
ALA H    H N N 7   
ALA H2   H N N 8   
ALA HA   H N N 9   
ALA HB1  H N N 10  
ALA HB2  H N N 11  
ALA HB3  H N N 12  
ALA HXT  H N N 13  
ARG N    N N N 14  
ARG CA   C N S 15  
ARG C    C N N 16  
ARG O    O N N 17  
ARG CB   C N N 18  
ARG CG   C N N 19  
ARG CD   C N N 20  
ARG NE   N N N 21  
ARG CZ   C N N 22  
ARG NH1  N N N 23  
ARG NH2  N N N 24  
ARG OXT  O N N 25  
ARG H    H N N 26  
ARG H2   H N N 27  
ARG HA   H N N 28  
ARG HB2  H N N 29  
ARG HB3  H N N 30  
ARG HG2  H N N 31  
ARG HG3  H N N 32  
ARG HD2  H N N 33  
ARG HD3  H N N 34  
ARG HE   H N N 35  
ARG HH11 H N N 36  
ARG HH12 H N N 37  
ARG HH21 H N N 38  
ARG HH22 H N N 39  
ARG HXT  H N N 40  
ASN N    N N N 41  
ASN CA   C N S 42  
ASN C    C N N 43  
ASN O    O N N 44  
ASN CB   C N N 45  
ASN CG   C N N 46  
ASN OD1  O N N 47  
ASN ND2  N N N 48  
ASN OXT  O N N 49  
ASN H    H N N 50  
ASN H2   H N N 51  
ASN HA   H N N 52  
ASN HB2  H N N 53  
ASN HB3  H N N 54  
ASN HD21 H N N 55  
ASN HD22 H N N 56  
ASN HXT  H N N 57  
ASP N    N N N 58  
ASP CA   C N S 59  
ASP C    C N N 60  
ASP O    O N N 61  
ASP CB   C N N 62  
ASP CG   C N N 63  
ASP OD1  O N N 64  
ASP OD2  O N N 65  
ASP OXT  O N N 66  
ASP H    H N N 67  
ASP H2   H N N 68  
ASP HA   H N N 69  
ASP HB2  H N N 70  
ASP HB3  H N N 71  
ASP HD2  H N N 72  
ASP HXT  H N N 73  
CYS N    N N N 74  
CYS CA   C N R 75  
CYS C    C N N 76  
CYS O    O N N 77  
CYS CB   C N N 78  
CYS SG   S N N 79  
CYS OXT  O N N 80  
CYS H    H N N 81  
CYS H2   H N N 82  
CYS HA   H N N 83  
CYS HB2  H N N 84  
CYS HB3  H N N 85  
CYS HG   H N N 86  
CYS HXT  H N N 87  
GLN N    N N N 88  
GLN CA   C N S 89  
GLN C    C N N 90  
GLN O    O N N 91  
GLN CB   C N N 92  
GLN CG   C N N 93  
GLN CD   C N N 94  
GLN OE1  O N N 95  
GLN NE2  N N N 96  
GLN OXT  O N N 97  
GLN H    H N N 98  
GLN H2   H N N 99  
GLN HA   H N N 100 
GLN HB2  H N N 101 
GLN HB3  H N N 102 
GLN HG2  H N N 103 
GLN HG3  H N N 104 
GLN HE21 H N N 105 
GLN HE22 H N N 106 
GLN HXT  H N N 107 
GLU N    N N N 108 
GLU CA   C N S 109 
GLU C    C N N 110 
GLU O    O N N 111 
GLU CB   C N N 112 
GLU CG   C N N 113 
GLU CD   C N N 114 
GLU OE1  O N N 115 
GLU OE2  O N N 116 
GLU OXT  O N N 117 
GLU H    H N N 118 
GLU H2   H N N 119 
GLU HA   H N N 120 
GLU HB2  H N N 121 
GLU HB3  H N N 122 
GLU HG2  H N N 123 
GLU HG3  H N N 124 
GLU HE2  H N N 125 
GLU HXT  H N N 126 
GLY N    N N N 127 
GLY CA   C N N 128 
GLY C    C N N 129 
GLY O    O N N 130 
GLY OXT  O N N 131 
GLY H    H N N 132 
GLY H2   H N N 133 
GLY HA2  H N N 134 
GLY HA3  H N N 135 
GLY HXT  H N N 136 
HIS N    N N N 137 
HIS CA   C N S 138 
HIS C    C N N 139 
HIS O    O N N 140 
HIS CB   C N N 141 
HIS CG   C Y N 142 
HIS ND1  N Y N 143 
HIS CD2  C Y N 144 
HIS CE1  C Y N 145 
HIS NE2  N Y N 146 
HIS OXT  O N N 147 
HIS H    H N N 148 
HIS H2   H N N 149 
HIS HA   H N N 150 
HIS HB2  H N N 151 
HIS HB3  H N N 152 
HIS HD1  H N N 153 
HIS HD2  H N N 154 
HIS HE1  H N N 155 
HIS HE2  H N N 156 
HIS HXT  H N N 157 
HOH O    O N N 158 
HOH H1   H N N 159 
HOH H2   H N N 160 
ILE N    N N N 161 
ILE CA   C N S 162 
ILE C    C N N 163 
ILE O    O N N 164 
ILE CB   C N S 165 
ILE CG1  C N N 166 
ILE CG2  C N N 167 
ILE CD1  C N N 168 
ILE OXT  O N N 169 
ILE H    H N N 170 
ILE H2   H N N 171 
ILE HA   H N N 172 
ILE HB   H N N 173 
ILE HG12 H N N 174 
ILE HG13 H N N 175 
ILE HG21 H N N 176 
ILE HG22 H N N 177 
ILE HG23 H N N 178 
ILE HD11 H N N 179 
ILE HD12 H N N 180 
ILE HD13 H N N 181 
ILE HXT  H N N 182 
LEU N    N N N 183 
LEU CA   C N S 184 
LEU C    C N N 185 
LEU O    O N N 186 
LEU CB   C N N 187 
LEU CG   C N N 188 
LEU CD1  C N N 189 
LEU CD2  C N N 190 
LEU OXT  O N N 191 
LEU H    H N N 192 
LEU H2   H N N 193 
LEU HA   H N N 194 
LEU HB2  H N N 195 
LEU HB3  H N N 196 
LEU HG   H N N 197 
LEU HD11 H N N 198 
LEU HD12 H N N 199 
LEU HD13 H N N 200 
LEU HD21 H N N 201 
LEU HD22 H N N 202 
LEU HD23 H N N 203 
LEU HXT  H N N 204 
LYS N    N N N 205 
LYS CA   C N S 206 
LYS C    C N N 207 
LYS O    O N N 208 
LYS CB   C N N 209 
LYS CG   C N N 210 
LYS CD   C N N 211 
LYS CE   C N N 212 
LYS NZ   N N N 213 
LYS OXT  O N N 214 
LYS H    H N N 215 
LYS H2   H N N 216 
LYS HA   H N N 217 
LYS HB2  H N N 218 
LYS HB3  H N N 219 
LYS HG2  H N N 220 
LYS HG3  H N N 221 
LYS HD2  H N N 222 
LYS HD3  H N N 223 
LYS HE2  H N N 224 
LYS HE3  H N N 225 
LYS HZ1  H N N 226 
LYS HZ2  H N N 227 
LYS HZ3  H N N 228 
LYS HXT  H N N 229 
MET N    N N N 230 
MET CA   C N S 231 
MET C    C N N 232 
MET O    O N N 233 
MET CB   C N N 234 
MET CG   C N N 235 
MET SD   S N N 236 
MET CE   C N N 237 
MET OXT  O N N 238 
MET H    H N N 239 
MET H2   H N N 240 
MET HA   H N N 241 
MET HB2  H N N 242 
MET HB3  H N N 243 
MET HG2  H N N 244 
MET HG3  H N N 245 
MET HE1  H N N 246 
MET HE2  H N N 247 
MET HE3  H N N 248 
MET HXT  H N N 249 
PHE N    N N N 250 
PHE CA   C N S 251 
PHE C    C N N 252 
PHE O    O N N 253 
PHE CB   C N N 254 
PHE CG   C Y N 255 
PHE CD1  C Y N 256 
PHE CD2  C Y N 257 
PHE CE1  C Y N 258 
PHE CE2  C Y N 259 
PHE CZ   C Y N 260 
PHE OXT  O N N 261 
PHE H    H N N 262 
PHE H2   H N N 263 
PHE HA   H N N 264 
PHE HB2  H N N 265 
PHE HB3  H N N 266 
PHE HD1  H N N 267 
PHE HD2  H N N 268 
PHE HE1  H N N 269 
PHE HE2  H N N 270 
PHE HZ   H N N 271 
PHE HXT  H N N 272 
PRO N    N N N 273 
PRO CA   C N S 274 
PRO C    C N N 275 
PRO O    O N N 276 
PRO CB   C N N 277 
PRO CG   C N N 278 
PRO CD   C N N 279 
PRO OXT  O N N 280 
PRO H    H N N 281 
PRO HA   H N N 282 
PRO HB2  H N N 283 
PRO HB3  H N N 284 
PRO HG2  H N N 285 
PRO HG3  H N N 286 
PRO HD2  H N N 287 
PRO HD3  H N N 288 
PRO HXT  H N N 289 
SER N    N N N 290 
SER CA   C N S 291 
SER C    C N N 292 
SER O    O N N 293 
SER CB   C N N 294 
SER OG   O N N 295 
SER OXT  O N N 296 
SER H    H N N 297 
SER H2   H N N 298 
SER HA   H N N 299 
SER HB2  H N N 300 
SER HB3  H N N 301 
SER HG   H N N 302 
SER HXT  H N N 303 
THR N    N N N 304 
THR CA   C N S 305 
THR C    C N N 306 
THR O    O N N 307 
THR CB   C N R 308 
THR OG1  O N N 309 
THR CG2  C N N 310 
THR OXT  O N N 311 
THR H    H N N 312 
THR H2   H N N 313 
THR HA   H N N 314 
THR HB   H N N 315 
THR HG1  H N N 316 
THR HG21 H N N 317 
THR HG22 H N N 318 
THR HG23 H N N 319 
THR HXT  H N N 320 
TYR N    N N N 321 
TYR CA   C N S 322 
TYR C    C N N 323 
TYR O    O N N 324 
TYR CB   C N N 325 
TYR CG   C Y N 326 
TYR CD1  C Y N 327 
TYR CD2  C Y N 328 
TYR CE1  C Y N 329 
TYR CE2  C Y N 330 
TYR CZ   C Y N 331 
TYR OH   O N N 332 
TYR OXT  O N N 333 
TYR H    H N N 334 
TYR H2   H N N 335 
TYR HA   H N N 336 
TYR HB2  H N N 337 
TYR HB3  H N N 338 
TYR HD1  H N N 339 
TYR HD2  H N N 340 
TYR HE1  H N N 341 
TYR HE2  H N N 342 
TYR HH   H N N 343 
TYR HXT  H N N 344 
VAL N    N N N 345 
VAL CA   C N S 346 
VAL C    C N N 347 
VAL O    O N N 348 
VAL CB   C N N 349 
VAL CG1  C N N 350 
VAL CG2  C N N 351 
VAL OXT  O N N 352 
VAL H    H N N 353 
VAL H2   H N N 354 
VAL HA   H N N 355 
VAL HB   H N N 356 
VAL HG11 H N N 357 
VAL HG12 H N N 358 
VAL HG13 H N N 359 
VAL HG21 H N N 360 
VAL HG22 H N N 361 
VAL HG23 H N N 362 
VAL HXT  H N N 363 
# 
loop_
_chem_comp_bond.comp_id 
_chem_comp_bond.atom_id_1 
_chem_comp_bond.atom_id_2 
_chem_comp_bond.value_order 
_chem_comp_bond.pdbx_aromatic_flag 
_chem_comp_bond.pdbx_stereo_config 
_chem_comp_bond.pdbx_ordinal 
ALA N   CA   sing N N 1   
ALA N   H    sing N N 2   
ALA N   H2   sing N N 3   
ALA CA  C    sing N N 4   
ALA CA  CB   sing N N 5   
ALA CA  HA   sing N N 6   
ALA C   O    doub N N 7   
ALA C   OXT  sing N N 8   
ALA CB  HB1  sing N N 9   
ALA CB  HB2  sing N N 10  
ALA CB  HB3  sing N N 11  
ALA OXT HXT  sing N N 12  
ARG N   CA   sing N N 13  
ARG N   H    sing N N 14  
ARG N   H2   sing N N 15  
ARG CA  C    sing N N 16  
ARG CA  CB   sing N N 17  
ARG CA  HA   sing N N 18  
ARG C   O    doub N N 19  
ARG C   OXT  sing N N 20  
ARG CB  CG   sing N N 21  
ARG CB  HB2  sing N N 22  
ARG CB  HB3  sing N N 23  
ARG CG  CD   sing N N 24  
ARG CG  HG2  sing N N 25  
ARG CG  HG3  sing N N 26  
ARG CD  NE   sing N N 27  
ARG CD  HD2  sing N N 28  
ARG CD  HD3  sing N N 29  
ARG NE  CZ   sing N N 30  
ARG NE  HE   sing N N 31  
ARG CZ  NH1  sing N N 32  
ARG CZ  NH2  doub N N 33  
ARG NH1 HH11 sing N N 34  
ARG NH1 HH12 sing N N 35  
ARG NH2 HH21 sing N N 36  
ARG NH2 HH22 sing N N 37  
ARG OXT HXT  sing N N 38  
ASN N   CA   sing N N 39  
ASN N   H    sing N N 40  
ASN N   H2   sing N N 41  
ASN CA  C    sing N N 42  
ASN CA  CB   sing N N 43  
ASN CA  HA   sing N N 44  
ASN C   O    doub N N 45  
ASN C   OXT  sing N N 46  
ASN CB  CG   sing N N 47  
ASN CB  HB2  sing N N 48  
ASN CB  HB3  sing N N 49  
ASN CG  OD1  doub N N 50  
ASN CG  ND2  sing N N 51  
ASN ND2 HD21 sing N N 52  
ASN ND2 HD22 sing N N 53  
ASN OXT HXT  sing N N 54  
ASP N   CA   sing N N 55  
ASP N   H    sing N N 56  
ASP N   H2   sing N N 57  
ASP CA  C    sing N N 58  
ASP CA  CB   sing N N 59  
ASP CA  HA   sing N N 60  
ASP C   O    doub N N 61  
ASP C   OXT  sing N N 62  
ASP CB  CG   sing N N 63  
ASP CB  HB2  sing N N 64  
ASP CB  HB3  sing N N 65  
ASP CG  OD1  doub N N 66  
ASP CG  OD2  sing N N 67  
ASP OD2 HD2  sing N N 68  
ASP OXT HXT  sing N N 69  
CYS N   CA   sing N N 70  
CYS N   H    sing N N 71  
CYS N   H2   sing N N 72  
CYS CA  C    sing N N 73  
CYS CA  CB   sing N N 74  
CYS CA  HA   sing N N 75  
CYS C   O    doub N N 76  
CYS C   OXT  sing N N 77  
CYS CB  SG   sing N N 78  
CYS CB  HB2  sing N N 79  
CYS CB  HB3  sing N N 80  
CYS SG  HG   sing N N 81  
CYS OXT HXT  sing N N 82  
GLN N   CA   sing N N 83  
GLN N   H    sing N N 84  
GLN N   H2   sing N N 85  
GLN CA  C    sing N N 86  
GLN CA  CB   sing N N 87  
GLN CA  HA   sing N N 88  
GLN C   O    doub N N 89  
GLN C   OXT  sing N N 90  
GLN CB  CG   sing N N 91  
GLN CB  HB2  sing N N 92  
GLN CB  HB3  sing N N 93  
GLN CG  CD   sing N N 94  
GLN CG  HG2  sing N N 95  
GLN CG  HG3  sing N N 96  
GLN CD  OE1  doub N N 97  
GLN CD  NE2  sing N N 98  
GLN NE2 HE21 sing N N 99  
GLN NE2 HE22 sing N N 100 
GLN OXT HXT  sing N N 101 
GLU N   CA   sing N N 102 
GLU N   H    sing N N 103 
GLU N   H2   sing N N 104 
GLU CA  C    sing N N 105 
GLU CA  CB   sing N N 106 
GLU CA  HA   sing N N 107 
GLU C   O    doub N N 108 
GLU C   OXT  sing N N 109 
GLU CB  CG   sing N N 110 
GLU CB  HB2  sing N N 111 
GLU CB  HB3  sing N N 112 
GLU CG  CD   sing N N 113 
GLU CG  HG2  sing N N 114 
GLU CG  HG3  sing N N 115 
GLU CD  OE1  doub N N 116 
GLU CD  OE2  sing N N 117 
GLU OE2 HE2  sing N N 118 
GLU OXT HXT  sing N N 119 
GLY N   CA   sing N N 120 
GLY N   H    sing N N 121 
GLY N   H2   sing N N 122 
GLY CA  C    sing N N 123 
GLY CA  HA2  sing N N 124 
GLY CA  HA3  sing N N 125 
GLY C   O    doub N N 126 
GLY C   OXT  sing N N 127 
GLY OXT HXT  sing N N 128 
HIS N   CA   sing N N 129 
HIS N   H    sing N N 130 
HIS N   H2   sing N N 131 
HIS CA  C    sing N N 132 
HIS CA  CB   sing N N 133 
HIS CA  HA   sing N N 134 
HIS C   O    doub N N 135 
HIS C   OXT  sing N N 136 
HIS CB  CG   sing N N 137 
HIS CB  HB2  sing N N 138 
HIS CB  HB3  sing N N 139 
HIS CG  ND1  sing Y N 140 
HIS CG  CD2  doub Y N 141 
HIS ND1 CE1  doub Y N 142 
HIS ND1 HD1  sing N N 143 
HIS CD2 NE2  sing Y N 144 
HIS CD2 HD2  sing N N 145 
HIS CE1 NE2  sing Y N 146 
HIS CE1 HE1  sing N N 147 
HIS NE2 HE2  sing N N 148 
HIS OXT HXT  sing N N 149 
HOH O   H1   sing N N 150 
HOH O   H2   sing N N 151 
ILE N   CA   sing N N 152 
ILE N   H    sing N N 153 
ILE N   H2   sing N N 154 
ILE CA  C    sing N N 155 
ILE CA  CB   sing N N 156 
ILE CA  HA   sing N N 157 
ILE C   O    doub N N 158 
ILE C   OXT  sing N N 159 
ILE CB  CG1  sing N N 160 
ILE CB  CG2  sing N N 161 
ILE CB  HB   sing N N 162 
ILE CG1 CD1  sing N N 163 
ILE CG1 HG12 sing N N 164 
ILE CG1 HG13 sing N N 165 
ILE CG2 HG21 sing N N 166 
ILE CG2 HG22 sing N N 167 
ILE CG2 HG23 sing N N 168 
ILE CD1 HD11 sing N N 169 
ILE CD1 HD12 sing N N 170 
ILE CD1 HD13 sing N N 171 
ILE OXT HXT  sing N N 172 
LEU N   CA   sing N N 173 
LEU N   H    sing N N 174 
LEU N   H2   sing N N 175 
LEU CA  C    sing N N 176 
LEU CA  CB   sing N N 177 
LEU CA  HA   sing N N 178 
LEU C   O    doub N N 179 
LEU C   OXT  sing N N 180 
LEU CB  CG   sing N N 181 
LEU CB  HB2  sing N N 182 
LEU CB  HB3  sing N N 183 
LEU CG  CD1  sing N N 184 
LEU CG  CD2  sing N N 185 
LEU CG  HG   sing N N 186 
LEU CD1 HD11 sing N N 187 
LEU CD1 HD12 sing N N 188 
LEU CD1 HD13 sing N N 189 
LEU CD2 HD21 sing N N 190 
LEU CD2 HD22 sing N N 191 
LEU CD2 HD23 sing N N 192 
LEU OXT HXT  sing N N 193 
LYS N   CA   sing N N 194 
LYS N   H    sing N N 195 
LYS N   H2   sing N N 196 
LYS CA  C    sing N N 197 
LYS CA  CB   sing N N 198 
LYS CA  HA   sing N N 199 
LYS C   O    doub N N 200 
LYS C   OXT  sing N N 201 
LYS CB  CG   sing N N 202 
LYS CB  HB2  sing N N 203 
LYS CB  HB3  sing N N 204 
LYS CG  CD   sing N N 205 
LYS CG  HG2  sing N N 206 
LYS CG  HG3  sing N N 207 
LYS CD  CE   sing N N 208 
LYS CD  HD2  sing N N 209 
LYS CD  HD3  sing N N 210 
LYS CE  NZ   sing N N 211 
LYS CE  HE2  sing N N 212 
LYS CE  HE3  sing N N 213 
LYS NZ  HZ1  sing N N 214 
LYS NZ  HZ2  sing N N 215 
LYS NZ  HZ3  sing N N 216 
LYS OXT HXT  sing N N 217 
MET N   CA   sing N N 218 
MET N   H    sing N N 219 
MET N   H2   sing N N 220 
MET CA  C    sing N N 221 
MET CA  CB   sing N N 222 
MET CA  HA   sing N N 223 
MET C   O    doub N N 224 
MET C   OXT  sing N N 225 
MET CB  CG   sing N N 226 
MET CB  HB2  sing N N 227 
MET CB  HB3  sing N N 228 
MET CG  SD   sing N N 229 
MET CG  HG2  sing N N 230 
MET CG  HG3  sing N N 231 
MET SD  CE   sing N N 232 
MET CE  HE1  sing N N 233 
MET CE  HE2  sing N N 234 
MET CE  HE3  sing N N 235 
MET OXT HXT  sing N N 236 
PHE N   CA   sing N N 237 
PHE N   H    sing N N 238 
PHE N   H2   sing N N 239 
PHE CA  C    sing N N 240 
PHE CA  CB   sing N N 241 
PHE CA  HA   sing N N 242 
PHE C   O    doub N N 243 
PHE C   OXT  sing N N 244 
PHE CB  CG   sing N N 245 
PHE CB  HB2  sing N N 246 
PHE CB  HB3  sing N N 247 
PHE CG  CD1  doub Y N 248 
PHE CG  CD2  sing Y N 249 
PHE CD1 CE1  sing Y N 250 
PHE CD1 HD1  sing N N 251 
PHE CD2 CE2  doub Y N 252 
PHE CD2 HD2  sing N N 253 
PHE CE1 CZ   doub Y N 254 
PHE CE1 HE1  sing N N 255 
PHE CE2 CZ   sing Y N 256 
PHE CE2 HE2  sing N N 257 
PHE CZ  HZ   sing N N 258 
PHE OXT HXT  sing N N 259 
PRO N   CA   sing N N 260 
PRO N   CD   sing N N 261 
PRO N   H    sing N N 262 
PRO CA  C    sing N N 263 
PRO CA  CB   sing N N 264 
PRO CA  HA   sing N N 265 
PRO C   O    doub N N 266 
PRO C   OXT  sing N N 267 
PRO CB  CG   sing N N 268 
PRO CB  HB2  sing N N 269 
PRO CB  HB3  sing N N 270 
PRO CG  CD   sing N N 271 
PRO CG  HG2  sing N N 272 
PRO CG  HG3  sing N N 273 
PRO CD  HD2  sing N N 274 
PRO CD  HD3  sing N N 275 
PRO OXT HXT  sing N N 276 
SER N   CA   sing N N 277 
SER N   H    sing N N 278 
SER N   H2   sing N N 279 
SER CA  C    sing N N 280 
SER CA  CB   sing N N 281 
SER CA  HA   sing N N 282 
SER C   O    doub N N 283 
SER C   OXT  sing N N 284 
SER CB  OG   sing N N 285 
SER CB  HB2  sing N N 286 
SER CB  HB3  sing N N 287 
SER OG  HG   sing N N 288 
SER OXT HXT  sing N N 289 
THR N   CA   sing N N 290 
THR N   H    sing N N 291 
THR N   H2   sing N N 292 
THR CA  C    sing N N 293 
THR CA  CB   sing N N 294 
THR CA  HA   sing N N 295 
THR C   O    doub N N 296 
THR C   OXT  sing N N 297 
THR CB  OG1  sing N N 298 
THR CB  CG2  sing N N 299 
THR CB  HB   sing N N 300 
THR OG1 HG1  sing N N 301 
THR CG2 HG21 sing N N 302 
THR CG2 HG22 sing N N 303 
THR CG2 HG23 sing N N 304 
THR OXT HXT  sing N N 305 
TYR N   CA   sing N N 306 
TYR N   H    sing N N 307 
TYR N   H2   sing N N 308 
TYR CA  C    sing N N 309 
TYR CA  CB   sing N N 310 
TYR CA  HA   sing N N 311 
TYR C   O    doub N N 312 
TYR C   OXT  sing N N 313 
TYR CB  CG   sing N N 314 
TYR CB  HB2  sing N N 315 
TYR CB  HB3  sing N N 316 
TYR CG  CD1  doub Y N 317 
TYR CG  CD2  sing Y N 318 
TYR CD1 CE1  sing Y N 319 
TYR CD1 HD1  sing N N 320 
TYR CD2 CE2  doub Y N 321 
TYR CD2 HD2  sing N N 322 
TYR CE1 CZ   doub Y N 323 
TYR CE1 HE1  sing N N 324 
TYR CE2 CZ   sing Y N 325 
TYR CE2 HE2  sing N N 326 
TYR CZ  OH   sing N N 327 
TYR OH  HH   sing N N 328 
TYR OXT HXT  sing N N 329 
VAL N   CA   sing N N 330 
VAL N   H    sing N N 331 
VAL N   H2   sing N N 332 
VAL CA  C    sing N N 333 
VAL CA  CB   sing N N 334 
VAL CA  HA   sing N N 335 
VAL C   O    doub N N 336 
VAL C   OXT  sing N N 337 
VAL CB  CG1  sing N N 338 
VAL CB  CG2  sing N N 339 
VAL CB  HB   sing N N 340 
VAL CG1 HG11 sing N N 341 
VAL CG1 HG12 sing N N 342 
VAL CG1 HG13 sing N N 343 
VAL CG2 HG21 sing N N 344 
VAL CG2 HG22 sing N N 345 
VAL CG2 HG23 sing N N 346 
VAL OXT HXT  sing N N 347 
# 
_pdbx_entity_nonpoly.entity_id   2 
_pdbx_entity_nonpoly.name        water 
_pdbx_entity_nonpoly.comp_id     HOH 
# 
_pdbx_initial_refinement_model.id               1 
_pdbx_initial_refinement_model.entity_id_list   ? 
_pdbx_initial_refinement_model.type             'experimental model' 
_pdbx_initial_refinement_model.source_name      PDB 
_pdbx_initial_refinement_model.accession_code   1URN 
_pdbx_initial_refinement_model.details          'PDB ENTRY 1URN' 
# 
